data_7JPN
#
_entry.id   7JPN
#
_cell.length_a   1.00
_cell.length_b   1.00
_cell.length_c   1.00
_cell.angle_alpha   90.00
_cell.angle_beta   90.00
_cell.angle_gamma   90.00
#
_symmetry.space_group_name_H-M   'P 1'
#
loop_
_entity.id
_entity.type
_entity.pdbx_description
1 polymer 'Actin-related protein 3'
2 polymer 'Actin-related protein 2'
3 polymer 'Actin-related protein 2/3 complex subunit 1B'
4 polymer 'Actin-related protein 2/3 complex subunit 2'
5 polymer 'Actin-related protein 2/3 complex subunit 3'
6 polymer 'Actin-related protein 2/3 complex subunit 4'
7 polymer 'Actin-related protein 2/3 complex subunit 5'
8 polymer Arpin
9 non-polymer 'MAGNESIUM ION'
10 non-polymer "ADENOSINE-5'-TRIPHOSPHATE"
#
loop_
_entity_poly.entity_id
_entity_poly.type
_entity_poly.pdbx_seq_one_letter_code
_entity_poly.pdbx_strand_id
1 'polypeptide(L)'
;GRLPACVVDCGTGYTKLGYAGNTEPQFIIPSCIAIKESAKVGDQAQRRVMKGVDDLDFFIGDEAIEKPTYATKWPIRHGI
VEDWDLMERFMEQVIFKYLRAEPEDHYFLLTEPPLNTPENREYTAEIMFESFNVPGLYIAVQAVLALAASWTSRQVGERT
LTGTVIDSGDGVTHVIPVAEGYVIGSCIKHIPIAGRDITYFIQQLLRDREVGIPPEQSLETAKAVKERYSYVCPDLVKEF
NKYDTDGSKWIKQYTGINAISKKEFSIDVGYERFLGPEIFFHPEFANPDFTQPISEVVDEVIQNCPIDVRRPLYKNIVLS
GGSTMFRDFGRRLQRDLKRTVDARLKLSEELSGGRLKPKPIDVQVITHHMQRYAVWFGGSMLASTPEFYQVCHTKKDYEE
IGPSICRHNPVFG
;
A
2 'polypeptide(L)'
;QGRKVVVCDNGTGFVKCGYAGSNFPEHIFPALVGRPIIRSTTKVGNIEIKDLMVGDEASELRSMLEVNYPMENGIVRNWD
DMKHLWDYTFGPEKLNIDTRNCKILLTEPPMNPTKNREKIVEVMFETYQFSGVYVAIQAVLTLYAQGLLTGVVVDSGDGV
THICPVYEGFSLPHLTRRLDIAGRDITRYLIKLLLLRGYAFNHSADFETVRMIKEKLCYVGYNIEQEQKLALETTVLVES
YTLPDGRIIKVGGERFEAPEALFQPHLINVEGVGVAELLFNTIQAADIDTRSEFYKHIVLSGGSTMYPGLPSRLERELKQ
LYLERVLKGDVEKLSKFKIRIEDPPRRKHMVFLGGAVLADIMKDKDNFWMTRQEYQE
;
B
3 'polypeptide(L)'
;MAYHSFLVEPISCHAWNKDRTQIAICPNNHEVHIYEKSGNKWVQVHELKEHNGQVTGIDWAPDSNRIVTCGTDRNAYVWT
LKGRTWKPTLVILRINRAARCVRWAPNEKKFAVGSGSRVISICYFEQENDWWVCKHIKKPIRSTVLSLDWHPNSVLLAAG
SCDFKCRIFSAYIKEVEERPAPTPWGSKMPFGELMFESSSSCGWVHGVCFSANGSRVAWVSHDSTVCLADADKKMAVATL
ASETLPLLAVTFITESSLVAAGHDCFPVLFTYDSAAGKLSFGGRLDVPKQSSQRGLTARERFQNLDKKASSEGSAAAGAG
LDSLHKNSVSQISVLSGGKAKCSQFCTTGMDGGMSIWDVRSLESALKDLKIV
;
C
4 'polypeptide(L)'
;MILLEVNNRIIEETLALKFENAAAGNKPEAVEVTFADFDGVLYHISNPNGDKTKVMVSISLKFYKELQAHGADELLKRVY
GSYLVNPESGYNVSLLYDLENLPASKDSIVHQAGMLKRNCFASVFEKYFQFQEEGKEGENRAVIHYRDDETMYVESKKDR
VTVVFSTVFKDDDDVVIGKVFMQEFKEGRRASHTAPQVLFSHREPPLELKDTDAAVGDNIGYITFVLFPRHTNASARDNT
INLIHTFRDYLHYHIKCSKAYIHTRMRAKTSDFLKVLNRARPDAEKKEMKTITGKTFSSR
;
D
5 'polypeptide(L)'
;MPAYHSSLMDPDTKLIGNMALLPIRSQFKGPAPRETKDTDIVDEAIYYFKANVFFKNYEIKNEADRTLIYITLYISECLK
KLQKCNSKSQGEKEMYTLGITNFPIPGEPGFPLNAIYAKPANKQEDEVMRAYLQQLRQETGLRLCEKVFDPQNDKPSKWW
TCFVKRQFMNKSLSGPGQ
;
E
6 'polypeptide(L)'
;MTATLRPYLSAVRATLQAALCLENFSSQVVERHNKPEVEVRSSKELLLQPVTISRNEKEKVLIEGSINSVRVSIAVKQAD
EIEKILCHKFMRFMMMRAENFFILRRKPVEGYDISFLITNFHTEQMYKHKLVDFVIHFMEEIDKEISEMKLSVNARARIV
AEEFLKNF
;
F
7 'polypeptide(L)'
;ARFRKVDVDEYDENKFVDEEDGGDGQAGPDEGEVDSCLRQGNMTAALQAALKNPPINTKSQAVKDRAGSIVLKVLISFKA
NDIEKAVQSLDKNGVDLLMKYIYKGFESPSDNSSAVLLQWHEKALAAGGVGSIVRVLTARKTV
;
G
8 'polypeptide(L)' ASWTDNIMAQKCSKGAAAEIREQGDGAEDEEWDD H
#
# COMPACT_ATOMS: atom_id res chain seq x y z
N GLY A 1 -19.77 -10.20 -25.73
CA GLY A 1 -20.75 -9.90 -26.77
C GLY A 1 -20.28 -10.28 -28.16
N ARG A 2 -20.61 -9.42 -29.14
CA ARG A 2 -20.24 -9.65 -30.53
C ARG A 2 -18.98 -8.90 -30.93
N LEU A 3 -18.84 -7.65 -30.52
CA LEU A 3 -17.66 -6.87 -30.88
C LEU A 3 -16.44 -7.41 -30.13
N PRO A 4 -15.30 -7.58 -30.81
CA PRO A 4 -14.11 -8.09 -30.13
C PRO A 4 -13.57 -7.11 -29.09
N ALA A 5 -12.91 -7.67 -28.08
CA ALA A 5 -12.32 -6.86 -27.03
C ALA A 5 -11.08 -6.12 -27.53
N CYS A 6 -10.69 -5.09 -26.80
CA CYS A 6 -9.50 -4.30 -27.10
C CYS A 6 -8.38 -4.69 -26.16
N VAL A 7 -7.24 -5.06 -26.73
CA VAL A 7 -6.07 -5.50 -25.98
C VAL A 7 -4.97 -4.46 -26.16
N VAL A 8 -4.59 -3.82 -25.06
CA VAL A 8 -3.55 -2.80 -25.06
C VAL A 8 -2.51 -3.16 -24.04
N ASP A 9 -1.29 -3.44 -24.49
CA ASP A 9 -0.15 -3.71 -23.62
C ASP A 9 0.70 -2.44 -23.61
N CYS A 10 0.66 -1.70 -22.51
CA CYS A 10 1.34 -0.42 -22.41
C CYS A 10 2.70 -0.65 -21.77
N GLY A 11 3.66 -1.07 -22.60
CA GLY A 11 5.02 -1.25 -22.13
C GLY A 11 5.78 0.05 -22.08
N THR A 12 7.00 -0.03 -21.54
CA THR A 12 7.82 1.17 -21.37
C THR A 12 8.31 1.71 -22.70
N GLY A 13 8.68 0.84 -23.63
CA GLY A 13 9.18 1.27 -24.90
C GLY A 13 8.11 1.33 -25.98
N TYR A 14 7.40 0.22 -26.18
CA TYR A 14 6.44 0.08 -27.26
C TYR A 14 5.08 -0.33 -26.69
N THR A 15 4.05 0.45 -26.99
CA THR A 15 2.69 0.09 -26.65
C THR A 15 2.09 -0.72 -27.80
N LYS A 16 1.55 -1.87 -27.45
CA LYS A 16 1.07 -2.87 -28.40
C LYS A 16 -0.44 -2.90 -28.32
N LEU A 17 -1.12 -2.29 -29.29
CA LEU A 17 -2.56 -2.12 -29.20
C LEU A 17 -3.24 -2.80 -30.37
N GLY A 18 -4.37 -3.44 -30.08
CA GLY A 18 -5.11 -4.12 -31.12
C GLY A 18 -6.40 -4.70 -30.59
N TYR A 19 -6.97 -5.62 -31.36
CA TYR A 19 -8.24 -6.24 -31.04
C TYR A 19 -8.05 -7.74 -30.80
N ALA A 20 -8.90 -8.29 -29.93
CA ALA A 20 -8.85 -9.71 -29.62
C ALA A 20 -9.25 -10.53 -30.84
N GLY A 21 -8.83 -11.79 -30.84
CA GLY A 21 -9.07 -12.67 -31.95
C GLY A 21 -8.08 -12.57 -33.09
N ASN A 22 -7.05 -11.75 -32.93
CA ASN A 22 -6.05 -11.54 -33.97
C ASN A 22 -4.70 -12.06 -33.50
N THR A 23 -3.92 -12.60 -34.43
CA THR A 23 -2.64 -13.19 -34.09
C THR A 23 -1.63 -12.13 -33.67
N GLU A 24 -1.50 -11.08 -34.46
CA GLU A 24 -0.52 -10.03 -34.21
C GLU A 24 -1.21 -8.69 -34.00
N PRO A 25 -0.65 -7.82 -33.15
CA PRO A 25 -1.28 -6.53 -32.90
C PRO A 25 -1.33 -5.67 -34.15
N GLN A 26 -2.42 -4.91 -34.27
CA GLN A 26 -2.56 -4.03 -35.42
C GLN A 26 -1.69 -2.78 -35.31
N PHE A 27 -1.36 -2.34 -34.09
CA PHE A 27 -0.41 -1.26 -33.94
C PHE A 27 0.64 -1.59 -32.90
N ILE A 28 1.90 -1.31 -33.25
CA ILE A 28 3.01 -1.35 -32.31
C ILE A 28 3.60 0.05 -32.33
N ILE A 29 3.11 0.91 -31.44
CA ILE A 29 3.51 2.32 -31.47
C ILE A 29 4.53 2.55 -30.37
N PRO A 30 5.37 3.57 -30.46
CA PRO A 30 6.19 3.94 -29.29
C PRO A 30 5.31 4.44 -28.16
N SER A 31 5.72 4.13 -26.93
CA SER A 31 4.97 4.56 -25.76
C SER A 31 5.35 5.98 -25.38
N CYS A 32 5.25 6.91 -26.33
CA CYS A 32 5.64 8.29 -26.13
C CYS A 32 4.47 9.21 -26.40
N ILE A 33 4.45 10.34 -25.69
CA ILE A 33 3.40 11.34 -25.83
C ILE A 33 4.07 12.69 -26.03
N ALA A 34 3.74 13.37 -27.12
CA ALA A 34 4.28 14.69 -27.42
C ALA A 34 3.21 15.71 -27.09
N ILE A 35 3.56 16.64 -26.20
CA ILE A 35 2.64 17.67 -25.71
C ILE A 35 3.32 19.03 -25.80
N LYS A 36 2.51 20.07 -25.85
CA LYS A 36 3.02 21.43 -25.83
C LYS A 36 3.75 21.73 -24.52
N LYS A 51 -5.35 24.74 -20.20
CA LYS A 51 -6.35 25.75 -20.48
C LYS A 51 -7.04 25.49 -21.82
N GLY A 52 -8.33 25.78 -21.87
CA GLY A 52 -9.09 25.52 -23.09
C GLY A 52 -9.08 24.05 -23.43
N VAL A 53 -8.80 23.76 -24.69
CA VAL A 53 -8.75 22.39 -25.18
C VAL A 53 -7.30 21.96 -25.45
N ASP A 54 -6.34 22.69 -24.88
CA ASP A 54 -4.92 22.46 -25.14
C ASP A 54 -4.45 21.08 -24.70
N ASP A 55 -5.20 20.40 -23.83
CA ASP A 55 -4.82 19.04 -23.44
C ASP A 55 -5.08 18.02 -24.53
N LEU A 56 -5.92 18.35 -25.51
CA LEU A 56 -6.12 17.47 -26.66
C LEU A 56 -5.12 17.73 -27.78
N ASP A 57 -4.32 18.79 -27.68
CA ASP A 57 -3.30 19.09 -28.69
C ASP A 57 -2.03 18.32 -28.34
N PHE A 58 -2.09 17.02 -28.59
CA PHE A 58 -0.98 16.13 -28.31
C PHE A 58 -1.00 14.98 -29.28
N PHE A 59 0.14 14.29 -29.37
CA PHE A 59 0.30 13.17 -30.29
C PHE A 59 0.92 11.99 -29.56
N ILE A 60 0.68 10.79 -30.08
CA ILE A 60 1.23 9.57 -29.52
C ILE A 60 1.79 8.72 -30.64
N GLY A 61 2.66 7.78 -30.27
CA GLY A 61 3.21 6.86 -31.24
C GLY A 61 4.30 7.48 -32.09
N ASP A 62 4.44 6.96 -33.31
CA ASP A 62 5.48 7.42 -34.21
C ASP A 62 5.32 8.89 -34.58
N GLU A 63 4.14 9.46 -34.38
CA GLU A 63 3.90 10.87 -34.61
C GLU A 63 4.33 11.73 -33.43
N ALA A 64 5.14 11.18 -32.53
CA ALA A 64 5.59 11.91 -31.36
C ALA A 64 7.08 11.71 -31.07
N ILE A 65 7.80 10.93 -31.87
CA ILE A 65 9.22 10.74 -31.64
C ILE A 65 9.98 12.05 -31.84
N GLU A 66 9.68 12.76 -32.92
CA GLU A 66 10.40 13.99 -33.23
C GLU A 66 9.45 14.93 -33.97
N LYS A 67 9.00 15.97 -33.29
CA LYS A 67 8.21 17.03 -33.92
C LYS A 67 8.79 18.38 -33.54
N PRO A 68 8.62 19.39 -34.40
CA PRO A 68 9.28 20.68 -34.17
C PRO A 68 8.93 21.35 -32.84
N THR A 69 7.65 21.61 -32.61
CA THR A 69 7.22 22.47 -31.52
C THR A 69 6.70 21.72 -30.30
N TYR A 70 6.88 20.40 -30.25
CA TYR A 70 6.32 19.58 -29.19
C TYR A 70 7.43 18.96 -28.35
N ALA A 71 7.13 18.74 -27.08
CA ALA A 71 8.03 18.08 -26.15
C ALA A 71 7.57 16.65 -25.94
N THR A 72 8.50 15.71 -26.12
CA THR A 72 8.19 14.29 -25.99
C THR A 72 8.42 13.83 -24.56
N LYS A 73 7.52 13.02 -24.05
CA LYS A 73 7.57 12.50 -22.69
C LYS A 73 7.16 11.03 -22.71
N TRP A 74 7.83 10.24 -21.91
CA TRP A 74 7.53 8.81 -21.85
C TRP A 74 6.81 8.50 -20.55
N PRO A 75 5.49 8.28 -20.59
CA PRO A 75 4.75 8.11 -19.33
C PRO A 75 5.20 6.92 -18.51
N ILE A 76 5.64 5.85 -19.15
CA ILE A 76 5.95 4.60 -18.46
C ILE A 76 7.47 4.48 -18.34
N ARG A 77 7.97 4.39 -17.11
CA ARG A 77 9.38 4.15 -16.84
C ARG A 77 9.51 2.88 -16.02
N HIS A 78 10.24 1.90 -16.55
CA HIS A 78 10.40 0.59 -15.92
C HIS A 78 9.04 -0.05 -15.64
N GLY A 79 8.12 0.07 -16.58
CA GLY A 79 6.80 -0.53 -16.44
C GLY A 79 5.81 0.25 -15.63
N ILE A 80 6.24 0.80 -14.49
CA ILE A 80 5.34 1.55 -13.62
C ILE A 80 4.99 2.88 -14.28
N VAL A 81 3.70 3.19 -14.31
CA VAL A 81 3.25 4.47 -14.88
C VAL A 81 3.62 5.58 -13.91
N GLU A 82 4.31 6.60 -14.42
CA GLU A 82 4.76 7.71 -13.59
C GLU A 82 3.76 8.86 -13.60
N ASP A 83 3.47 9.40 -14.77
CA ASP A 83 2.52 10.51 -14.92
C ASP A 83 1.21 9.94 -15.42
N TRP A 84 0.20 9.90 -14.54
CA TRP A 84 -1.05 9.23 -14.87
C TRP A 84 -1.89 10.06 -15.83
N ASP A 85 -1.75 11.38 -15.81
CA ASP A 85 -2.49 12.22 -16.75
C ASP A 85 -2.06 11.93 -18.18
N LEU A 86 -0.74 11.85 -18.38
CA LEU A 86 -0.21 11.50 -19.68
C LEU A 86 -0.64 10.09 -20.09
N MET A 87 -0.71 9.17 -19.13
CA MET A 87 -1.20 7.83 -19.42
C MET A 87 -2.66 7.87 -19.88
N GLU A 88 -3.47 8.69 -19.23
CA GLU A 88 -4.88 8.82 -19.63
C GLU A 88 -5.00 9.36 -21.04
N ARG A 89 -4.24 10.41 -21.36
CA ARG A 89 -4.30 10.97 -22.72
C ARG A 89 -3.78 9.99 -23.76
N PHE A 90 -2.71 9.26 -23.41
CA PHE A 90 -2.16 8.25 -24.32
C PHE A 90 -3.19 7.18 -24.64
N MET A 91 -3.84 6.64 -23.60
CA MET A 91 -4.84 5.61 -23.83
C MET A 91 -6.08 6.20 -24.50
N GLU A 92 -6.31 7.49 -24.31
CA GLU A 92 -7.41 8.18 -24.99
C GLU A 92 -7.22 8.14 -26.50
N GLN A 93 -6.06 8.56 -26.98
CA GLN A 93 -5.84 8.44 -28.43
C GLN A 93 -5.56 7.00 -28.87
N VAL A 94 -5.21 6.11 -27.95
CA VAL A 94 -5.15 4.69 -28.30
C VAL A 94 -6.54 4.19 -28.67
N ILE A 95 -7.53 4.53 -27.85
CA ILE A 95 -8.89 4.06 -28.09
C ILE A 95 -9.51 4.77 -29.29
N PHE A 96 -9.38 6.10 -29.35
CA PHE A 96 -10.19 6.87 -30.29
C PHE A 96 -9.48 7.21 -31.60
N LYS A 97 -8.15 7.20 -31.64
CA LYS A 97 -7.45 7.53 -32.87
C LYS A 97 -6.88 6.30 -33.58
N TYR A 98 -6.37 5.33 -32.82
CA TYR A 98 -5.69 4.18 -33.39
C TYR A 98 -6.58 2.94 -33.43
N LEU A 99 -7.16 2.56 -32.29
CA LEU A 99 -8.07 1.42 -32.28
C LEU A 99 -9.42 1.78 -32.90
N ARG A 100 -9.82 3.05 -32.79
CA ARG A 100 -11.10 3.52 -33.32
C ARG A 100 -12.27 2.74 -32.75
N ALA A 101 -12.23 2.48 -31.45
CA ALA A 101 -13.24 1.69 -30.76
C ALA A 101 -14.09 2.58 -29.87
N GLU A 102 -15.40 2.35 -29.89
CA GLU A 102 -16.26 2.98 -28.91
C GLU A 102 -16.03 2.29 -27.58
N PRO A 103 -15.52 3.00 -26.56
CA PRO A 103 -15.16 2.31 -25.31
C PRO A 103 -16.34 1.72 -24.57
N GLU A 104 -17.56 2.18 -24.84
CA GLU A 104 -18.73 1.67 -24.14
C GLU A 104 -19.20 0.31 -24.67
N ASP A 105 -18.68 -0.15 -25.80
CA ASP A 105 -19.08 -1.42 -26.39
C ASP A 105 -18.00 -2.47 -26.38
N HIS A 106 -16.75 -2.11 -26.11
CA HIS A 106 -15.62 -3.03 -26.18
C HIS A 106 -15.06 -3.26 -24.79
N TYR A 107 -14.90 -4.53 -24.41
CA TYR A 107 -14.15 -4.86 -23.21
C TYR A 107 -12.67 -4.60 -23.46
N PHE A 108 -11.93 -4.36 -22.38
CA PHE A 108 -10.53 -4.01 -22.48
C PHE A 108 -9.68 -4.96 -21.64
N LEU A 109 -8.62 -5.50 -22.25
CA LEU A 109 -7.68 -6.38 -21.58
C LEU A 109 -6.36 -5.62 -21.48
N LEU A 110 -6.16 -4.93 -20.36
CA LEU A 110 -4.96 -4.17 -20.13
C LEU A 110 -3.93 -5.04 -19.44
N THR A 111 -2.66 -4.77 -19.73
CA THR A 111 -1.56 -5.49 -19.11
C THR A 111 -0.97 -4.64 -17.99
N GLU A 112 -0.44 -5.33 -16.98
CA GLU A 112 0.17 -4.68 -15.84
C GLU A 112 1.61 -5.13 -15.70
N PRO A 113 2.50 -4.23 -15.30
CA PRO A 113 3.89 -4.61 -15.10
C PRO A 113 4.01 -5.55 -13.91
N PRO A 114 5.04 -6.38 -13.88
CA PRO A 114 5.27 -7.24 -12.71
C PRO A 114 5.51 -6.38 -11.48
N LEU A 115 5.03 -6.87 -10.33
CA LEU A 115 5.09 -6.14 -9.07
C LEU A 115 4.41 -4.77 -9.21
N ASN A 116 3.18 -4.77 -9.68
CA ASN A 116 2.39 -3.55 -9.80
C ASN A 116 1.51 -3.40 -8.57
N THR A 117 1.52 -2.19 -8.00
CA THR A 117 0.77 -1.95 -6.78
C THR A 117 -0.73 -2.03 -7.06
N PRO A 118 -1.51 -2.58 -6.13
CA PRO A 118 -2.97 -2.56 -6.32
C PRO A 118 -3.54 -1.16 -6.42
N GLU A 119 -2.88 -0.17 -5.84
CA GLU A 119 -3.30 1.20 -6.02
C GLU A 119 -3.20 1.62 -7.48
N ASN A 120 -2.12 1.20 -8.16
CA ASN A 120 -1.99 1.46 -9.59
C ASN A 120 -3.09 0.75 -10.37
N ARG A 121 -3.45 -0.46 -9.96
CA ARG A 121 -4.60 -1.13 -10.55
C ARG A 121 -5.87 -0.30 -10.38
N GLU A 122 -6.05 0.29 -9.20
CA GLU A 122 -7.22 1.12 -8.96
C GLU A 122 -7.22 2.35 -9.83
N TYR A 123 -6.06 3.00 -10.00
CA TYR A 123 -6.00 4.17 -10.87
C TYR A 123 -6.29 3.80 -12.32
N THR A 124 -5.75 2.66 -12.78
CA THR A 124 -6.04 2.21 -14.14
C THR A 124 -7.52 1.92 -14.32
N ALA A 125 -8.14 1.26 -13.35
CA ALA A 125 -9.57 0.98 -13.42
C ALA A 125 -10.38 2.27 -13.42
N GLU A 126 -9.98 3.24 -12.61
CA GLU A 126 -10.70 4.51 -12.57
C GLU A 126 -10.58 5.25 -13.89
N ILE A 127 -9.39 5.24 -14.49
CA ILE A 127 -9.22 5.86 -15.80
C ILE A 127 -10.10 5.18 -16.84
N MET A 128 -10.13 3.85 -16.82
CA MET A 128 -10.92 3.12 -17.81
C MET A 128 -12.42 3.30 -17.62
N PHE A 129 -12.90 3.35 -16.38
CA PHE A 129 -14.33 3.35 -16.11
C PHE A 129 -14.92 4.75 -15.96
N GLU A 130 -14.35 5.58 -15.09
CA GLU A 130 -14.91 6.89 -14.84
C GLU A 130 -14.62 7.89 -15.95
N SER A 131 -13.77 7.53 -16.91
CA SER A 131 -13.45 8.41 -18.04
C SER A 131 -13.92 7.86 -19.38
N PHE A 132 -13.79 6.56 -19.62
CA PHE A 132 -14.18 5.96 -20.88
C PHE A 132 -15.44 5.10 -20.79
N ASN A 133 -15.90 4.79 -19.58
CA ASN A 133 -17.17 4.08 -19.38
C ASN A 133 -17.18 2.73 -20.09
N VAL A 134 -16.08 1.99 -19.95
CA VAL A 134 -15.97 0.69 -20.60
C VAL A 134 -16.90 -0.31 -19.91
N PRO A 135 -17.49 -1.26 -20.64
CA PRO A 135 -18.37 -2.23 -20.00
C PRO A 135 -17.62 -3.26 -19.18
N GLY A 136 -16.31 -3.39 -19.36
CA GLY A 136 -15.53 -4.35 -18.61
C GLY A 136 -14.06 -4.07 -18.75
N LEU A 137 -13.29 -4.62 -17.81
CA LEU A 137 -11.86 -4.41 -17.79
C LEU A 137 -11.20 -5.60 -17.09
N TYR A 138 -10.03 -5.99 -17.60
CA TYR A 138 -9.26 -7.09 -17.03
C TYR A 138 -7.79 -6.73 -17.11
N ILE A 139 -7.20 -6.40 -15.97
CA ILE A 139 -5.79 -6.04 -15.90
C ILE A 139 -5.01 -7.34 -15.70
N ALA A 140 -4.43 -7.85 -16.77
CA ALA A 140 -3.79 -9.15 -16.77
C ALA A 140 -2.31 -9.03 -16.45
N VAL A 141 -1.80 -9.99 -15.67
CA VAL A 141 -0.36 -10.07 -15.43
C VAL A 141 0.33 -10.52 -16.72
N GLN A 142 1.46 -9.87 -17.02
CA GLN A 142 2.12 -10.11 -18.29
C GLN A 142 2.73 -11.50 -18.37
N ALA A 143 3.21 -12.04 -17.24
CA ALA A 143 3.87 -13.34 -17.26
C ALA A 143 2.91 -14.46 -17.65
N VAL A 144 1.68 -14.41 -17.15
CA VAL A 144 0.71 -15.44 -17.50
C VAL A 144 0.35 -15.36 -18.98
N LEU A 145 0.26 -14.14 -19.52
CA LEU A 145 0.01 -13.99 -20.95
C LEU A 145 1.18 -14.54 -21.77
N ALA A 146 2.40 -14.33 -21.31
CA ALA A 146 3.56 -14.91 -22.00
C ALA A 146 3.51 -16.43 -21.97
N LEU A 147 3.13 -17.01 -20.82
CA LEU A 147 2.98 -18.46 -20.72
C LEU A 147 1.89 -18.95 -21.67
N ALA A 148 0.81 -18.20 -21.79
CA ALA A 148 -0.25 -18.56 -22.73
C ALA A 148 0.27 -18.55 -24.16
N ALA A 149 1.03 -17.52 -24.52
CA ALA A 149 1.60 -17.47 -25.85
C ALA A 149 2.56 -18.62 -26.10
N SER A 150 3.23 -19.10 -25.05
CA SER A 150 4.16 -20.21 -25.19
C SER A 150 3.47 -21.52 -25.57
N TRP A 151 2.15 -21.60 -25.43
CA TRP A 151 1.45 -22.84 -25.74
C TRP A 151 1.49 -23.16 -27.23
N THR A 152 1.78 -22.18 -28.08
CA THR A 152 1.79 -22.43 -29.53
C THR A 152 3.01 -23.23 -29.97
N SER A 153 4.03 -23.35 -29.14
CA SER A 153 5.22 -24.11 -29.49
C SER A 153 5.31 -25.46 -28.79
N ARG A 154 4.59 -25.66 -27.69
CA ARG A 154 4.61 -26.90 -26.94
C ARG A 154 3.40 -27.74 -27.38
N GLN A 155 3.63 -28.61 -28.36
CA GLN A 155 2.55 -29.40 -28.96
C GLN A 155 2.37 -30.74 -28.23
N VAL A 156 2.23 -30.67 -26.90
CA VAL A 156 1.96 -31.85 -26.07
C VAL A 156 0.96 -31.44 -25.00
N GLY A 157 0.62 -32.40 -24.13
CA GLY A 157 -0.29 -32.14 -23.04
C GLY A 157 0.39 -31.61 -21.79
N GLU A 158 1.51 -30.91 -21.98
CA GLU A 158 2.28 -30.34 -20.88
C GLU A 158 2.02 -28.83 -20.78
N ARG A 159 0.79 -28.43 -21.15
CA ARG A 159 0.40 -26.99 -21.19
C ARG A 159 -0.09 -26.49 -19.84
N THR A 160 0.81 -26.13 -18.93
CA THR A 160 0.50 -25.63 -17.60
C THR A 160 0.97 -24.19 -17.48
N LEU A 161 0.37 -23.46 -16.54
CA LEU A 161 0.74 -22.09 -16.25
C LEU A 161 1.89 -21.98 -15.26
N THR A 162 2.69 -23.03 -15.12
CA THR A 162 3.87 -23.03 -14.28
C THR A 162 5.09 -22.84 -15.16
N GLY A 163 5.80 -21.73 -14.96
CA GLY A 163 6.94 -21.44 -15.80
C GLY A 163 7.78 -20.32 -15.21
N THR A 164 8.83 -19.96 -15.95
CA THR A 164 9.73 -18.88 -15.57
C THR A 164 9.83 -17.94 -16.75
N VAL A 165 9.02 -16.88 -16.74
CA VAL A 165 8.96 -15.95 -17.86
C VAL A 165 10.15 -15.01 -17.79
N ILE A 166 10.92 -14.96 -18.87
CA ILE A 166 12.02 -14.02 -19.03
C ILE A 166 11.49 -12.91 -19.92
N ASP A 167 10.89 -11.90 -19.32
CA ASP A 167 10.25 -10.81 -20.05
C ASP A 167 11.26 -9.68 -20.21
N SER A 168 11.78 -9.53 -21.41
CA SER A 168 12.77 -8.49 -21.70
C SER A 168 12.25 -7.54 -22.76
N GLY A 169 12.29 -6.25 -22.46
CA GLY A 169 11.84 -5.24 -23.40
C GLY A 169 12.82 -4.09 -23.52
N ASP A 170 12.34 -2.88 -23.29
CA ASP A 170 13.18 -1.69 -23.31
C ASP A 170 13.45 -1.13 -21.93
N GLY A 171 12.89 -1.74 -20.88
CA GLY A 171 13.10 -1.27 -19.52
C GLY A 171 14.09 -2.12 -18.77
N VAL A 172 13.60 -3.06 -17.97
CA VAL A 172 14.43 -4.02 -17.27
C VAL A 172 13.92 -5.42 -17.57
N THR A 173 14.87 -6.34 -17.72
CA THR A 173 14.53 -7.73 -18.04
C THR A 173 14.12 -8.45 -16.76
N HIS A 174 12.85 -8.81 -16.67
CA HIS A 174 12.32 -9.47 -15.48
C HIS A 174 12.39 -10.98 -15.63
N VAL A 175 12.86 -11.65 -14.58
CA VAL A 175 12.70 -13.09 -14.43
C VAL A 175 11.58 -13.29 -13.43
N ILE A 176 10.49 -13.90 -13.89
CA ILE A 176 9.24 -13.99 -13.15
C ILE A 176 8.82 -15.45 -13.01
N PRO A 177 8.87 -16.02 -11.82
CA PRO A 177 8.38 -17.40 -11.67
C PRO A 177 6.88 -17.45 -11.41
N VAL A 178 6.13 -18.08 -12.29
CA VAL A 178 4.69 -18.26 -12.15
C VAL A 178 4.43 -19.71 -11.75
N ALA A 179 3.69 -19.91 -10.66
CA ALA A 179 3.37 -21.23 -10.15
C ALA A 179 1.86 -21.38 -10.09
N GLU A 180 1.33 -22.39 -10.78
CA GLU A 180 -0.11 -22.68 -10.80
C GLU A 180 -0.92 -21.48 -11.27
N GLY A 181 -0.33 -20.64 -12.11
CA GLY A 181 -1.01 -19.48 -12.65
C GLY A 181 -0.81 -18.21 -11.86
N TYR A 182 -0.31 -18.29 -10.63
CA TYR A 182 -0.11 -17.12 -9.79
C TYR A 182 1.38 -16.77 -9.76
N VAL A 183 1.68 -15.49 -9.98
CA VAL A 183 3.06 -15.04 -10.03
C VAL A 183 3.65 -15.03 -8.63
N ILE A 184 4.81 -15.66 -8.46
CA ILE A 184 5.51 -15.64 -7.19
C ILE A 184 6.29 -14.32 -7.11
N GLY A 185 5.66 -13.31 -6.52
CA GLY A 185 6.23 -11.97 -6.51
C GLY A 185 7.46 -11.83 -5.65
N SER A 186 7.71 -12.78 -4.74
CA SER A 186 8.86 -12.69 -3.87
C SER A 186 10.15 -13.17 -4.53
N CYS A 187 10.07 -13.76 -5.72
CA CYS A 187 11.25 -14.24 -6.42
C CYS A 187 11.48 -13.55 -7.75
N ILE A 188 10.68 -12.55 -8.11
CA ILE A 188 10.91 -11.80 -9.34
C ILE A 188 12.21 -11.02 -9.22
N LYS A 189 13.06 -11.13 -10.24
CA LYS A 189 14.33 -10.41 -10.20
C LYS A 189 14.56 -9.68 -11.51
N HIS A 190 15.00 -8.43 -11.42
CA HIS A 190 15.18 -7.57 -12.58
C HIS A 190 16.66 -7.42 -12.90
N ILE A 191 17.03 -7.73 -14.13
CA ILE A 191 18.34 -7.41 -14.68
C ILE A 191 18.22 -6.09 -15.44
N PRO A 192 18.95 -5.05 -15.06
CA PRO A 192 18.87 -3.76 -15.76
C PRO A 192 19.57 -3.76 -17.12
N ILE A 193 19.33 -4.81 -17.89
CA ILE A 193 19.78 -4.91 -19.27
C ILE A 193 18.56 -5.23 -20.12
N ALA A 194 18.28 -4.37 -21.10
CA ALA A 194 17.11 -4.53 -21.94
C ALA A 194 17.45 -3.99 -23.33
N GLY A 195 16.42 -3.70 -24.12
CA GLY A 195 16.66 -3.22 -25.46
C GLY A 195 17.40 -1.90 -25.51
N ARG A 196 17.08 -0.99 -24.58
CA ARG A 196 17.72 0.31 -24.57
C ARG A 196 19.20 0.20 -24.24
N ASP A 197 19.56 -0.65 -23.28
CA ASP A 197 20.97 -0.84 -22.95
C ASP A 197 21.73 -1.43 -24.12
N ILE A 198 21.15 -2.40 -24.81
CA ILE A 198 21.79 -2.99 -25.98
C ILE A 198 21.96 -1.94 -27.07
N THR A 199 20.95 -1.10 -27.27
CA THR A 199 21.06 -0.04 -28.27
C THR A 199 22.16 0.94 -27.91
N TYR A 200 22.27 1.30 -26.62
CA TYR A 200 23.35 2.19 -26.21
C TYR A 200 24.72 1.56 -26.44
N PHE A 201 24.86 0.27 -26.10
CA PHE A 201 26.14 -0.39 -26.30
C PHE A 201 26.51 -0.44 -27.78
N ILE A 202 25.54 -0.78 -28.64
CA ILE A 202 25.82 -0.84 -30.06
C ILE A 202 26.13 0.53 -30.61
N GLN A 203 25.47 1.57 -30.09
CA GLN A 203 25.77 2.93 -30.51
C GLN A 203 27.20 3.31 -30.15
N GLN A 204 27.63 2.98 -28.93
CA GLN A 204 29.01 3.26 -28.53
C GLN A 204 30.00 2.50 -29.39
N LEU A 205 29.70 1.24 -29.70
CA LEU A 205 30.58 0.45 -30.55
C LEU A 205 30.68 1.05 -31.95
N LEU A 206 29.54 1.50 -32.49
CA LEU A 206 29.53 2.09 -33.82
C LEU A 206 30.32 3.39 -33.86
N ARG A 207 30.17 4.22 -32.83
CA ARG A 207 30.89 5.50 -32.81
C ARG A 207 32.40 5.28 -32.75
N ASP A 208 32.85 4.33 -31.93
CA ASP A 208 34.27 4.10 -31.75
C ASP A 208 34.91 3.40 -32.95
N ARG A 209 34.12 2.88 -33.88
CA ARG A 209 34.65 2.11 -35.00
C ARG A 209 34.46 2.80 -36.34
N GLU A 210 33.26 3.29 -36.63
CA GLU A 210 32.93 3.83 -37.93
C GLU A 210 32.57 5.31 -37.85
N VAL A 211 32.84 6.02 -38.94
CA VAL A 211 32.44 7.41 -39.08
C VAL A 211 31.35 7.48 -40.14
N GLY A 212 30.79 8.67 -40.35
CA GLY A 212 29.68 8.82 -41.27
C GLY A 212 28.31 8.66 -40.65
N ILE A 213 28.23 8.29 -39.38
CA ILE A 213 26.96 8.21 -38.66
C ILE A 213 26.58 9.63 -38.26
N PRO A 214 25.43 10.14 -38.69
CA PRO A 214 24.94 11.42 -38.16
C PRO A 214 24.71 11.32 -36.66
N PRO A 215 25.08 12.35 -35.89
CA PRO A 215 24.87 12.28 -34.44
C PRO A 215 23.42 12.14 -34.06
N GLU A 216 22.51 12.75 -34.82
CA GLU A 216 21.08 12.69 -34.51
C GLU A 216 20.43 11.39 -34.94
N GLN A 217 21.11 10.57 -35.73
CA GLN A 217 20.58 9.29 -36.18
C GLN A 217 21.27 8.10 -35.55
N SER A 218 22.31 8.32 -34.74
CA SER A 218 23.09 7.20 -34.20
C SER A 218 22.24 6.29 -33.33
N LEU A 219 21.25 6.84 -32.63
CA LEU A 219 20.37 6.00 -31.83
C LEU A 219 19.49 5.11 -32.71
N GLU A 220 19.13 5.58 -33.90
CA GLU A 220 18.28 4.80 -34.79
C GLU A 220 19.09 3.87 -35.68
N THR A 221 20.15 4.38 -36.31
CA THR A 221 20.95 3.53 -37.19
C THR A 221 21.60 2.39 -36.43
N ALA A 222 21.84 2.56 -35.13
CA ALA A 222 22.27 1.43 -34.32
C ALA A 222 21.13 0.47 -34.06
N LYS A 223 19.94 1.01 -33.71
CA LYS A 223 18.81 0.16 -33.36
C LYS A 223 18.44 -0.76 -34.52
N ALA A 224 18.35 -0.20 -35.73
CA ALA A 224 18.05 -1.03 -36.90
C ALA A 224 19.08 -2.14 -37.05
N VAL A 225 20.35 -1.83 -36.78
CA VAL A 225 21.38 -2.86 -36.79
C VAL A 225 21.02 -3.96 -35.80
N LYS A 226 20.72 -3.55 -34.56
CA LYS A 226 20.31 -4.49 -33.53
C LYS A 226 19.02 -5.18 -33.90
N GLU A 227 18.24 -4.60 -34.83
CA GLU A 227 17.04 -5.24 -35.31
C GLU A 227 17.33 -6.37 -36.29
N ARG A 228 18.35 -6.23 -37.13
CA ARG A 228 18.46 -7.07 -38.31
C ARG A 228 19.70 -7.95 -38.36
N TYR A 229 20.81 -7.55 -37.73
CA TYR A 229 22.06 -8.27 -37.88
C TYR A 229 22.56 -8.92 -36.60
N SER A 230 21.85 -8.76 -35.49
CA SER A 230 22.36 -9.26 -34.22
C SER A 230 22.01 -10.73 -34.01
N TYR A 231 22.78 -11.37 -33.14
CA TYR A 231 22.61 -12.77 -32.75
C TYR A 231 23.55 -13.04 -31.59
N VAL A 232 23.14 -13.95 -30.71
CA VAL A 232 23.99 -14.30 -29.57
C VAL A 232 25.10 -15.23 -30.05
N CYS A 233 26.22 -15.17 -29.36
CA CYS A 233 27.38 -15.93 -29.81
C CYS A 233 27.64 -17.10 -28.88
N PRO A 234 27.93 -18.29 -29.43
CA PRO A 234 28.33 -19.41 -28.57
C PRO A 234 29.60 -19.15 -27.79
N ASP A 235 30.53 -18.40 -28.37
CA ASP A 235 31.83 -18.17 -27.75
C ASP A 235 32.42 -16.92 -28.36
N LEU A 236 32.83 -15.97 -27.51
CA LEU A 236 33.22 -14.65 -27.98
C LEU A 236 34.48 -14.70 -28.85
N VAL A 237 35.53 -15.36 -28.36
CA VAL A 237 36.79 -15.35 -29.10
C VAL A 237 36.64 -16.11 -30.41
N LYS A 238 35.83 -17.17 -30.44
CA LYS A 238 35.60 -17.89 -31.69
C LYS A 238 34.91 -17.01 -32.70
N GLU A 239 33.92 -16.22 -32.26
CA GLU A 239 33.25 -15.31 -33.18
C GLU A 239 34.20 -14.22 -33.68
N PHE A 240 35.05 -13.71 -32.79
CA PHE A 240 36.02 -12.71 -33.22
C PHE A 240 36.98 -13.28 -34.25
N ASN A 241 37.44 -14.51 -34.04
CA ASN A 241 38.32 -15.16 -35.01
C ASN A 241 37.60 -15.40 -36.33
N LYS A 242 36.32 -15.78 -36.26
CA LYS A 242 35.54 -15.97 -37.48
C LYS A 242 35.41 -14.66 -38.26
N TYR A 243 35.16 -13.56 -37.56
CA TYR A 243 35.09 -12.27 -38.22
C TYR A 243 36.42 -11.84 -38.80
N ASP A 244 37.51 -12.17 -38.11
CA ASP A 244 38.84 -11.80 -38.61
C ASP A 244 39.23 -12.60 -39.84
N THR A 245 39.04 -13.91 -39.79
CA THR A 245 39.47 -14.77 -40.90
C THR A 245 38.43 -14.81 -42.01
N ASP A 246 37.23 -15.29 -41.70
CA ASP A 246 36.14 -15.38 -42.69
C ASP A 246 35.36 -14.06 -42.72
N GLY A 247 36.09 -12.99 -42.97
CA GLY A 247 35.53 -11.65 -42.90
C GLY A 247 34.81 -11.20 -44.15
N SER A 248 34.06 -12.11 -44.77
CA SER A 248 33.28 -11.75 -45.95
C SER A 248 31.83 -12.15 -45.76
N LYS A 249 31.59 -13.25 -45.05
CA LYS A 249 30.24 -13.74 -44.80
C LYS A 249 29.67 -13.27 -43.47
N TRP A 250 30.43 -12.50 -42.69
CA TRP A 250 29.98 -12.04 -41.39
C TRP A 250 29.79 -10.54 -41.30
N ILE A 251 30.69 -9.75 -41.85
CA ILE A 251 30.51 -8.30 -41.85
C ILE A 251 29.43 -7.94 -42.86
N LYS A 252 28.42 -7.22 -42.40
CA LYS A 252 27.31 -6.81 -43.24
C LYS A 252 27.43 -5.33 -43.60
N GLN A 253 26.66 -4.92 -44.60
CA GLN A 253 26.63 -3.53 -45.03
C GLN A 253 25.26 -2.95 -44.73
N TYR A 254 25.22 -1.84 -44.00
CA TYR A 254 23.99 -1.15 -43.68
C TYR A 254 23.93 0.17 -44.42
N THR A 255 22.85 0.39 -45.16
CA THR A 255 22.64 1.62 -45.90
C THR A 255 21.53 2.43 -45.24
N GLY A 256 21.76 3.73 -45.10
CA GLY A 256 20.80 4.60 -44.47
C GLY A 256 20.74 5.94 -45.17
N ILE A 257 19.67 6.68 -44.89
CA ILE A 257 19.41 7.97 -45.50
C ILE A 257 19.48 9.03 -44.42
N ASN A 258 20.34 10.02 -44.61
CA ASN A 258 20.46 11.10 -43.65
C ASN A 258 19.24 12.02 -43.74
N ALA A 259 18.70 12.39 -42.57
CA ALA A 259 17.53 13.27 -42.55
C ALA A 259 17.85 14.62 -43.14
N ILE A 260 18.99 15.19 -42.79
CA ILE A 260 19.43 16.46 -43.35
C ILE A 260 20.45 16.17 -44.45
N SER A 261 20.29 16.84 -45.60
CA SER A 261 21.10 16.58 -46.78
C SER A 261 20.98 15.11 -47.20
N LYS A 262 19.77 14.76 -47.62
CA LYS A 262 19.40 13.38 -47.94
C LYS A 262 20.42 12.73 -48.86
N LYS A 263 21.07 11.68 -48.34
CA LYS A 263 22.06 10.94 -49.09
C LYS A 263 22.17 9.54 -48.49
N GLU A 264 22.71 8.62 -49.27
CA GLU A 264 22.89 7.25 -48.82
C GLU A 264 24.27 7.09 -48.20
N PHE A 265 24.31 6.52 -47.01
CA PHE A 265 25.56 6.24 -46.30
C PHE A 265 25.61 4.76 -45.92
N SER A 266 26.78 4.15 -46.13
CA SER A 266 26.98 2.73 -45.91
C SER A 266 27.98 2.54 -44.79
N ILE A 267 27.64 1.67 -43.84
CA ILE A 267 28.50 1.37 -42.70
C ILE A 267 28.67 -0.13 -42.58
N ASP A 268 29.81 -0.52 -42.00
CA ASP A 268 30.18 -1.93 -41.88
C ASP A 268 29.71 -2.47 -40.53
N VAL A 269 28.60 -3.18 -40.54
CA VAL A 269 28.06 -3.79 -39.33
C VAL A 269 28.86 -5.06 -39.06
N GLY A 270 29.76 -4.98 -38.08
CA GLY A 270 30.65 -6.08 -37.77
C GLY A 270 30.45 -6.70 -36.40
N TYR A 271 31.30 -6.29 -35.44
CA TYR A 271 31.38 -6.98 -34.16
C TYR A 271 30.08 -6.84 -33.36
N GLU A 272 29.46 -5.66 -33.40
CA GLU A 272 28.32 -5.39 -32.53
C GLU A 272 27.20 -6.39 -32.73
N ARG A 273 27.15 -7.04 -33.89
CA ARG A 273 26.16 -8.08 -34.14
C ARG A 273 26.13 -9.09 -33.01
N PHE A 274 27.30 -9.60 -32.62
CA PHE A 274 27.35 -10.53 -31.51
C PHE A 274 27.66 -9.86 -30.18
N LEU A 275 27.90 -8.54 -30.17
CA LEU A 275 28.10 -7.82 -28.93
C LEU A 275 26.84 -7.12 -28.45
N GLY A 276 25.77 -7.17 -29.23
CA GLY A 276 24.51 -6.59 -28.84
C GLY A 276 23.85 -7.36 -27.72
N PRO A 277 23.42 -8.60 -27.98
CA PRO A 277 22.76 -9.38 -26.94
C PRO A 277 23.72 -10.00 -25.95
N GLU A 278 25.03 -9.92 -26.19
CA GLU A 278 25.99 -10.53 -25.30
C GLU A 278 25.94 -9.92 -23.90
N ILE A 279 25.55 -8.64 -23.79
CA ILE A 279 25.44 -8.03 -22.48
C ILE A 279 24.29 -8.60 -21.65
N PHE A 280 23.36 -9.30 -22.29
CA PHE A 280 22.41 -10.10 -21.52
C PHE A 280 23.16 -11.17 -20.74
N PHE A 281 24.26 -11.65 -21.30
CA PHE A 281 25.00 -12.79 -20.78
C PHE A 281 26.28 -12.37 -20.07
N HIS A 282 26.66 -11.11 -20.19
CA HIS A 282 27.81 -10.54 -19.49
C HIS A 282 27.51 -9.07 -19.24
N PRO A 283 26.69 -8.78 -18.23
CA PRO A 283 26.27 -7.38 -18.00
C PRO A 283 27.42 -6.45 -17.66
N GLU A 284 28.55 -6.98 -17.21
CA GLU A 284 29.71 -6.14 -16.92
C GLU A 284 30.29 -5.47 -18.16
N PHE A 285 29.89 -5.92 -19.36
CA PHE A 285 30.36 -5.27 -20.58
C PHE A 285 29.88 -3.83 -20.67
N ALA A 286 28.62 -3.59 -20.29
CA ALA A 286 28.03 -2.27 -20.39
C ALA A 286 27.66 -1.68 -19.04
N ASN A 287 26.88 -2.40 -18.23
CA ASN A 287 26.47 -1.90 -16.93
C ASN A 287 27.53 -2.24 -15.89
N PRO A 288 28.11 -1.26 -15.21
CA PRO A 288 29.16 -1.55 -14.23
C PRO A 288 28.62 -2.01 -12.88
N ASP A 289 27.41 -1.53 -12.52
CA ASP A 289 26.86 -1.85 -11.22
C ASP A 289 26.34 -3.29 -11.16
N PHE A 290 25.91 -3.84 -12.29
CA PHE A 290 25.34 -5.18 -12.36
C PHE A 290 26.24 -6.06 -13.20
N THR A 291 26.58 -7.25 -12.67
CA THR A 291 27.64 -8.03 -13.29
C THR A 291 27.37 -9.54 -13.36
N GLN A 292 26.17 -9.99 -13.00
CA GLN A 292 25.88 -11.43 -13.05
C GLN A 292 25.04 -11.76 -14.26
N PRO A 293 25.34 -12.85 -14.99
CA PRO A 293 24.62 -13.13 -16.22
C PRO A 293 23.17 -13.49 -15.97
N ILE A 294 22.36 -13.41 -17.04
CA ILE A 294 20.93 -13.69 -16.92
C ILE A 294 20.69 -15.14 -16.55
N SER A 295 21.58 -16.05 -16.97
CA SER A 295 21.44 -17.44 -16.58
C SER A 295 21.56 -17.61 -15.07
N GLU A 296 22.54 -16.94 -14.46
CA GLU A 296 22.67 -16.98 -13.01
C GLU A 296 21.46 -16.36 -12.32
N VAL A 297 20.91 -15.29 -12.90
CA VAL A 297 19.72 -14.66 -12.32
C VAL A 297 18.54 -15.62 -12.36
N VAL A 298 18.37 -16.33 -13.48
CA VAL A 298 17.28 -17.29 -13.57
C VAL A 298 17.47 -18.43 -12.58
N ASP A 299 18.71 -18.92 -12.45
CA ASP A 299 18.97 -19.98 -11.49
C ASP A 299 18.66 -19.52 -10.06
N GLU A 300 19.08 -18.30 -9.70
CA GLU A 300 18.81 -17.80 -8.36
C GLU A 300 17.31 -17.61 -8.14
N VAL A 301 16.60 -17.09 -9.13
CA VAL A 301 15.16 -16.90 -9.03
C VAL A 301 14.47 -18.24 -8.75
N ILE A 302 14.83 -19.25 -9.53
CA ILE A 302 14.15 -20.54 -9.40
C ILE A 302 14.54 -21.22 -8.10
N GLN A 303 15.80 -21.06 -7.67
CA GLN A 303 16.21 -21.63 -6.38
C GLN A 303 15.48 -20.97 -5.22
N ASN A 304 15.19 -19.68 -5.31
CA ASN A 304 14.43 -19.02 -4.27
C ASN A 304 13.00 -19.52 -4.15
N CYS A 305 12.49 -20.19 -5.19
CA CYS A 305 11.13 -20.70 -5.21
C CYS A 305 10.99 -21.98 -4.40
N PRO A 306 9.76 -22.36 -4.04
CA PRO A 306 9.57 -23.59 -3.27
C PRO A 306 10.09 -24.82 -4.01
N ILE A 307 10.54 -25.80 -3.22
CA ILE A 307 11.19 -26.98 -3.79
C ILE A 307 10.21 -27.79 -4.63
N ASP A 308 8.93 -27.83 -4.23
CA ASP A 308 7.96 -28.63 -4.95
C ASP A 308 7.66 -28.08 -6.34
N VAL A 309 8.00 -26.82 -6.60
CA VAL A 309 7.71 -26.17 -7.88
C VAL A 309 8.98 -25.84 -8.64
N ARG A 310 10.16 -26.15 -8.08
CA ARG A 310 11.41 -25.76 -8.74
C ARG A 310 11.58 -26.45 -10.08
N ARG A 311 11.40 -27.77 -10.12
CA ARG A 311 11.60 -28.50 -11.36
C ARG A 311 10.66 -28.07 -12.48
N PRO A 312 9.35 -27.84 -12.26
CA PRO A 312 8.53 -27.32 -13.36
C PRO A 312 9.00 -25.99 -13.90
N LEU A 313 9.61 -25.14 -13.08
CA LEU A 313 10.09 -23.85 -13.56
C LEU A 313 11.27 -24.02 -14.51
N TYR A 314 12.04 -25.09 -14.37
CA TYR A 314 13.09 -25.42 -15.33
C TYR A 314 12.50 -25.89 -16.65
N LYS A 315 11.51 -26.79 -16.60
CA LYS A 315 10.97 -27.39 -17.81
C LYS A 315 10.20 -26.41 -18.68
N ASN A 316 9.85 -25.23 -18.15
CA ASN A 316 9.08 -24.23 -18.90
C ASN A 316 9.68 -22.87 -18.60
N ILE A 317 10.64 -22.45 -19.42
CA ILE A 317 11.19 -21.10 -19.37
C ILE A 317 10.77 -20.40 -20.64
N VAL A 318 9.93 -19.39 -20.49
CA VAL A 318 9.28 -18.74 -21.62
C VAL A 318 9.88 -17.36 -21.81
N LEU A 319 10.33 -17.08 -23.02
CA LEU A 319 10.89 -15.78 -23.36
C LEU A 319 9.81 -14.91 -23.99
N SER A 320 9.66 -13.70 -23.47
CA SER A 320 8.67 -12.76 -24.00
C SER A 320 9.34 -11.40 -24.17
N GLY A 321 8.91 -10.67 -25.17
CA GLY A 321 9.47 -9.36 -25.46
C GLY A 321 10.44 -9.41 -26.63
N GLY A 322 10.66 -8.24 -27.23
CA GLY A 322 11.50 -8.16 -28.40
C GLY A 322 12.95 -8.46 -28.14
N SER A 323 13.45 -8.10 -26.95
CA SER A 323 14.86 -8.32 -26.64
C SER A 323 15.21 -9.80 -26.54
N THR A 324 14.22 -10.67 -26.34
CA THR A 324 14.44 -12.10 -26.33
C THR A 324 14.33 -12.72 -27.72
N MET A 325 14.05 -11.92 -28.74
CA MET A 325 13.84 -12.43 -30.09
C MET A 325 15.14 -12.59 -30.85
N PHE A 326 16.28 -12.23 -30.24
CA PHE A 326 17.57 -12.43 -30.88
C PHE A 326 17.77 -13.91 -31.21
N ARG A 327 18.41 -14.18 -32.35
CA ARG A 327 18.61 -15.56 -32.76
C ARG A 327 19.48 -16.31 -31.77
N ASP A 328 19.09 -17.55 -31.50
CA ASP A 328 19.80 -18.48 -30.60
C ASP A 328 19.84 -17.98 -29.16
N PHE A 329 19.17 -16.88 -28.85
CA PHE A 329 19.16 -16.38 -27.47
C PHE A 329 18.60 -17.42 -26.52
N GLY A 330 17.49 -18.05 -26.89
CA GLY A 330 16.90 -19.07 -26.04
C GLY A 330 17.78 -20.29 -25.90
N ARG A 331 18.44 -20.64 -27.01
CA ARG A 331 19.26 -21.87 -27.09
C ARG A 331 20.51 -21.69 -26.26
N ARG A 332 21.15 -20.56 -26.42
CA ARG A 332 22.31 -20.25 -25.59
C ARG A 332 21.92 -20.12 -24.12
N LEU A 333 20.76 -19.54 -23.84
CA LEU A 333 20.29 -19.49 -22.46
C LEU A 333 20.11 -20.89 -21.89
N GLN A 334 19.56 -21.80 -22.69
CA GLN A 334 19.44 -23.20 -22.28
C GLN A 334 20.79 -23.81 -22.01
N ARG A 335 21.77 -23.56 -22.90
CA ARG A 335 23.12 -24.06 -22.69
C ARG A 335 23.69 -23.58 -21.35
N ASP A 336 23.64 -22.27 -21.12
CA ASP A 336 24.23 -21.70 -19.91
C ASP A 336 23.52 -22.19 -18.65
N LEU A 337 22.18 -22.21 -18.68
CA LEU A 337 21.44 -22.63 -17.50
C LEU A 337 21.66 -24.11 -17.22
N LYS A 338 21.70 -24.95 -18.26
CA LYS A 338 22.00 -26.36 -18.05
C LYS A 338 23.39 -26.53 -17.49
N ARG A 339 24.35 -25.72 -17.97
CA ARG A 339 25.71 -25.82 -17.44
C ARG A 339 25.75 -25.48 -15.96
N THR A 340 25.12 -24.38 -15.56
CA THR A 340 25.19 -23.99 -14.16
C THR A 340 24.42 -24.95 -13.27
N VAL A 341 23.28 -25.46 -13.75
CA VAL A 341 22.52 -26.43 -12.96
C VAL A 341 23.30 -27.74 -12.80
N ASP A 342 23.90 -28.23 -13.89
CA ASP A 342 24.67 -29.46 -13.81
C ASP A 342 25.91 -29.30 -12.94
N ALA A 343 26.57 -28.14 -13.02
CA ALA A 343 27.72 -27.90 -12.15
C ALA A 343 27.30 -27.86 -10.69
N ARG A 344 26.18 -27.22 -10.39
CA ARG A 344 25.69 -27.19 -9.02
C ARG A 344 25.35 -28.59 -8.53
N LEU A 345 24.70 -29.40 -9.38
CA LEU A 345 24.34 -30.76 -8.99
C LEU A 345 25.58 -31.60 -8.76
N LYS A 346 26.58 -31.49 -9.64
CA LYS A 346 27.80 -32.26 -9.47
C LYS A 346 28.55 -31.84 -8.20
N LEU A 347 28.63 -30.53 -7.94
CA LEU A 347 29.30 -30.06 -6.73
C LEU A 347 28.57 -30.55 -5.49
N SER A 348 27.24 -30.51 -5.50
CA SER A 348 26.48 -31.00 -4.35
C SER A 348 26.69 -32.50 -4.15
N GLU A 349 26.71 -33.27 -5.23
CA GLU A 349 26.92 -34.71 -5.11
C GLU A 349 28.32 -35.02 -4.58
N GLU A 350 29.33 -34.29 -5.07
CA GLU A 350 30.69 -34.52 -4.59
C GLU A 350 30.84 -34.14 -3.13
N LEU A 351 30.25 -33.00 -2.73
CA LEU A 351 30.38 -32.56 -1.34
C LEU A 351 29.63 -33.48 -0.38
N SER A 352 28.40 -33.85 -0.73
CA SER A 352 27.63 -34.72 0.15
C SER A 352 28.21 -36.13 0.20
N GLY A 353 28.49 -36.71 -0.96
CA GLY A 353 29.04 -38.05 -1.02
C GLY A 353 28.13 -39.13 -0.49
N GLY A 354 26.84 -38.85 -0.32
CA GLY A 354 25.89 -39.80 0.23
C GLY A 354 25.21 -40.69 -0.80
N ARG A 355 25.66 -40.66 -2.05
CA ARG A 355 25.06 -41.45 -3.13
C ARG A 355 23.57 -41.12 -3.25
N LEU A 356 23.25 -39.82 -3.16
CA LEU A 356 21.87 -39.39 -3.35
C LEU A 356 21.43 -39.61 -4.79
N LYS A 357 22.28 -39.26 -5.75
CA LYS A 357 22.01 -39.39 -7.19
C LYS A 357 20.69 -38.75 -7.56
N PRO A 358 20.59 -37.42 -7.53
CA PRO A 358 19.32 -36.77 -7.89
C PRO A 358 19.01 -36.97 -9.36
N LYS A 359 17.71 -36.93 -9.67
CA LYS A 359 17.27 -37.06 -11.05
C LYS A 359 17.86 -35.93 -11.88
N PRO A 360 18.43 -36.21 -13.05
CA PRO A 360 18.99 -35.14 -13.86
C PRO A 360 17.95 -34.10 -14.22
N ILE A 361 18.35 -32.83 -14.15
CA ILE A 361 17.44 -31.72 -14.35
C ILE A 361 17.41 -31.38 -15.84
N ASP A 362 16.21 -31.27 -16.38
CA ASP A 362 16.00 -30.91 -17.78
C ASP A 362 15.50 -29.47 -17.84
N VAL A 363 16.31 -28.59 -18.42
CA VAL A 363 15.96 -27.19 -18.61
C VAL A 363 15.56 -27.00 -20.06
N GLN A 364 14.38 -26.41 -20.28
CA GLN A 364 13.82 -26.27 -21.62
C GLN A 364 13.30 -24.85 -21.78
N VAL A 365 14.06 -24.04 -22.51
CA VAL A 365 13.67 -22.67 -22.81
C VAL A 365 12.74 -22.69 -24.02
N ILE A 366 11.47 -22.37 -23.81
CA ILE A 366 10.48 -22.46 -24.86
C ILE A 366 10.55 -21.21 -25.73
N THR A 367 11.03 -21.37 -26.96
CA THR A 367 10.98 -20.33 -27.97
C THR A 367 9.85 -20.61 -28.94
N HIS A 368 9.12 -19.56 -29.32
CA HIS A 368 7.94 -19.71 -30.16
C HIS A 368 7.92 -18.60 -31.19
N HIS A 369 7.10 -18.78 -32.22
CA HIS A 369 7.00 -17.81 -33.30
C HIS A 369 6.35 -16.50 -32.86
N MET A 370 5.58 -16.51 -31.78
CA MET A 370 4.98 -15.30 -31.21
C MET A 370 5.79 -14.78 -30.03
N GLN A 371 7.12 -14.93 -30.11
CA GLN A 371 7.98 -14.51 -29.01
C GLN A 371 7.93 -13.00 -28.80
N ARG A 372 7.92 -12.24 -29.89
CA ARG A 372 7.99 -10.79 -29.83
C ARG A 372 6.79 -10.21 -29.09
N TYR A 373 5.60 -10.38 -29.65
CA TYR A 373 4.37 -9.88 -29.05
C TYR A 373 3.67 -10.99 -28.26
N ALA A 374 4.42 -11.58 -27.33
CA ALA A 374 3.90 -12.72 -26.57
C ALA A 374 2.78 -12.30 -25.64
N VAL A 375 2.96 -11.19 -24.91
CA VAL A 375 1.95 -10.76 -23.96
C VAL A 375 0.67 -10.36 -24.69
N TRP A 376 0.79 -9.62 -25.79
CA TRP A 376 -0.40 -9.23 -26.52
C TRP A 376 -1.08 -10.43 -27.16
N PHE A 377 -0.31 -11.40 -27.66
CA PHE A 377 -0.91 -12.59 -28.23
C PHE A 377 -1.68 -13.38 -27.18
N GLY A 378 -1.09 -13.51 -26.00
CA GLY A 378 -1.81 -14.14 -24.90
C GLY A 378 -3.07 -13.40 -24.53
N GLY A 379 -2.99 -12.07 -24.49
CA GLY A 379 -4.18 -11.28 -24.19
C GLY A 379 -5.26 -11.44 -25.23
N SER A 380 -4.87 -11.50 -26.50
CA SER A 380 -5.86 -11.67 -27.58
C SER A 380 -6.53 -13.03 -27.50
N MET A 381 -5.75 -14.09 -27.35
CA MET A 381 -6.34 -15.41 -27.21
C MET A 381 -7.08 -15.60 -25.90
N LEU A 382 -6.82 -14.74 -24.90
CA LEU A 382 -7.58 -14.76 -23.67
C LEU A 382 -8.92 -14.06 -23.84
N ALA A 383 -8.93 -12.92 -24.53
CA ALA A 383 -10.14 -12.13 -24.73
C ALA A 383 -10.97 -12.63 -25.90
N SER A 384 -10.50 -13.63 -26.64
CA SER A 384 -11.29 -14.27 -27.68
C SER A 384 -12.12 -15.44 -27.16
N THR A 385 -12.33 -15.52 -25.85
CA THR A 385 -12.98 -16.71 -25.28
C THR A 385 -14.28 -16.35 -24.59
N PRO A 386 -15.22 -17.29 -24.38
CA PRO A 386 -16.41 -17.02 -23.62
C PRO A 386 -16.06 -16.66 -22.16
N GLU A 387 -15.09 -17.33 -21.59
CA GLU A 387 -14.77 -17.13 -20.16
C GLU A 387 -14.39 -15.69 -19.84
N PHE A 388 -13.78 -14.95 -20.78
CA PHE A 388 -13.27 -13.61 -20.44
C PHE A 388 -14.44 -12.78 -19.96
N TYR A 389 -15.57 -12.92 -20.63
CA TYR A 389 -16.70 -12.04 -20.25
C TYR A 389 -17.13 -12.36 -18.83
N GLN A 390 -16.97 -13.62 -18.41
CA GLN A 390 -17.40 -14.06 -17.05
C GLN A 390 -16.25 -13.95 -16.06
N VAL A 391 -15.13 -13.38 -16.47
CA VAL A 391 -13.98 -13.14 -15.56
C VAL A 391 -13.61 -11.67 -15.65
N CYS A 392 -14.33 -10.88 -16.46
CA CYS A 392 -14.00 -9.46 -16.41
C CYS A 392 -14.64 -8.80 -15.20
N HIS A 393 -14.40 -7.49 -15.08
CA HIS A 393 -14.98 -6.66 -14.03
C HIS A 393 -15.94 -5.69 -14.69
N THR A 394 -17.23 -6.01 -14.67
CA THR A 394 -18.22 -5.20 -15.34
C THR A 394 -18.35 -3.84 -14.67
N LYS A 395 -18.72 -2.84 -15.47
CA LYS A 395 -18.93 -1.49 -14.93
C LYS A 395 -20.01 -1.48 -13.86
N LYS A 396 -20.97 -2.41 -13.94
CA LYS A 396 -21.95 -2.54 -12.87
C LYS A 396 -21.29 -2.94 -11.56
N ASP A 397 -20.34 -3.87 -11.62
CA ASP A 397 -19.60 -4.25 -10.42
C ASP A 397 -18.80 -3.07 -9.89
N TYR A 398 -18.23 -2.26 -10.78
CA TYR A 398 -17.55 -1.05 -10.36
C TYR A 398 -18.48 -0.10 -9.63
N GLU A 399 -19.71 0.05 -10.14
CA GLU A 399 -20.65 0.97 -9.51
C GLU A 399 -21.12 0.46 -8.15
N GLU A 400 -21.37 -0.84 -8.02
CA GLU A 400 -21.84 -1.36 -6.74
C GLU A 400 -20.71 -1.46 -5.72
N ILE A 401 -19.70 -2.27 -5.99
CA ILE A 401 -18.66 -2.52 -5.01
C ILE A 401 -17.68 -1.35 -4.96
N GLY A 402 -17.00 -1.10 -6.08
CA GLY A 402 -16.05 -0.02 -6.15
C GLY A 402 -14.77 -0.43 -6.86
N PRO A 403 -13.75 0.41 -6.78
CA PRO A 403 -12.48 0.10 -7.46
C PRO A 403 -11.80 -1.16 -6.94
N SER A 404 -12.11 -1.59 -5.72
CA SER A 404 -11.41 -2.72 -5.12
C SER A 404 -11.54 -3.98 -5.96
N ILE A 405 -12.62 -4.10 -6.74
CA ILE A 405 -12.81 -5.30 -7.56
C ILE A 405 -11.67 -5.46 -8.55
N CYS A 406 -11.09 -4.35 -9.01
CA CYS A 406 -10.01 -4.45 -9.98
C CYS A 406 -8.66 -4.69 -9.34
N ARG A 407 -8.60 -4.77 -8.00
CA ARG A 407 -7.35 -5.14 -7.35
C ARG A 407 -6.96 -6.56 -7.67
N HIS A 408 -7.92 -7.49 -7.69
CA HIS A 408 -7.62 -8.91 -8.04
C HIS A 408 -8.29 -9.29 -9.34
N ASN A 409 -7.50 -9.67 -10.34
CA ASN A 409 -8.09 -10.14 -11.61
C ASN A 409 -7.83 -11.63 -11.66
N PRO A 410 -8.87 -12.50 -11.54
CA PRO A 410 -8.66 -13.92 -11.42
C PRO A 410 -8.01 -14.56 -12.65
N VAL A 411 -7.15 -15.54 -12.44
CA VAL A 411 -6.46 -16.25 -13.56
C VAL A 411 -7.39 -17.31 -14.15
N PHE A 412 -6.99 -17.92 -15.26
CA PHE A 412 -7.82 -18.97 -15.94
C PHE A 412 -6.95 -20.21 -16.16
N GLY A 413 -7.55 -21.33 -16.53
CA GLY A 413 -6.80 -22.57 -16.82
C GLY A 413 -6.14 -22.55 -18.18
N GLN B 1 17.26 -34.07 51.36
CA GLN B 1 16.09 -34.72 50.80
C GLN B 1 16.35 -35.16 49.35
N GLY B 2 15.27 -35.38 48.60
CA GLY B 2 15.38 -35.82 47.23
C GLY B 2 15.95 -34.77 46.30
N ARG B 3 15.20 -33.69 46.09
CA ARG B 3 15.58 -32.61 45.18
C ARG B 3 15.93 -33.16 43.80
N LYS B 4 16.90 -32.54 43.13
CA LYS B 4 17.34 -32.97 41.80
C LYS B 4 16.16 -33.04 40.82
N VAL B 5 15.30 -32.05 40.88
CA VAL B 5 14.06 -32.03 40.10
C VAL B 5 14.29 -31.18 38.85
N VAL B 6 14.06 -31.77 37.68
CA VAL B 6 14.19 -31.08 36.40
C VAL B 6 12.86 -31.20 35.66
N VAL B 7 12.39 -30.08 35.11
CA VAL B 7 11.17 -30.04 34.31
C VAL B 7 11.54 -29.57 32.91
N CYS B 8 11.07 -30.31 31.90
CA CYS B 8 11.45 -30.06 30.51
C CYS B 8 10.18 -30.00 29.65
N ASP B 9 9.70 -28.79 29.41
CA ASP B 9 8.62 -28.59 28.44
C ASP B 9 9.12 -28.93 27.04
N ASN B 10 8.31 -29.68 26.30
CA ASN B 10 8.66 -30.18 24.99
C ASN B 10 7.74 -29.59 23.92
N GLY B 11 7.47 -28.29 24.00
CA GLY B 11 6.60 -27.66 23.03
C GLY B 11 7.20 -27.69 21.63
N THR B 12 6.32 -27.61 20.63
CA THR B 12 6.76 -27.66 19.24
C THR B 12 7.70 -26.51 18.90
N GLY B 13 7.34 -25.30 19.33
CA GLY B 13 8.18 -24.15 19.02
C GLY B 13 9.56 -24.24 19.65
N PHE B 14 9.62 -24.57 20.94
CA PHE B 14 10.87 -24.62 21.67
C PHE B 14 10.78 -25.67 22.76
N VAL B 15 11.93 -26.27 23.09
CA VAL B 15 12.07 -27.11 24.26
C VAL B 15 12.73 -26.29 25.36
N LYS B 16 12.12 -26.29 26.55
CA LYS B 16 12.54 -25.45 27.66
C LYS B 16 12.80 -26.34 28.87
N CYS B 17 14.05 -26.44 29.30
CA CYS B 17 14.43 -27.26 30.43
C CYS B 17 14.93 -26.39 31.58
N GLY B 18 14.54 -26.75 32.79
CA GLY B 18 14.94 -26.02 33.97
C GLY B 18 14.68 -26.83 35.22
N TYR B 19 14.74 -26.16 36.36
CA TYR B 19 14.54 -26.78 37.65
C TYR B 19 13.24 -26.29 38.28
N ALA B 20 12.70 -27.10 39.18
CA ALA B 20 11.44 -26.76 39.83
C ALA B 20 11.58 -25.51 40.67
N GLY B 21 10.51 -24.71 40.69
CA GLY B 21 10.49 -23.47 41.44
C GLY B 21 11.08 -22.28 40.73
N SER B 22 11.63 -22.47 39.53
CA SER B 22 12.23 -21.36 38.81
C SER B 22 11.15 -20.47 38.21
N ASN B 23 11.28 -19.17 38.42
CA ASN B 23 10.36 -18.22 37.82
C ASN B 23 10.51 -18.15 36.30
N PHE B 24 11.68 -18.48 35.78
CA PHE B 24 11.94 -18.48 34.35
C PHE B 24 12.75 -19.71 33.99
N PRO B 25 12.61 -20.20 32.75
CA PRO B 25 13.41 -21.37 32.35
C PRO B 25 14.89 -21.08 32.36
N GLU B 26 15.68 -22.06 32.81
CA GLU B 26 17.13 -21.90 32.80
C GLU B 26 17.68 -22.05 31.39
N HIS B 27 17.15 -22.99 30.61
CA HIS B 27 17.60 -23.19 29.23
C HIS B 27 16.39 -23.28 28.32
N ILE B 28 16.45 -22.58 27.19
CA ILE B 28 15.43 -22.63 26.15
C ILE B 28 16.14 -22.77 24.81
N PHE B 29 15.65 -23.68 23.97
CA PHE B 29 16.26 -23.83 22.65
C PHE B 29 15.24 -24.45 21.71
N PRO B 30 15.23 -24.07 20.44
CA PRO B 30 14.28 -24.67 19.49
C PRO B 30 14.52 -26.16 19.34
N ALA B 31 13.43 -26.89 19.10
CA ALA B 31 13.49 -28.34 18.92
C ALA B 31 13.97 -28.64 17.50
N LEU B 32 15.27 -28.46 17.29
CA LEU B 32 15.90 -28.65 16.00
C LEU B 32 16.86 -29.82 16.06
N VAL B 33 16.72 -30.75 15.11
CA VAL B 33 17.57 -31.93 15.01
C VAL B 33 18.13 -31.96 13.60
N GLY B 34 19.45 -32.06 13.48
CA GLY B 34 20.11 -32.10 12.19
C GLY B 34 21.27 -33.07 12.13
N VAL B 67 18.33 -31.05 8.80
CA VAL B 67 17.34 -30.18 9.44
C VAL B 67 15.95 -30.77 9.27
N ASN B 68 15.40 -31.30 10.36
CA ASN B 68 14.08 -31.92 10.35
C ASN B 68 13.23 -31.31 11.46
N TYR B 69 11.92 -31.36 11.26
CA TYR B 69 10.94 -30.86 12.22
C TYR B 69 9.93 -31.97 12.48
N PRO B 70 10.28 -32.96 13.29
CA PRO B 70 9.35 -34.07 13.55
C PRO B 70 8.17 -33.68 14.44
N MET B 71 8.17 -32.47 14.99
CA MET B 71 7.09 -32.02 15.87
C MET B 71 6.00 -31.38 15.03
N GLU B 72 4.98 -32.17 14.70
CA GLU B 72 3.81 -31.69 13.98
C GLU B 72 2.59 -31.85 14.88
N ASN B 73 1.92 -30.73 15.17
CA ASN B 73 0.71 -30.70 16.00
C ASN B 73 0.95 -31.30 17.40
N GLY B 74 2.20 -31.32 17.85
CA GLY B 74 2.51 -31.84 19.17
C GLY B 74 2.61 -33.35 19.27
N ILE B 75 2.48 -34.07 18.16
CA ILE B 75 2.55 -35.52 18.14
C ILE B 75 3.84 -35.94 17.46
N VAL B 76 4.61 -36.80 18.14
CA VAL B 76 5.91 -37.20 17.62
C VAL B 76 5.73 -38.10 16.41
N ARG B 77 6.54 -37.87 15.38
CA ARG B 77 6.54 -38.72 14.19
C ARG B 77 7.87 -39.42 13.94
N ASN B 78 8.98 -38.89 14.45
CA ASN B 78 10.29 -39.50 14.30
C ASN B 78 10.92 -39.60 15.68
N TRP B 79 10.85 -40.80 16.27
CA TRP B 79 11.24 -40.96 17.67
C TRP B 79 12.75 -40.94 17.87
N ASP B 80 13.53 -41.31 16.85
CA ASP B 80 14.98 -41.25 16.98
C ASP B 80 15.45 -39.81 17.14
N ASP B 81 14.84 -38.89 16.40
CA ASP B 81 15.19 -37.48 16.54
C ASP B 81 14.90 -36.98 17.95
N MET B 82 13.77 -37.41 18.53
CA MET B 82 13.47 -37.02 19.90
C MET B 82 14.41 -37.68 20.91
N LYS B 83 14.84 -38.91 20.64
CA LYS B 83 15.83 -39.53 21.52
C LYS B 83 17.12 -38.72 21.51
N HIS B 84 17.58 -38.30 20.32
CA HIS B 84 18.73 -37.42 20.24
C HIS B 84 18.47 -36.09 20.93
N LEU B 85 17.24 -35.58 20.82
CA LEU B 85 16.91 -34.31 21.45
C LEU B 85 16.98 -34.39 22.96
N TRP B 86 16.41 -35.44 23.55
CA TRP B 86 16.50 -35.61 24.99
C TRP B 86 17.94 -35.84 25.44
N ASP B 87 18.72 -36.57 24.63
CA ASP B 87 20.14 -36.73 24.94
C ASP B 87 20.84 -35.38 24.97
N TYR B 88 20.51 -34.51 24.01
CA TYR B 88 21.06 -33.16 24.00
C TYR B 88 20.63 -32.37 25.22
N THR B 89 19.36 -32.51 25.62
CA THR B 89 18.87 -31.80 26.80
C THR B 89 19.63 -32.23 28.05
N PHE B 90 19.78 -33.53 28.25
CA PHE B 90 20.46 -34.04 29.44
C PHE B 90 21.97 -34.05 29.29
N GLY B 91 22.48 -33.67 28.12
CA GLY B 91 23.91 -33.61 27.88
C GLY B 91 24.57 -32.46 28.61
N PRO B 92 25.90 -32.46 28.65
CA PRO B 92 26.62 -31.39 29.35
C PRO B 92 26.37 -30.01 28.76
N GLU B 93 25.99 -29.92 27.48
CA GLU B 93 25.83 -28.62 26.85
C GLU B 93 24.60 -27.88 27.36
N LYS B 94 23.59 -28.61 27.85
CA LYS B 94 22.34 -27.99 28.29
C LYS B 94 22.11 -28.13 29.79
N LEU B 95 22.11 -29.35 30.32
CA LEU B 95 21.81 -29.57 31.73
C LEU B 95 22.93 -30.21 32.51
N ASN B 96 23.60 -31.22 31.95
CA ASN B 96 24.66 -31.95 32.62
C ASN B 96 24.17 -32.53 33.95
N ILE B 97 23.16 -33.38 33.86
CA ILE B 97 22.54 -33.99 35.03
C ILE B 97 22.48 -35.50 34.83
N ASP B 98 22.44 -36.21 35.95
CA ASP B 98 22.36 -37.66 35.96
C ASP B 98 20.89 -38.07 35.88
N THR B 99 20.51 -38.72 34.77
CA THR B 99 19.11 -39.10 34.58
C THR B 99 18.65 -40.08 35.65
N ARG B 100 19.49 -41.04 36.01
CA ARG B 100 19.12 -42.03 37.00
C ARG B 100 18.97 -41.43 38.39
N ASN B 101 19.50 -40.24 38.63
CA ASN B 101 19.45 -39.61 39.95
C ASN B 101 18.73 -38.26 39.91
N CYS B 102 17.75 -38.11 39.02
CA CYS B 102 16.99 -36.87 38.91
C CYS B 102 15.52 -37.20 38.64
N LYS B 103 14.66 -36.26 39.02
CA LYS B 103 13.22 -36.37 38.80
C LYS B 103 12.82 -35.47 37.64
N ILE B 104 12.09 -36.03 36.68
CA ILE B 104 11.73 -35.34 35.45
C ILE B 104 10.22 -35.22 35.35
N LEU B 105 9.76 -34.07 34.90
CA LEU B 105 8.35 -33.85 34.58
C LEU B 105 8.25 -33.46 33.12
N LEU B 106 7.35 -34.12 32.40
CA LEU B 106 7.15 -33.86 30.98
C LEU B 106 5.75 -33.33 30.74
N THR B 107 5.62 -32.54 29.67
CA THR B 107 4.35 -31.93 29.29
C THR B 107 3.71 -32.74 28.17
N GLU B 108 2.42 -33.03 28.32
CA GLU B 108 1.68 -33.82 27.35
C GLU B 108 0.63 -32.96 26.68
N PRO B 109 0.53 -32.98 25.35
CA PRO B 109 -0.52 -32.24 24.67
C PRO B 109 -1.88 -32.88 24.93
N PRO B 110 -2.96 -32.09 24.89
CA PRO B 110 -4.29 -32.67 25.05
C PRO B 110 -4.63 -33.61 23.91
N MET B 111 -5.46 -34.61 24.23
CA MET B 111 -5.82 -35.68 23.28
C MET B 111 -4.58 -36.36 22.72
N ASN B 112 -3.59 -36.57 23.56
CA ASN B 112 -2.45 -37.37 23.16
C ASN B 112 -2.88 -38.82 23.13
N PRO B 113 -2.76 -39.53 22.00
CA PRO B 113 -3.13 -40.95 21.98
C PRO B 113 -2.30 -41.74 22.98
N THR B 114 -2.94 -42.76 23.56
CA THR B 114 -2.31 -43.53 24.63
C THR B 114 -1.01 -44.18 24.17
N LYS B 115 -0.89 -44.48 22.88
CA LYS B 115 0.33 -45.11 22.38
C LYS B 115 1.54 -44.20 22.59
N ASN B 116 1.41 -42.92 22.26
CA ASN B 116 2.52 -41.99 22.44
C ASN B 116 2.84 -41.80 23.92
N ARG B 117 1.82 -41.70 24.77
CA ARG B 117 2.06 -41.56 26.20
C ARG B 117 2.82 -42.78 26.75
N GLU B 118 2.37 -43.98 26.38
CA GLU B 118 3.03 -45.19 26.86
C GLU B 118 4.46 -45.28 26.33
N LYS B 119 4.68 -44.91 25.06
CA LYS B 119 6.02 -45.03 24.52
C LYS B 119 6.95 -44.02 25.17
N ILE B 120 6.45 -42.81 25.46
CA ILE B 120 7.25 -41.81 26.16
C ILE B 120 7.59 -42.30 27.57
N VAL B 121 6.62 -42.90 28.25
CA VAL B 121 6.88 -43.44 29.59
C VAL B 121 7.95 -44.51 29.53
N GLU B 122 7.85 -45.41 28.54
CA GLU B 122 8.86 -46.46 28.37
C GLU B 122 10.23 -45.86 28.05
N VAL B 123 10.26 -44.80 27.25
CA VAL B 123 11.53 -44.15 26.93
C VAL B 123 12.16 -43.56 28.18
N MET B 124 11.35 -42.90 29.01
CA MET B 124 11.88 -42.34 30.25
C MET B 124 12.39 -43.43 31.19
N PHE B 125 11.64 -44.53 31.31
CA PHE B 125 12.02 -45.57 32.28
C PHE B 125 13.19 -46.42 31.81
N GLU B 126 13.29 -46.70 30.51
CA GLU B 126 14.30 -47.61 29.98
C GLU B 126 15.53 -46.86 29.45
N THR B 127 15.34 -46.00 28.45
CA THR B 127 16.46 -45.35 27.81
C THR B 127 17.10 -44.26 28.68
N TYR B 128 16.44 -43.84 29.75
CA TYR B 128 17.01 -42.85 30.66
C TYR B 128 16.92 -43.22 32.13
N GLN B 129 16.01 -44.11 32.52
CA GLN B 129 15.96 -44.65 33.88
C GLN B 129 15.82 -43.55 34.93
N PHE B 130 14.97 -42.58 34.64
CA PHE B 130 14.76 -41.48 35.58
C PHE B 130 14.13 -41.99 36.87
N SER B 131 14.60 -41.44 38.00
CA SER B 131 14.04 -41.84 39.29
C SER B 131 12.63 -41.31 39.49
N GLY B 132 12.40 -40.04 39.15
CA GLY B 132 11.09 -39.45 39.26
C GLY B 132 10.49 -39.12 37.91
N VAL B 133 9.42 -39.83 37.54
CA VAL B 133 8.80 -39.70 36.23
C VAL B 133 7.34 -39.31 36.41
N TYR B 134 6.91 -38.25 35.73
CA TYR B 134 5.51 -37.84 35.74
C TYR B 134 5.23 -37.03 34.49
N VAL B 135 4.03 -37.21 33.93
CA VAL B 135 3.58 -36.49 32.75
C VAL B 135 2.11 -36.14 32.94
N ALA B 136 1.72 -34.94 32.51
CA ALA B 136 0.36 -34.48 32.66
C ALA B 136 -0.01 -33.58 31.48
N ILE B 137 -1.32 -33.45 31.24
CA ILE B 137 -1.81 -32.63 30.15
C ILE B 137 -1.46 -31.17 30.41
N GLN B 138 -1.24 -30.42 29.33
CA GLN B 138 -0.83 -29.02 29.47
C GLN B 138 -1.90 -28.18 30.15
N ALA B 139 -3.15 -28.64 30.16
CA ALA B 139 -4.22 -27.86 30.77
C ALA B 139 -4.03 -27.72 32.28
N VAL B 140 -3.77 -28.84 32.97
CA VAL B 140 -3.59 -28.77 34.41
C VAL B 140 -2.33 -27.98 34.76
N LEU B 141 -1.29 -28.10 33.93
CA LEU B 141 -0.08 -27.32 34.16
C LEU B 141 -0.37 -25.83 34.03
N THR B 142 -1.14 -25.46 33.01
CA THR B 142 -1.57 -24.07 32.86
C THR B 142 -2.32 -23.57 34.09
N LEU B 143 -3.31 -24.35 34.55
CA LEU B 143 -4.11 -23.91 35.68
C LEU B 143 -3.27 -23.80 36.95
N TYR B 144 -2.34 -24.74 37.15
CA TYR B 144 -1.45 -24.65 38.31
C TYR B 144 -0.56 -23.41 38.21
N ALA B 145 -0.07 -23.11 37.01
CA ALA B 145 0.75 -21.91 36.84
C ALA B 145 -0.02 -20.66 37.19
N GLN B 146 -1.26 -20.55 36.72
CA GLN B 146 -2.07 -19.39 37.06
C GLN B 146 -2.60 -19.46 38.49
N GLY B 147 -2.63 -20.65 39.09
CA GLY B 147 -3.03 -20.79 40.47
C GLY B 147 -4.49 -21.15 40.65
N LEU B 148 -4.98 -22.05 39.80
CA LEU B 148 -6.37 -22.48 39.85
C LEU B 148 -6.44 -23.99 39.76
N LEU B 149 -7.52 -24.55 40.29
CA LEU B 149 -7.76 -25.99 40.28
C LEU B 149 -8.80 -26.42 39.26
N THR B 150 -9.85 -25.63 39.10
CA THR B 150 -10.93 -25.93 38.16
C THR B 150 -11.00 -24.84 37.10
N GLY B 151 -11.24 -25.24 35.86
CA GLY B 151 -11.40 -24.27 34.80
C GLY B 151 -11.20 -24.91 33.44
N VAL B 152 -11.50 -24.13 32.41
CA VAL B 152 -11.39 -24.59 31.03
C VAL B 152 -10.23 -23.84 30.37
N VAL B 153 -9.32 -24.58 29.75
CA VAL B 153 -8.16 -24.02 29.08
C VAL B 153 -8.40 -24.08 27.58
N VAL B 154 -8.25 -22.94 26.91
CA VAL B 154 -8.36 -22.87 25.47
C VAL B 154 -6.96 -22.72 24.88
N ASP B 155 -6.33 -23.85 24.55
CA ASP B 155 -4.96 -23.88 24.04
C ASP B 155 -5.02 -23.94 22.52
N SER B 156 -4.80 -22.80 21.87
CA SER B 156 -4.77 -22.72 20.42
C SER B 156 -3.35 -22.43 19.97
N GLY B 157 -2.81 -23.27 19.10
CA GLY B 157 -1.45 -23.11 18.62
C GLY B 157 -1.37 -23.00 17.11
N ASP B 158 -0.45 -23.75 16.52
CA ASP B 158 -0.27 -23.74 15.07
C ASP B 158 -0.99 -24.89 14.38
N GLY B 159 -1.20 -26.00 15.06
CA GLY B 159 -1.81 -27.16 14.43
C GLY B 159 -3.30 -27.31 14.67
N VAL B 160 -3.73 -27.23 15.93
CA VAL B 160 -5.13 -27.46 16.28
C VAL B 160 -5.42 -26.70 17.57
N THR B 161 -6.69 -26.31 17.73
CA THR B 161 -7.16 -25.68 18.95
C THR B 161 -7.78 -26.74 19.85
N HIS B 162 -7.41 -26.73 21.12
CA HIS B 162 -7.94 -27.66 22.10
C HIS B 162 -8.67 -26.90 23.18
N ILE B 163 -9.82 -27.42 23.61
CA ILE B 163 -10.58 -26.86 24.71
C ILE B 163 -10.68 -27.96 25.76
N CYS B 164 -10.05 -27.73 26.90
CA CYS B 164 -9.88 -28.78 27.91
C CYS B 164 -10.44 -28.34 29.25
N PRO B 165 -11.55 -28.92 29.71
CA PRO B 165 -12.00 -28.66 31.08
C PRO B 165 -11.22 -29.50 32.08
N VAL B 166 -10.98 -28.92 33.25
CA VAL B 166 -10.28 -29.58 34.34
C VAL B 166 -11.03 -29.32 35.63
N TYR B 167 -11.36 -30.39 36.36
CA TYR B 167 -12.08 -30.30 37.62
C TYR B 167 -11.22 -30.87 38.74
N GLU B 168 -11.03 -30.08 39.80
CA GLU B 168 -10.25 -30.48 40.96
C GLU B 168 -8.82 -30.86 40.59
N GLY B 169 -8.27 -30.17 39.58
CA GLY B 169 -6.90 -30.39 39.19
C GLY B 169 -6.64 -31.63 38.36
N PHE B 170 -7.69 -32.38 38.02
CA PHE B 170 -7.56 -33.55 37.16
C PHE B 170 -8.28 -33.28 35.85
N SER B 171 -7.55 -33.44 34.74
CA SER B 171 -8.13 -33.22 33.44
C SER B 171 -9.24 -34.22 33.17
N LEU B 172 -10.30 -33.76 32.50
CA LEU B 172 -11.43 -34.62 32.16
C LEU B 172 -11.37 -34.95 30.68
N PRO B 173 -10.94 -36.16 30.30
CA PRO B 173 -10.84 -36.49 28.87
C PRO B 173 -12.17 -36.47 28.15
N HIS B 174 -13.27 -36.76 28.85
CA HIS B 174 -14.57 -36.87 28.19
C HIS B 174 -15.00 -35.55 27.56
N LEU B 175 -14.81 -34.44 28.27
CA LEU B 175 -15.30 -33.15 27.82
C LEU B 175 -14.33 -32.38 26.95
N THR B 176 -13.10 -32.87 26.80
CA THR B 176 -12.13 -32.18 25.96
C THR B 176 -12.59 -32.21 24.50
N ARG B 177 -12.45 -31.07 23.82
CA ARG B 177 -12.84 -30.97 22.43
C ARG B 177 -11.70 -30.39 21.60
N ARG B 178 -11.70 -30.71 20.32
CA ARG B 178 -10.69 -30.22 19.38
C ARG B 178 -11.39 -29.51 18.22
N LEU B 179 -10.89 -28.32 17.88
CA LEU B 179 -11.32 -27.57 16.72
C LEU B 179 -10.13 -27.47 15.77
N ASP B 180 -10.30 -27.95 14.55
CA ASP B 180 -9.21 -28.03 13.60
C ASP B 180 -8.97 -26.69 12.92
N ILE B 181 -8.84 -25.63 13.70
CA ILE B 181 -8.47 -24.31 13.21
C ILE B 181 -7.42 -23.74 14.14
N ALA B 182 -6.30 -23.31 13.57
CA ALA B 182 -5.18 -22.84 14.38
C ALA B 182 -4.44 -21.77 13.60
N GLY B 183 -3.22 -21.47 14.01
CA GLY B 183 -2.46 -20.39 13.38
C GLY B 183 -2.17 -20.66 11.92
N ARG B 184 -1.93 -21.92 11.56
CA ARG B 184 -1.66 -22.27 10.17
C ARG B 184 -2.87 -21.96 9.28
N ASP B 185 -4.07 -22.34 9.73
CA ASP B 185 -5.26 -22.10 8.93
C ASP B 185 -5.58 -20.62 8.82
N ILE B 186 -5.38 -19.87 9.91
CA ILE B 186 -5.58 -18.42 9.87
C ILE B 186 -4.58 -17.78 8.93
N THR B 187 -3.34 -18.28 8.93
CA THR B 187 -2.33 -17.76 8.01
C THR B 187 -2.71 -18.03 6.56
N ARG B 188 -3.21 -19.23 6.28
CA ARG B 188 -3.66 -19.54 4.93
C ARG B 188 -4.82 -18.65 4.51
N TYR B 189 -5.78 -18.42 5.41
CA TYR B 189 -6.89 -17.53 5.11
C TYR B 189 -6.40 -16.12 4.85
N LEU B 190 -5.42 -15.66 5.63
CA LEU B 190 -4.87 -14.33 5.44
C LEU B 190 -4.16 -14.23 4.09
N ILE B 191 -3.47 -15.29 3.68
CA ILE B 191 -2.86 -15.31 2.35
C ILE B 191 -3.93 -15.19 1.28
N LYS B 192 -5.02 -15.94 1.41
CA LYS B 192 -6.10 -15.86 0.42
C LYS B 192 -6.68 -14.45 0.36
N LEU B 193 -6.91 -13.85 1.53
CA LEU B 193 -7.47 -12.50 1.56
C LEU B 193 -6.50 -11.47 0.99
N LEU B 194 -5.20 -11.68 1.17
CA LEU B 194 -4.21 -10.76 0.61
C LEU B 194 -4.14 -10.90 -0.91
N LEU B 195 -4.27 -12.12 -1.42
CA LEU B 195 -4.44 -12.29 -2.87
C LEU B 195 -5.69 -11.58 -3.37
N LEU B 196 -6.77 -11.62 -2.59
CA LEU B 196 -7.97 -10.89 -2.98
C LEU B 196 -7.71 -9.40 -3.05
N ARG B 197 -6.68 -8.90 -2.37
CA ARG B 197 -6.31 -7.50 -2.44
C ARG B 197 -5.35 -7.18 -3.57
N GLY B 198 -4.92 -8.19 -4.33
CA GLY B 198 -3.98 -7.98 -5.41
C GLY B 198 -2.52 -8.07 -5.04
N TYR B 199 -2.19 -8.77 -3.96
CA TYR B 199 -0.81 -8.92 -3.50
C TYR B 199 -0.31 -10.30 -3.91
N ALA B 200 0.76 -10.34 -4.70
CA ALA B 200 1.26 -11.59 -5.26
C ALA B 200 1.96 -12.37 -4.16
N PHE B 201 1.20 -13.20 -3.47
CA PHE B 201 1.71 -14.06 -2.41
C PHE B 201 1.58 -15.52 -2.81
N ASN B 202 2.35 -16.36 -2.14
CA ASN B 202 2.32 -17.80 -2.38
C ASN B 202 2.13 -18.54 -1.07
N HIS B 203 1.47 -19.70 -1.16
CA HIS B 203 1.15 -20.48 0.03
C HIS B 203 2.33 -21.32 0.52
N SER B 204 3.41 -21.39 -0.23
CA SER B 204 4.58 -22.15 0.17
C SER B 204 5.86 -21.35 0.25
N ALA B 205 5.90 -20.16 -0.34
CA ALA B 205 7.09 -19.32 -0.32
C ALA B 205 6.96 -18.13 0.63
N ASP B 206 5.77 -17.55 0.72
CA ASP B 206 5.53 -16.39 1.57
C ASP B 206 4.66 -16.75 2.76
N PHE B 207 4.86 -17.93 3.31
CA PHE B 207 4.13 -18.33 4.52
C PHE B 207 4.63 -17.58 5.74
N GLU B 208 5.96 -17.44 5.88
CA GLU B 208 6.51 -16.81 7.06
C GLU B 208 6.24 -15.31 7.08
N THR B 209 6.27 -14.67 5.92
CA THR B 209 5.97 -13.23 5.87
C THR B 209 4.53 -12.96 6.30
N VAL B 210 3.59 -13.76 5.79
CA VAL B 210 2.20 -13.58 6.19
C VAL B 210 2.00 -13.96 7.65
N ARG B 211 2.77 -14.93 8.15
CA ARG B 211 2.74 -15.27 9.57
C ARG B 211 3.18 -14.09 10.43
N MET B 212 4.24 -13.40 10.02
CA MET B 212 4.65 -12.20 10.74
C MET B 212 3.61 -11.09 10.63
N ILE B 213 2.98 -10.97 9.46
CA ILE B 213 1.90 -9.99 9.31
C ILE B 213 0.77 -10.28 10.28
N LYS B 214 0.39 -11.56 10.39
CA LYS B 214 -0.68 -11.96 11.30
C LYS B 214 -0.31 -11.67 12.74
N GLU B 215 0.94 -11.95 13.11
CA GLU B 215 1.37 -11.63 14.48
C GLU B 215 1.33 -10.13 14.74
N LYS B 216 1.78 -9.33 13.79
CA LYS B 216 1.99 -7.92 14.09
C LYS B 216 0.72 -7.09 13.94
N LEU B 217 -0.19 -7.49 13.06
CA LEU B 217 -1.34 -6.65 12.72
C LEU B 217 -2.69 -7.30 12.98
N CYS B 218 -2.82 -8.61 12.83
CA CYS B 218 -4.13 -9.25 12.95
C CYS B 218 -4.65 -9.19 14.37
N TYR B 219 -5.97 -9.08 14.49
CA TYR B 219 -6.64 -9.05 15.77
C TYR B 219 -8.04 -9.64 15.61
N VAL B 220 -8.64 -9.98 16.74
CA VAL B 220 -9.98 -10.57 16.76
C VAL B 220 -11.00 -9.45 16.91
N GLY B 221 -11.93 -9.38 15.95
CA GLY B 221 -12.97 -8.39 16.03
C GLY B 221 -13.98 -8.71 17.12
N TYR B 222 -14.60 -7.65 17.65
CA TYR B 222 -15.60 -7.79 18.69
C TYR B 222 -17.00 -7.90 18.12
N ASN B 223 -17.38 -6.95 17.26
CA ASN B 223 -18.63 -6.99 16.52
C ASN B 223 -18.28 -6.95 15.04
N ILE B 224 -18.38 -8.09 14.37
CA ILE B 224 -17.91 -8.20 12.99
C ILE B 224 -18.68 -7.27 12.08
N GLU B 225 -19.96 -7.03 12.37
CA GLU B 225 -20.69 -6.02 11.61
C GLU B 225 -20.05 -4.64 11.78
N GLN B 226 -19.74 -4.29 13.02
CA GLN B 226 -19.15 -2.98 13.29
C GLN B 226 -17.72 -2.89 12.77
N GLU B 227 -16.95 -3.97 12.90
CA GLU B 227 -15.59 -3.97 12.37
C GLU B 227 -15.60 -3.88 10.85
N GLN B 228 -16.53 -4.58 10.19
CA GLN B 228 -16.66 -4.49 8.74
C GLN B 228 -17.08 -3.09 8.32
N LYS B 229 -17.99 -2.46 9.06
CA LYS B 229 -18.35 -1.08 8.77
C LYS B 229 -17.16 -0.16 8.89
N LEU B 230 -16.36 -0.34 9.95
CA LEU B 230 -15.18 0.50 10.14
C LEU B 230 -14.14 0.26 9.05
N ALA B 231 -14.06 -0.97 8.53
CA ALA B 231 -13.11 -1.26 7.46
C ALA B 231 -13.57 -0.68 6.13
N LEU B 232 -14.87 -0.81 5.83
CA LEU B 232 -15.39 -0.37 4.54
C LEU B 232 -15.67 1.12 4.47
N GLU B 233 -15.74 1.82 5.61
CA GLU B 233 -16.01 3.25 5.61
C GLU B 233 -14.90 4.09 6.20
N THR B 234 -13.85 3.49 6.76
CA THR B 234 -12.81 4.26 7.42
C THR B 234 -11.46 3.59 7.19
N THR B 235 -10.41 4.40 7.16
CA THR B 235 -9.05 3.92 6.90
C THR B 235 -8.20 3.89 8.17
N VAL B 236 -8.80 3.59 9.32
CA VAL B 236 -8.03 3.50 10.55
C VAL B 236 -7.46 2.12 10.79
N LEU B 237 -7.99 1.08 10.14
CA LEU B 237 -7.47 -0.26 10.26
C LEU B 237 -6.35 -0.54 9.27
N VAL B 238 -6.01 0.42 8.43
CA VAL B 238 -4.97 0.23 7.41
C VAL B 238 -3.60 0.46 8.05
N GLU B 239 -2.74 -0.55 7.97
CA GLU B 239 -1.39 -0.45 8.49
C GLU B 239 -0.41 -0.93 7.42
N SER B 240 0.74 -0.27 7.35
CA SER B 240 1.75 -0.59 6.35
C SER B 240 2.73 -1.61 6.90
N TYR B 241 3.04 -2.61 6.08
CA TYR B 241 4.03 -3.63 6.42
C TYR B 241 5.10 -3.67 5.32
N THR B 242 6.35 -3.78 5.76
CA THR B 242 7.50 -3.81 4.86
C THR B 242 7.89 -5.27 4.62
N LEU B 243 7.63 -5.76 3.42
CA LEU B 243 8.01 -7.10 3.06
C LEU B 243 9.53 -7.21 2.93
N PRO B 244 10.08 -8.42 3.00
CA PRO B 244 11.54 -8.56 2.88
C PRO B 244 12.10 -8.02 1.57
N ASP B 245 11.30 -7.98 0.52
CA ASP B 245 11.75 -7.44 -0.76
C ASP B 245 11.62 -5.93 -0.86
N GLY B 246 11.17 -5.27 0.20
CA GLY B 246 11.09 -3.83 0.26
C GLY B 246 9.74 -3.25 -0.10
N ARG B 247 8.88 -4.02 -0.75
CA ARG B 247 7.55 -3.52 -1.12
C ARG B 247 6.70 -3.33 0.12
N ILE B 248 6.02 -2.19 0.17
CA ILE B 248 5.13 -1.86 1.29
C ILE B 248 3.72 -2.30 0.93
N ILE B 249 3.11 -3.11 1.78
CA ILE B 249 1.75 -3.59 1.57
C ILE B 249 0.86 -3.03 2.69
N LYS B 250 -0.30 -2.51 2.31
CA LYS B 250 -1.23 -1.90 3.26
C LYS B 250 -2.29 -2.95 3.61
N VAL B 251 -2.21 -3.48 4.81
CA VAL B 251 -3.17 -4.45 5.31
C VAL B 251 -4.23 -3.71 6.09
N GLY B 252 -5.47 -3.79 5.63
CA GLY B 252 -6.55 -3.05 6.23
C GLY B 252 -7.58 -3.92 6.94
N GLY B 253 -8.70 -4.18 6.26
CA GLY B 253 -9.75 -4.96 6.89
C GLY B 253 -9.29 -6.36 7.28
N GLU B 254 -8.47 -6.98 6.45
CA GLU B 254 -8.03 -8.36 6.65
C GLU B 254 -7.35 -8.58 7.99
N ARG B 255 -7.15 -7.52 8.78
CA ARG B 255 -6.63 -7.69 10.13
C ARG B 255 -7.60 -8.48 11.00
N PHE B 256 -8.90 -8.44 10.69
CA PHE B 256 -9.86 -9.11 11.56
C PHE B 256 -10.62 -10.25 10.90
N GLU B 257 -10.66 -10.36 9.57
CA GLU B 257 -11.26 -11.56 9.00
C GLU B 257 -10.36 -12.79 9.15
N ALA B 258 -9.04 -12.59 9.20
CA ALA B 258 -8.15 -13.74 9.35
C ALA B 258 -8.39 -14.48 10.66
N PRO B 259 -8.44 -13.84 11.83
CA PRO B 259 -8.76 -14.60 13.05
C PRO B 259 -10.22 -14.98 13.18
N GLU B 260 -11.10 -14.34 12.43
CA GLU B 260 -12.52 -14.68 12.50
C GLU B 260 -12.80 -16.11 12.10
N ALA B 261 -11.87 -16.74 11.38
CA ALA B 261 -12.03 -18.15 11.05
C ALA B 261 -12.17 -19.02 12.30
N LEU B 262 -11.62 -18.56 13.43
CA LEU B 262 -11.78 -19.31 14.67
C LEU B 262 -13.24 -19.39 15.09
N PHE B 263 -13.99 -18.30 14.91
CA PHE B 263 -15.39 -18.27 15.30
C PHE B 263 -16.33 -18.71 14.19
N GLN B 264 -15.94 -18.54 12.94
CA GLN B 264 -16.76 -18.93 11.79
C GLN B 264 -15.92 -19.84 10.91
N PRO B 265 -15.93 -21.16 11.17
CA PRO B 265 -15.10 -22.07 10.38
C PRO B 265 -15.43 -22.09 8.90
N HIS B 266 -16.68 -21.79 8.54
CA HIS B 266 -17.09 -21.87 7.14
C HIS B 266 -16.30 -20.92 6.24
N LEU B 267 -15.66 -19.90 6.82
CA LEU B 267 -14.85 -18.99 6.03
C LEU B 267 -13.61 -19.66 5.45
N ILE B 268 -13.17 -20.78 6.04
CA ILE B 268 -12.03 -21.51 5.53
C ILE B 268 -12.43 -22.91 5.07
N ASN B 269 -13.72 -23.14 4.82
CA ASN B 269 -14.23 -24.41 4.33
C ASN B 269 -13.91 -25.55 5.29
N VAL B 270 -14.26 -25.36 6.56
CA VAL B 270 -14.09 -26.38 7.58
C VAL B 270 -15.42 -26.56 8.29
N GLU B 271 -15.87 -27.81 8.42
CA GLU B 271 -17.11 -28.11 9.12
C GLU B 271 -16.86 -28.00 10.62
N GLY B 272 -17.70 -27.22 11.30
CA GLY B 272 -17.50 -27.01 12.72
C GLY B 272 -18.58 -26.10 13.29
N VAL B 273 -18.30 -25.57 14.48
CA VAL B 273 -19.25 -24.71 15.17
C VAL B 273 -18.58 -23.41 15.58
N GLY B 274 -17.27 -23.37 15.56
CA GLY B 274 -16.55 -22.21 16.03
C GLY B 274 -16.05 -22.40 17.44
N VAL B 275 -15.00 -21.65 17.78
CA VAL B 275 -14.34 -21.85 19.07
C VAL B 275 -15.27 -21.50 20.22
N ALA B 276 -16.03 -20.42 20.10
CA ALA B 276 -16.91 -20.02 21.19
C ALA B 276 -18.08 -20.98 21.34
N GLU B 277 -18.71 -21.36 20.23
CA GLU B 277 -19.81 -22.32 20.32
C GLU B 277 -19.31 -23.67 20.83
N LEU B 278 -18.12 -24.09 20.39
CA LEU B 278 -17.56 -25.34 20.88
C LEU B 278 -17.30 -25.28 22.38
N LEU B 279 -16.76 -24.15 22.86
CA LEU B 279 -16.49 -23.99 24.28
C LEU B 279 -17.77 -24.02 25.09
N PHE B 280 -18.80 -23.32 24.61
CA PHE B 280 -20.07 -23.33 25.32
C PHE B 280 -20.68 -24.73 25.35
N ASN B 281 -20.61 -25.45 24.23
CA ASN B 281 -21.17 -26.80 24.18
C ASN B 281 -20.41 -27.73 25.12
N THR B 282 -19.08 -27.64 25.15
CA THR B 282 -18.31 -28.56 25.98
C THR B 282 -18.46 -28.23 27.46
N ILE B 283 -18.73 -26.97 27.81
CA ILE B 283 -19.09 -26.68 29.19
C ILE B 283 -20.48 -27.22 29.51
N GLN B 284 -21.44 -27.00 28.61
CA GLN B 284 -22.81 -27.43 28.87
C GLN B 284 -22.94 -28.94 28.90
N ALA B 285 -21.98 -29.67 28.36
CA ALA B 285 -21.99 -31.13 28.42
C ALA B 285 -21.41 -31.65 29.73
N ALA B 286 -21.18 -30.80 30.72
CA ALA B 286 -20.58 -31.18 31.99
C ALA B 286 -21.63 -31.25 33.08
N ASP B 287 -21.17 -31.49 34.31
CA ASP B 287 -22.05 -31.55 35.45
C ASP B 287 -22.64 -30.16 35.73
N ILE B 288 -23.86 -30.15 36.27
CA ILE B 288 -24.57 -28.90 36.49
C ILE B 288 -23.87 -28.06 37.57
N ASP B 289 -23.34 -28.73 38.60
CA ASP B 289 -22.71 -28.00 39.70
C ASP B 289 -21.45 -27.27 39.23
N THR B 290 -20.67 -27.89 38.36
CA THR B 290 -19.38 -27.35 37.96
C THR B 290 -19.44 -26.31 36.85
N ARG B 291 -20.64 -26.07 36.29
CA ARG B 291 -20.74 -25.15 35.16
C ARG B 291 -20.37 -23.74 35.57
N SER B 292 -20.85 -23.29 36.74
CA SER B 292 -20.54 -21.94 37.20
C SER B 292 -19.05 -21.77 37.44
N GLU B 293 -18.42 -22.78 38.04
CA GLU B 293 -16.98 -22.69 38.27
C GLU B 293 -16.20 -22.68 36.96
N PHE B 294 -16.64 -23.47 35.97
CA PHE B 294 -15.96 -23.48 34.68
C PHE B 294 -16.10 -22.13 33.97
N TYR B 295 -17.29 -21.52 34.04
CA TYR B 295 -17.49 -20.18 33.47
C TYR B 295 -16.46 -19.19 33.99
N LYS B 296 -16.26 -19.15 35.29
CA LYS B 296 -15.50 -18.07 35.92
C LYS B 296 -13.98 -18.28 35.82
N HIS B 297 -13.52 -19.40 35.28
CA HIS B 297 -12.08 -19.66 35.21
C HIS B 297 -11.70 -20.23 33.86
N ILE B 298 -12.22 -19.65 32.79
CA ILE B 298 -11.82 -20.03 31.44
C ILE B 298 -10.54 -19.28 31.11
N VAL B 299 -9.45 -20.01 30.91
CA VAL B 299 -8.13 -19.43 30.70
C VAL B 299 -7.67 -19.75 29.29
N LEU B 300 -7.06 -18.77 28.64
CA LEU B 300 -6.50 -18.95 27.32
C LEU B 300 -5.02 -19.27 27.41
N SER B 301 -4.54 -20.06 26.44
CA SER B 301 -3.13 -20.41 26.38
C SER B 301 -2.78 -20.70 24.92
N GLY B 302 -1.48 -20.66 24.64
CA GLY B 302 -1.00 -20.89 23.29
C GLY B 302 -0.80 -19.59 22.52
N GLY B 303 0.00 -19.69 21.46
CA GLY B 303 0.32 -18.52 20.67
C GLY B 303 -0.87 -17.96 19.91
N SER B 304 -1.75 -18.84 19.43
CA SER B 304 -2.86 -18.41 18.60
C SER B 304 -3.93 -17.65 19.38
N THR B 305 -3.82 -17.59 20.71
CA THR B 305 -4.76 -16.84 21.53
C THR B 305 -4.21 -15.48 21.95
N MET B 306 -3.12 -15.02 21.35
CA MET B 306 -2.56 -13.71 21.66
C MET B 306 -3.21 -12.59 20.88
N TYR B 307 -4.21 -12.91 20.06
CA TYR B 307 -4.88 -11.89 19.29
C TYR B 307 -5.54 -10.87 20.23
N PRO B 308 -5.40 -9.58 19.95
CA PRO B 308 -6.14 -8.59 20.74
C PRO B 308 -7.64 -8.80 20.61
N GLY B 309 -8.34 -8.68 21.73
CA GLY B 309 -9.77 -8.77 21.74
C GLY B 309 -10.34 -10.17 21.76
N LEU B 310 -9.50 -11.20 21.76
CA LEU B 310 -10.03 -12.56 21.81
C LEU B 310 -10.80 -12.86 23.09
N PRO B 311 -10.29 -12.54 24.29
CA PRO B 311 -11.12 -12.79 25.48
C PRO B 311 -12.44 -12.05 25.46
N SER B 312 -12.45 -10.80 25.00
CA SER B 312 -13.69 -10.05 24.93
C SER B 312 -14.67 -10.68 23.95
N ARG B 313 -14.18 -11.13 22.79
CA ARG B 313 -15.04 -11.78 21.82
C ARG B 313 -15.59 -13.10 22.35
N LEU B 314 -14.75 -13.89 23.01
CA LEU B 314 -15.24 -15.14 23.59
C LEU B 314 -16.29 -14.87 24.66
N GLU B 315 -16.06 -13.85 25.50
CA GLU B 315 -17.06 -13.52 26.52
C GLU B 315 -18.37 -13.09 25.88
N ARG B 316 -18.30 -12.25 24.84
CA ARG B 316 -19.53 -11.79 24.19
C ARG B 316 -20.27 -12.95 23.55
N GLU B 317 -19.56 -13.85 22.87
CA GLU B 317 -20.24 -14.92 22.16
C GLU B 317 -20.79 -15.95 23.14
N LEU B 318 -20.08 -16.21 24.24
CA LEU B 318 -20.62 -17.11 25.26
C LEU B 318 -21.84 -16.51 25.92
N LYS B 319 -21.84 -15.20 26.16
CA LYS B 319 -23.02 -14.55 26.72
C LYS B 319 -24.19 -14.62 25.75
N GLN B 320 -23.94 -14.43 24.46
CA GLN B 320 -25.00 -14.54 23.46
C GLN B 320 -25.56 -15.95 23.42
N LEU B 321 -24.70 -16.96 23.50
CA LEU B 321 -25.16 -18.34 23.51
C LEU B 321 -25.96 -18.64 24.77
N TYR B 322 -25.52 -18.10 25.92
CA TYR B 322 -26.27 -18.29 27.16
C TYR B 322 -27.64 -17.65 27.06
N LEU B 323 -27.72 -16.47 26.45
CA LEU B 323 -29.00 -15.81 26.24
C LEU B 323 -29.90 -16.62 25.32
N GLU B 324 -29.31 -17.22 24.28
CA GLU B 324 -30.13 -17.87 23.26
C GLU B 324 -30.60 -19.25 23.71
N ARG B 325 -29.68 -20.13 24.11
CA ARG B 325 -30.01 -21.54 24.30
C ARG B 325 -29.93 -21.98 25.76
N VAL B 326 -29.90 -21.04 26.70
CA VAL B 326 -30.08 -21.38 28.11
C VAL B 326 -31.18 -20.49 28.68
N LEU B 327 -31.04 -19.17 28.51
CA LEU B 327 -32.07 -18.26 28.97
C LEU B 327 -33.29 -18.27 28.06
N LYS B 328 -33.10 -18.60 26.78
CA LYS B 328 -34.16 -18.65 25.79
C LYS B 328 -34.84 -17.28 25.64
N GLY B 329 -34.01 -16.28 25.38
CA GLY B 329 -34.50 -14.98 24.97
C GLY B 329 -34.52 -13.90 26.03
N ASP B 330 -34.91 -14.23 27.26
CA ASP B 330 -35.02 -13.20 28.28
C ASP B 330 -33.63 -12.74 28.72
N VAL B 331 -33.58 -11.51 29.23
CA VAL B 331 -32.33 -10.88 29.62
C VAL B 331 -32.21 -10.66 31.12
N GLU B 332 -33.26 -10.98 31.88
CA GLU B 332 -33.26 -10.67 33.30
C GLU B 332 -32.15 -11.41 34.04
N LYS B 333 -31.96 -12.69 33.72
CA LYS B 333 -30.98 -13.51 34.42
C LYS B 333 -29.60 -13.49 33.79
N LEU B 334 -29.41 -12.71 32.71
CA LEU B 334 -28.11 -12.66 32.06
C LEU B 334 -27.06 -12.01 32.94
N SER B 335 -27.46 -11.03 33.77
CA SER B 335 -26.49 -10.39 34.66
C SER B 335 -25.89 -11.37 35.66
N LYS B 336 -26.64 -12.40 36.04
CA LYS B 336 -26.13 -13.41 36.96
C LYS B 336 -25.08 -14.30 36.31
N PHE B 337 -24.99 -14.32 34.98
CA PHE B 337 -24.00 -15.11 34.26
C PHE B 337 -22.63 -14.48 34.47
N LYS B 338 -21.86 -15.04 35.40
CA LYS B 338 -20.53 -14.54 35.71
C LYS B 338 -19.50 -15.30 34.89
N ILE B 339 -18.90 -14.62 33.92
CA ILE B 339 -17.87 -15.20 33.07
C ILE B 339 -16.64 -14.31 33.15
N ARG B 340 -15.47 -14.93 33.35
CA ARG B 340 -14.22 -14.21 33.58
C ARG B 340 -13.15 -14.89 32.74
N ILE B 341 -13.02 -14.46 31.50
CA ILE B 341 -12.09 -15.05 30.53
C ILE B 341 -10.88 -14.13 30.52
N GLU B 342 -9.79 -14.55 31.14
CA GLU B 342 -8.59 -13.72 31.26
C GLU B 342 -7.43 -14.39 30.53
N ASP B 343 -6.83 -13.65 29.60
CA ASP B 343 -5.57 -14.08 29.02
C ASP B 343 -4.42 -13.62 29.91
N PRO B 344 -3.65 -14.55 30.47
CA PRO B 344 -2.61 -14.16 31.42
C PRO B 344 -1.46 -13.48 30.70
N PRO B 345 -0.94 -12.39 31.26
CA PRO B 345 0.19 -11.70 30.60
C PRO B 345 1.43 -12.56 30.47
N ARG B 346 1.70 -13.41 31.45
CA ARG B 346 2.87 -14.30 31.41
C ARG B 346 2.58 -15.54 30.57
N ARG B 347 2.15 -15.32 29.33
CA ARG B 347 1.71 -16.46 28.52
C ARG B 347 2.89 -17.25 27.96
N LYS B 348 4.04 -16.60 27.79
CA LYS B 348 5.13 -17.20 27.04
C LYS B 348 5.60 -18.51 27.68
N HIS B 349 5.75 -18.52 29.00
CA HIS B 349 6.30 -19.67 29.70
C HIS B 349 5.30 -20.34 30.64
N MET B 350 4.02 -20.37 30.27
CA MET B 350 2.99 -20.88 31.17
C MET B 350 3.23 -22.33 31.53
N VAL B 351 3.55 -23.16 30.54
CA VAL B 351 3.73 -24.59 30.77
C VAL B 351 4.93 -24.85 31.68
N PHE B 352 6.03 -24.11 31.46
CA PHE B 352 7.20 -24.30 32.31
C PHE B 352 6.92 -23.88 33.76
N LEU B 353 6.24 -22.75 33.95
CA LEU B 353 5.91 -22.32 35.31
C LEU B 353 4.96 -23.30 35.97
N GLY B 354 4.00 -23.85 35.22
CA GLY B 354 3.14 -24.87 35.80
C GLY B 354 3.92 -26.10 36.22
N GLY B 355 4.87 -26.52 35.37
CA GLY B 355 5.70 -27.65 35.73
C GLY B 355 6.54 -27.38 36.97
N ALA B 356 7.11 -26.17 37.06
CA ALA B 356 7.91 -25.81 38.21
C ALA B 356 7.08 -25.80 39.48
N VAL B 357 5.87 -25.24 39.41
CA VAL B 357 5.00 -25.22 40.59
C VAL B 357 4.63 -26.63 41.01
N LEU B 358 4.23 -27.47 40.04
CA LEU B 358 3.81 -28.82 40.37
C LEU B 358 4.95 -29.64 40.94
N ALA B 359 6.16 -29.48 40.39
CA ALA B 359 7.31 -30.27 40.82
C ALA B 359 8.09 -29.61 41.95
N ASP B 360 7.65 -28.46 42.44
CA ASP B 360 8.30 -27.82 43.60
C ASP B 360 7.42 -27.83 44.84
N ILE B 361 6.13 -27.47 44.72
CA ILE B 361 5.31 -27.36 45.91
C ILE B 361 4.98 -28.72 46.52
N MET B 362 5.08 -29.80 45.75
CA MET B 362 4.64 -31.11 46.22
C MET B 362 5.60 -32.22 45.80
N LYS B 363 6.86 -31.88 45.52
CA LYS B 363 7.83 -32.87 45.06
C LYS B 363 8.08 -33.95 46.10
N ASP B 364 8.12 -33.58 47.38
CA ASP B 364 8.50 -34.51 48.44
C ASP B 364 7.49 -35.64 48.66
N LYS B 365 6.41 -35.75 47.89
CA LYS B 365 5.47 -36.84 48.06
C LYS B 365 6.05 -38.14 47.49
N ASP B 366 5.42 -39.26 47.86
CA ASP B 366 5.87 -40.58 47.44
C ASP B 366 4.94 -41.25 46.45
N ASN B 367 3.64 -41.30 46.77
CA ASN B 367 2.67 -41.96 45.90
C ASN B 367 2.43 -41.20 44.60
N PHE B 368 2.90 -39.95 44.50
CA PHE B 368 2.64 -39.15 43.31
C PHE B 368 3.51 -39.59 42.14
N TRP B 369 4.82 -39.66 42.35
CA TRP B 369 5.74 -40.01 41.27
C TRP B 369 5.53 -41.45 40.82
N MET B 370 5.67 -41.68 39.52
CA MET B 370 5.74 -43.02 38.97
C MET B 370 7.20 -43.41 38.83
N THR B 371 7.64 -44.39 39.61
CA THR B 371 9.04 -44.74 39.72
C THR B 371 9.36 -45.97 38.88
N ARG B 372 10.67 -46.18 38.69
CA ARG B 372 11.13 -47.32 37.90
C ARG B 372 10.75 -48.66 38.54
N GLN B 373 10.66 -48.69 39.87
CA GLN B 373 10.24 -49.91 40.54
C GLN B 373 8.81 -50.28 40.17
N GLU B 374 7.93 -49.28 40.10
CA GLU B 374 6.56 -49.53 39.65
C GLU B 374 6.53 -49.99 38.20
N TYR B 375 7.41 -49.42 37.36
CA TYR B 375 7.48 -49.85 35.97
C TYR B 375 7.92 -51.31 35.86
N GLN B 376 8.87 -51.74 36.69
CA GLN B 376 9.39 -53.09 36.67
C GLN B 376 8.57 -54.05 37.52
N GLU B 377 7.32 -53.72 37.80
CA GLU B 377 6.46 -54.58 38.60
C GLU B 377 6.07 -55.84 37.84
N ALA C 2 12.56 27.01 29.21
CA ALA C 2 13.64 26.09 28.92
C ALA C 2 13.12 24.88 28.14
N TYR C 3 13.01 25.03 26.83
CA TYR C 3 12.41 24.01 25.98
C TYR C 3 13.49 23.12 25.39
N HIS C 4 13.28 21.80 25.49
CA HIS C 4 14.16 20.81 24.87
C HIS C 4 13.30 19.83 24.10
N SER C 5 13.66 19.59 22.83
CA SER C 5 12.90 18.69 21.97
C SER C 5 13.60 17.34 21.98
N PHE C 6 13.14 16.44 22.85
CA PHE C 6 13.77 15.14 22.99
C PHE C 6 13.67 14.34 21.71
N LEU C 7 12.49 14.31 21.10
CA LEU C 7 12.31 13.63 19.82
C LEU C 7 11.00 14.11 19.20
N VAL C 8 10.84 13.81 17.91
CA VAL C 8 9.74 14.38 17.14
C VAL C 8 8.40 13.78 17.58
N GLU C 9 8.35 12.47 17.80
CA GLU C 9 7.10 11.83 18.14
C GLU C 9 6.68 12.18 19.57
N PRO C 10 5.38 12.10 19.87
CA PRO C 10 4.90 12.57 21.17
C PRO C 10 5.49 11.78 22.33
N ILE C 11 5.61 12.45 23.47
CA ILE C 11 6.00 11.83 24.73
C ILE C 11 4.73 11.52 25.50
N SER C 12 4.45 10.23 25.71
CA SER C 12 3.23 9.84 26.40
C SER C 12 3.24 10.32 27.84
N CYS C 13 4.33 10.07 28.55
CA CYS C 13 4.45 10.46 29.95
C CYS C 13 5.92 10.53 30.34
N HIS C 14 6.19 11.28 31.41
CA HIS C 14 7.55 11.50 31.86
C HIS C 14 7.60 11.43 33.38
N ALA C 15 8.77 11.07 33.90
CA ALA C 15 8.98 10.98 35.34
C ALA C 15 10.43 11.31 35.66
N TRP C 16 10.63 12.19 36.64
CA TRP C 16 11.97 12.56 37.09
C TRP C 16 12.38 11.72 38.29
N ASN C 17 13.66 11.81 38.63
CA ASN C 17 14.20 11.12 39.79
C ASN C 17 14.38 12.10 40.94
N LYS C 18 14.98 11.63 42.04
CA LYS C 18 15.13 12.47 43.23
C LYS C 18 16.04 13.65 42.96
N ASP C 19 17.16 13.42 42.28
CA ASP C 19 18.13 14.48 42.01
C ASP C 19 17.77 15.33 40.81
N ARG C 20 16.68 15.01 40.12
CA ARG C 20 16.25 15.71 38.91
C ARG C 20 17.36 15.73 37.86
N THR C 21 18.10 14.62 37.77
CA THR C 21 19.15 14.47 36.79
C THR C 21 18.86 13.41 35.74
N GLN C 22 17.89 12.54 35.97
CA GLN C 22 17.48 11.54 34.99
C GLN C 22 15.98 11.65 34.77
N ILE C 23 15.57 11.58 33.50
CA ILE C 23 14.17 11.68 33.11
C ILE C 23 13.81 10.45 32.29
N ALA C 24 12.74 9.76 32.71
CA ALA C 24 12.25 8.59 32.01
C ALA C 24 10.98 8.98 31.25
N ILE C 25 11.00 8.79 29.93
CA ILE C 25 9.92 9.23 29.07
C ILE C 25 9.45 8.08 28.21
N CYS C 26 8.17 8.13 27.84
CA CYS C 26 7.62 7.17 26.90
C CYS C 26 7.44 7.85 25.55
N PRO C 27 8.24 7.52 24.54
CA PRO C 27 8.18 8.21 23.24
C PRO C 27 7.09 7.67 22.31
N ASN C 28 5.87 7.57 22.82
CA ASN C 28 4.74 6.99 22.09
C ASN C 28 5.13 5.62 21.54
N ASN C 29 5.54 4.75 22.46
CA ASN C 29 6.14 3.47 22.09
C ASN C 29 6.04 2.55 23.29
N HIS C 30 6.32 1.27 23.06
CA HIS C 30 6.34 0.29 24.13
C HIS C 30 7.64 0.28 24.91
N GLU C 31 8.43 1.35 24.80
CA GLU C 31 9.73 1.44 25.44
C GLU C 31 9.78 2.67 26.32
N VAL C 32 10.62 2.61 27.35
CA VAL C 32 10.85 3.73 28.26
C VAL C 32 12.30 4.15 28.13
N HIS C 33 12.53 5.40 27.77
CA HIS C 33 13.87 5.91 27.55
C HIS C 33 14.28 6.80 28.73
N ILE C 34 15.41 6.48 29.34
CA ILE C 34 15.95 7.24 30.45
C ILE C 34 17.11 8.08 29.95
N TYR C 35 16.94 9.39 29.98
CA TYR C 35 17.93 10.37 29.60
C TYR C 35 18.58 10.96 30.85
N GLU C 36 19.87 11.29 30.72
CA GLU C 36 20.60 11.94 31.80
C GLU C 36 21.43 13.08 31.25
N LYS C 37 21.76 14.04 32.12
CA LYS C 37 22.48 15.24 31.72
C LYS C 37 23.97 14.96 31.81
N SER C 38 24.64 14.98 30.66
CA SER C 38 26.09 14.81 30.56
C SER C 38 26.68 16.14 30.14
N GLY C 39 26.96 16.99 31.14
CA GLY C 39 27.42 18.33 30.87
C GLY C 39 26.27 19.31 30.74
N ASN C 40 25.88 19.61 29.50
CA ASN C 40 24.76 20.50 29.24
C ASN C 40 23.78 19.93 28.22
N LYS C 41 23.94 18.67 27.82
CA LYS C 41 23.08 18.05 26.83
C LYS C 41 22.53 16.74 27.37
N TRP C 42 21.35 16.36 26.89
CA TRP C 42 20.69 15.14 27.31
C TRP C 42 21.17 13.97 26.45
N VAL C 43 21.66 12.92 27.09
CA VAL C 43 22.12 11.72 26.41
C VAL C 43 21.22 10.57 26.83
N GLN C 44 20.62 9.90 25.84
CA GLN C 44 19.80 8.74 26.11
C GLN C 44 20.69 7.60 26.60
N VAL C 45 20.58 7.25 27.87
CA VAL C 45 21.50 6.31 28.48
C VAL C 45 20.85 4.99 28.87
N HIS C 46 19.53 4.94 29.04
CA HIS C 46 18.89 3.66 29.37
C HIS C 46 17.68 3.42 28.50
N GLU C 47 17.46 2.15 28.14
CA GLU C 47 16.32 1.74 27.34
C GLU C 47 15.64 0.58 28.06
N LEU C 48 14.33 0.72 28.29
CA LEU C 48 13.54 -0.26 29.03
C LEU C 48 12.53 -0.84 28.06
N LYS C 49 12.69 -2.12 27.72
CA LYS C 49 11.89 -2.78 26.69
C LYS C 49 11.33 -4.08 27.25
N GLU C 50 10.17 -4.00 27.90
CA GLU C 50 9.46 -5.20 28.32
C GLU C 50 7.96 -5.16 28.05
N HIS C 51 7.40 -4.00 27.74
CA HIS C 51 5.97 -3.90 27.51
C HIS C 51 5.61 -4.38 26.11
N ASN C 52 4.53 -5.14 26.02
CA ASN C 52 4.03 -5.63 24.74
C ASN C 52 3.14 -4.62 24.03
N GLY C 53 2.89 -3.46 24.65
CA GLY C 53 2.04 -2.46 24.05
C GLY C 53 2.45 -1.09 24.53
N GLN C 54 1.70 -0.08 24.07
CA GLN C 54 2.04 1.31 24.37
C GLN C 54 2.04 1.56 25.86
N VAL C 55 3.11 2.19 26.35
CA VAL C 55 3.19 2.57 27.76
C VAL C 55 2.34 3.82 27.99
N THR C 56 1.46 3.75 28.99
CA THR C 56 0.55 4.85 29.27
C THR C 56 0.88 5.64 30.51
N GLY C 57 1.68 5.10 31.42
CA GLY C 57 2.02 5.80 32.64
C GLY C 57 3.37 5.38 33.16
N ILE C 58 4.16 6.37 33.59
CA ILE C 58 5.46 6.15 34.20
C ILE C 58 5.54 6.98 35.47
N ASP C 59 5.94 6.37 36.56
CA ASP C 59 6.27 7.09 37.79
C ASP C 59 7.60 6.59 38.32
N TRP C 60 8.28 7.45 39.07
CA TRP C 60 9.62 7.15 39.59
C TRP C 60 9.64 7.49 41.08
N ALA C 61 9.56 6.47 41.90
CA ALA C 61 9.70 6.64 43.33
C ALA C 61 11.14 7.02 43.65
N PRO C 62 11.38 8.20 44.23
CA PRO C 62 12.75 8.69 44.43
C PRO C 62 13.55 7.90 45.45
N ASP C 63 13.02 7.74 46.65
CA ASP C 63 13.80 7.14 47.73
C ASP C 63 14.20 5.71 47.40
N SER C 64 13.25 4.93 46.88
CA SER C 64 13.57 3.57 46.44
C SER C 64 14.13 3.54 45.03
N ASN C 65 14.09 4.67 44.31
CA ASN C 65 14.58 4.76 42.94
C ASN C 65 13.94 3.69 42.06
N ARG C 66 12.63 3.51 42.22
CA ARG C 66 11.92 2.43 41.55
C ARG C 66 10.95 3.02 40.51
N ILE C 67 11.05 2.56 39.27
CA ILE C 67 10.26 3.11 38.18
C ILE C 67 9.11 2.16 37.88
N VAL C 68 7.88 2.60 38.13
CA VAL C 68 6.70 1.80 37.82
C VAL C 68 6.15 2.26 36.48
N THR C 69 5.96 1.31 35.56
CA THR C 69 5.48 1.59 34.22
C THR C 69 4.27 0.73 33.93
N CYS C 70 3.18 1.37 33.51
CA CYS C 70 1.95 0.69 33.13
C CYS C 70 1.59 1.06 31.70
N GLY C 71 1.06 0.09 30.96
CA GLY C 71 0.77 0.30 29.55
C GLY C 71 -0.54 -0.36 29.15
N THR C 72 -0.85 -0.24 27.85
CA THR C 72 -2.04 -0.85 27.28
C THR C 72 -1.99 -2.37 27.29
N ASP C 73 -0.83 -2.97 27.56
CA ASP C 73 -0.70 -4.40 27.60
C ASP C 73 -1.23 -5.02 28.89
N ARG C 74 -2.00 -4.26 29.68
CA ARG C 74 -2.60 -4.75 30.92
C ARG C 74 -1.55 -5.15 31.94
N ASN C 75 -0.38 -4.52 31.89
CA ASN C 75 0.74 -4.91 32.74
C ASN C 75 1.35 -3.70 33.42
N ALA C 76 1.88 -3.94 34.61
CA ALA C 76 2.70 -2.99 35.34
C ALA C 76 4.03 -3.64 35.63
N TYR C 77 5.11 -2.88 35.49
CA TYR C 77 6.45 -3.37 35.75
C TYR C 77 7.15 -2.42 36.70
N VAL C 78 7.75 -2.97 37.75
CA VAL C 78 8.54 -2.19 38.69
C VAL C 78 10.00 -2.42 38.32
N TRP C 79 10.60 -1.44 37.66
CA TRP C 79 12.00 -1.47 37.29
C TRP C 79 12.87 -1.02 38.44
N THR C 80 13.87 -1.82 38.77
CA THR C 80 14.86 -1.50 39.78
C THR C 80 16.24 -1.53 39.14
N LEU C 81 17.10 -0.59 39.53
CA LEU C 81 18.44 -0.48 38.96
C LEU C 81 19.38 -1.38 39.76
N LYS C 82 19.69 -2.55 39.21
CA LYS C 82 20.61 -3.48 39.82
C LYS C 82 21.85 -3.61 38.94
N GLY C 83 23.02 -3.71 39.57
CA GLY C 83 24.25 -3.67 38.83
C GLY C 83 24.37 -2.35 38.10
N ARG C 84 24.20 -2.39 36.78
CA ARG C 84 24.12 -1.18 35.97
C ARG C 84 22.88 -1.13 35.11
N THR C 85 22.00 -2.12 35.21
CA THR C 85 20.85 -2.24 34.31
C THR C 85 19.56 -2.18 35.10
N TRP C 86 18.50 -1.73 34.43
CA TRP C 86 17.16 -1.69 35.00
C TRP C 86 16.45 -3.00 34.71
N LYS C 87 16.15 -3.78 35.75
CA LYS C 87 15.41 -4.99 35.51
C LYS C 87 14.01 -4.90 36.10
N PRO C 88 13.01 -5.48 35.41
CA PRO C 88 11.63 -5.35 35.86
C PRO C 88 11.14 -6.51 36.73
N THR C 89 10.27 -6.20 37.67
CA THR C 89 9.46 -7.19 38.37
C THR C 89 8.01 -6.99 37.93
N LEU C 90 7.38 -8.09 37.49
CA LEU C 90 6.02 -8.02 37.00
C LEU C 90 5.05 -7.75 38.15
N VAL C 91 3.99 -7.01 37.84
CA VAL C 91 2.95 -6.69 38.81
C VAL C 91 1.64 -7.18 38.22
N ILE C 92 1.04 -8.17 38.85
CA ILE C 92 -0.26 -8.66 38.41
C ILE C 92 -1.32 -7.63 38.81
N LEU C 93 -2.02 -7.09 37.83
CA LEU C 93 -3.07 -6.11 38.07
C LEU C 93 -4.46 -6.73 38.09
N ARG C 94 -4.63 -7.91 37.50
CA ARG C 94 -5.91 -8.60 37.44
C ARG C 94 -6.97 -7.72 36.80
N ILE C 95 -6.57 -6.94 35.80
CA ILE C 95 -7.47 -6.07 35.06
C ILE C 95 -7.61 -6.62 33.64
N ASN C 96 -8.84 -6.73 33.16
CA ASN C 96 -9.09 -7.22 31.82
C ASN C 96 -8.94 -6.13 30.76
N ARG C 97 -8.84 -4.87 31.16
CA ARG C 97 -8.67 -3.75 30.23
C ARG C 97 -7.28 -3.15 30.43
N ALA C 98 -7.03 -2.05 29.72
CA ALA C 98 -5.70 -1.46 29.67
C ALA C 98 -5.52 -0.43 30.78
N ALA C 99 -4.35 -0.46 31.39
CA ALA C 99 -3.99 0.52 32.40
C ALA C 99 -3.72 1.87 31.77
N ARG C 100 -4.04 2.93 32.50
CA ARG C 100 -3.85 4.28 31.99
C ARG C 100 -2.86 5.11 32.80
N CYS C 101 -3.06 5.25 34.10
CA CYS C 101 -2.21 6.12 34.90
C CYS C 101 -1.63 5.36 36.07
N VAL C 102 -0.39 5.68 36.44
CA VAL C 102 0.26 5.06 37.58
C VAL C 102 0.95 6.13 38.41
N ARG C 103 0.79 6.05 39.73
CA ARG C 103 1.41 6.98 40.66
C ARG C 103 1.87 6.26 41.91
N TRP C 104 3.10 6.55 42.33
CA TRP C 104 3.65 6.00 43.56
C TRP C 104 3.05 6.70 44.77
N ALA C 105 3.05 6.00 45.89
CA ALA C 105 2.64 6.58 47.16
C ALA C 105 3.73 7.52 47.68
N PRO C 106 3.36 8.49 48.52
CA PRO C 106 4.38 9.39 49.10
C PRO C 106 5.44 8.65 49.89
N ASN C 107 5.09 7.57 50.58
CA ASN C 107 6.06 6.75 51.28
C ASN C 107 6.60 5.61 50.43
N GLU C 108 6.19 5.53 49.16
CA GLU C 108 6.67 4.56 48.18
C GLU C 108 6.33 3.13 48.57
N LYS C 109 5.39 2.93 49.48
CA LYS C 109 4.98 1.59 49.87
C LYS C 109 3.98 0.96 48.91
N LYS C 110 3.19 1.76 48.22
CA LYS C 110 2.20 1.26 47.28
C LYS C 110 2.21 2.14 46.04
N PHE C 111 1.59 1.65 44.97
CA PHE C 111 1.35 2.48 43.80
C PHE C 111 -0.02 2.17 43.22
N ALA C 112 -0.66 3.23 42.71
CA ALA C 112 -2.01 3.14 42.17
C ALA C 112 -1.97 3.16 40.66
N VAL C 113 -2.72 2.24 40.05
CA VAL C 113 -2.82 2.10 38.60
C VAL C 113 -4.29 2.24 38.25
N GLY C 114 -4.69 3.41 37.77
CA GLY C 114 -6.04 3.60 37.28
C GLY C 114 -6.14 3.11 35.86
N SER C 115 -7.09 2.21 35.61
CA SER C 115 -7.18 1.51 34.34
C SER C 115 -8.55 1.69 33.71
N GLY C 116 -8.73 1.08 32.54
CA GLY C 116 -9.93 1.15 31.75
C GLY C 116 -11.02 0.18 32.13
N SER C 117 -10.78 -0.67 33.13
CA SER C 117 -11.78 -1.60 33.63
C SER C 117 -12.59 -0.99 34.76
N ARG C 118 -12.78 0.33 34.74
CA ARG C 118 -13.36 1.12 35.82
C ARG C 118 -12.86 0.65 37.19
N VAL C 119 -11.53 0.51 37.29
CA VAL C 119 -10.88 0.08 38.52
C VAL C 119 -9.60 0.88 38.75
N ILE C 120 -9.21 0.95 40.02
CA ILE C 120 -7.88 1.41 40.42
C ILE C 120 -7.23 0.26 41.16
N SER C 121 -6.07 -0.17 40.69
CA SER C 121 -5.31 -1.25 41.30
C SER C 121 -4.26 -0.64 42.22
N ILE C 122 -4.46 -0.78 43.52
CA ILE C 122 -3.46 -0.39 44.51
C ILE C 122 -2.57 -1.59 44.73
N CYS C 123 -1.31 -1.49 44.33
CA CYS C 123 -0.39 -2.61 44.36
C CYS C 123 0.70 -2.36 45.39
N TYR C 124 0.99 -3.38 46.18
CA TYR C 124 1.96 -3.31 47.25
C TYR C 124 2.77 -4.60 47.28
N PHE C 125 3.97 -4.52 47.84
CA PHE C 125 4.86 -5.67 47.89
C PHE C 125 4.54 -6.55 49.10
N GLU C 126 4.41 -7.85 48.85
CA GLU C 126 4.22 -8.85 49.89
C GLU C 126 5.53 -9.62 50.05
N GLN C 127 6.22 -9.38 51.16
CA GLN C 127 7.51 -10.02 51.40
C GLN C 127 7.40 -11.52 51.64
N GLU C 128 6.21 -12.02 52.00
CA GLU C 128 6.03 -13.44 52.28
C GLU C 128 6.23 -14.28 51.02
N ASN C 129 5.74 -13.80 49.89
CA ASN C 129 5.84 -14.52 48.63
C ASN C 129 6.68 -13.80 47.59
N ASP C 130 7.05 -12.55 47.84
CA ASP C 130 7.99 -11.80 47.00
C ASP C 130 7.43 -11.57 45.60
N TRP C 131 6.15 -11.21 45.51
CA TRP C 131 5.59 -10.65 44.28
C TRP C 131 4.57 -9.59 44.65
N TRP C 132 4.43 -8.60 43.76
CA TRP C 132 3.49 -7.51 44.01
C TRP C 132 2.06 -8.03 43.98
N VAL C 133 1.21 -7.47 44.85
CA VAL C 133 -0.17 -7.88 44.97
C VAL C 133 -1.05 -6.64 44.84
N CYS C 134 -2.12 -6.78 44.06
CA CYS C 134 -3.02 -5.69 43.75
C CYS C 134 -4.34 -5.88 44.47
N LYS C 135 -4.91 -4.77 44.93
CA LYS C 135 -6.28 -4.72 45.44
C LYS C 135 -7.05 -3.70 44.62
N HIS C 136 -8.29 -4.02 44.31
CA HIS C 136 -9.08 -3.23 43.36
C HIS C 136 -10.05 -2.31 44.09
N ILE C 137 -10.04 -1.03 43.70
CA ILE C 137 -11.12 -0.11 44.02
C ILE C 137 -12.02 -0.05 42.80
N LYS C 138 -13.26 -0.49 42.98
CA LYS C 138 -14.24 -0.63 41.90
C LYS C 138 -15.43 0.29 42.05
N LYS C 139 -16.09 0.28 43.21
CA LYS C 139 -17.29 1.09 43.34
C LYS C 139 -16.94 2.48 43.87
N PRO C 140 -17.63 3.52 43.37
CA PRO C 140 -18.62 3.43 42.32
C PRO C 140 -18.09 3.87 40.97
N ILE C 141 -16.86 3.49 40.64
CA ILE C 141 -16.24 3.91 39.39
C ILE C 141 -16.98 3.24 38.24
N ARG C 142 -17.56 4.05 37.36
CA ARG C 142 -18.38 3.55 36.27
C ARG C 142 -17.74 3.70 34.90
N SER C 143 -16.69 4.51 34.77
CA SER C 143 -16.00 4.67 33.50
C SER C 143 -14.50 4.58 33.77
N THR C 144 -13.71 4.84 32.73
CA THR C 144 -12.27 4.71 32.84
C THR C 144 -11.68 5.78 33.74
N VAL C 145 -10.72 5.38 34.58
CA VAL C 145 -9.98 6.31 35.42
C VAL C 145 -8.79 6.82 34.62
N LEU C 146 -8.74 8.14 34.43
CA LEU C 146 -7.70 8.77 33.64
C LEU C 146 -6.54 9.29 34.49
N SER C 147 -6.83 9.85 35.67
CA SER C 147 -5.81 10.50 36.47
C SER C 147 -5.90 10.06 37.92
N LEU C 148 -4.76 10.12 38.61
CA LEU C 148 -4.67 9.80 40.02
C LEU C 148 -3.69 10.76 40.67
N ASP C 149 -3.84 10.92 41.99
CA ASP C 149 -2.85 11.65 42.79
C ASP C 149 -3.09 11.29 44.24
N TRP C 150 -2.02 10.92 44.93
CA TRP C 150 -2.11 10.47 46.31
C TRP C 150 -2.18 11.65 47.27
N HIS C 151 -2.91 11.45 48.36
CA HIS C 151 -2.88 12.38 49.46
C HIS C 151 -1.50 12.33 50.12
N PRO C 152 -1.02 13.44 50.69
CA PRO C 152 0.29 13.41 51.34
C PRO C 152 0.25 12.71 52.69
N ASN C 153 -0.44 11.57 52.74
CA ASN C 153 -0.42 10.69 53.90
C ASN C 153 -0.42 9.22 53.51
N SER C 154 -0.26 8.91 52.23
CA SER C 154 -0.13 7.55 51.71
C SER C 154 -1.38 6.70 51.96
N VAL C 155 -2.53 7.33 52.17
CA VAL C 155 -3.75 6.59 52.44
C VAL C 155 -4.83 6.96 51.43
N LEU C 156 -5.22 8.24 51.42
CA LEU C 156 -6.27 8.68 50.52
C LEU C 156 -5.74 8.76 49.09
N LEU C 157 -6.67 8.89 48.15
CA LEU C 157 -6.33 8.82 46.73
C LEU C 157 -7.36 9.59 45.92
N ALA C 158 -6.91 10.59 45.18
CA ALA C 158 -7.80 11.25 44.23
C ALA C 158 -7.80 10.51 42.91
N ALA C 159 -8.97 10.40 42.30
CA ALA C 159 -9.15 9.66 41.06
C ALA C 159 -10.08 10.43 40.15
N GLY C 160 -9.57 10.85 38.99
CA GLY C 160 -10.39 11.43 37.96
C GLY C 160 -10.81 10.34 36.99
N SER C 161 -12.08 10.34 36.64
CA SER C 161 -12.64 9.28 35.81
C SER C 161 -13.46 9.87 34.68
N CYS C 162 -13.62 9.07 33.62
CA CYS C 162 -14.40 9.49 32.46
C CYS C 162 -15.90 9.58 32.75
N ASP C 163 -16.35 9.10 33.91
CA ASP C 163 -17.75 9.21 34.26
C ASP C 163 -18.08 10.54 34.90
N PHE C 164 -17.26 11.56 34.64
CA PHE C 164 -17.50 12.96 34.98
C PHE C 164 -17.30 13.22 36.46
N LYS C 165 -16.97 12.20 37.25
CA LYS C 165 -16.89 12.29 38.70
C LYS C 165 -15.42 12.37 39.11
N CYS C 166 -15.10 13.32 39.98
CA CYS C 166 -13.80 13.36 40.65
C CYS C 166 -13.98 12.78 42.04
N ARG C 167 -13.28 11.70 42.32
CA ARG C 167 -13.45 10.94 43.55
C ARG C 167 -12.22 11.05 44.43
N ILE C 168 -12.44 10.87 45.72
CA ILE C 168 -11.37 10.63 46.67
C ILE C 168 -11.73 9.38 47.44
N PHE C 169 -10.91 8.34 47.31
CA PHE C 169 -11.05 7.05 47.93
C PHE C 169 -10.00 6.89 49.02
N SER C 170 -10.09 5.79 49.75
CA SER C 170 -9.10 5.43 50.76
C SER C 170 -8.41 4.15 50.33
N ALA C 171 -7.09 4.21 50.20
CA ALA C 171 -6.27 3.07 49.80
C ALA C 171 -5.50 2.49 50.99
N TYR C 172 -6.13 2.47 52.16
CA TYR C 172 -5.50 1.99 53.37
C TYR C 172 -5.36 0.47 53.34
N ILE C 173 -4.25 -0.02 52.80
CA ILE C 173 -3.96 -1.44 52.85
C ILE C 173 -3.32 -1.76 54.19
N LYS C 174 -3.96 -2.64 54.96
CA LYS C 174 -3.49 -2.91 56.33
C LYS C 174 -2.14 -3.60 56.34
N GLU C 175 -1.83 -4.38 55.31
CA GLU C 175 -0.60 -5.17 55.33
C GLU C 175 0.65 -4.34 55.08
N VAL C 176 0.52 -3.08 54.67
CA VAL C 176 1.69 -2.29 54.29
C VAL C 176 1.67 -0.93 54.96
N GLU C 177 0.51 -0.52 55.48
CA GLU C 177 0.36 0.81 56.05
C GLU C 177 0.30 0.74 57.57
N GLU C 178 0.08 1.91 58.17
CA GLU C 178 -0.28 2.07 59.58
C GLU C 178 -1.66 2.71 59.64
N ARG C 179 -2.16 2.89 60.85
CA ARG C 179 -3.49 3.47 61.01
C ARG C 179 -3.48 4.91 60.54
N PRO C 180 -4.33 5.29 59.58
CA PRO C 180 -4.31 6.67 59.10
C PRO C 180 -4.94 7.62 60.10
N ALA C 181 -4.27 8.77 60.28
CA ALA C 181 -4.80 9.78 61.17
C ALA C 181 -6.06 10.39 60.57
N PRO C 182 -6.98 10.87 61.40
CA PRO C 182 -8.19 11.51 60.87
C PRO C 182 -7.84 12.72 60.02
N THR C 183 -8.57 12.88 58.93
CA THR C 183 -8.39 13.96 57.98
C THR C 183 -9.72 14.67 57.79
N PRO C 184 -9.69 15.94 57.37
CA PRO C 184 -10.96 16.64 57.11
C PRO C 184 -11.78 16.01 56.00
N TRP C 185 -11.16 15.19 55.15
CA TRP C 185 -11.94 14.48 54.14
C TRP C 185 -12.89 13.48 54.78
N GLY C 186 -12.51 12.91 55.91
CA GLY C 186 -13.35 11.98 56.63
C GLY C 186 -12.57 11.26 57.70
N SER C 187 -13.31 10.55 58.55
CA SER C 187 -12.71 9.86 59.69
C SER C 187 -12.69 8.35 59.55
N LYS C 188 -13.65 7.77 58.84
CA LYS C 188 -13.76 6.32 58.70
C LYS C 188 -13.14 5.90 57.37
N MET C 189 -12.03 5.17 57.43
CA MET C 189 -11.14 4.97 56.29
C MET C 189 -10.83 3.49 56.09
N PRO C 190 -11.80 2.71 55.60
CA PRO C 190 -11.47 1.36 55.13
C PRO C 190 -11.03 1.41 53.67
N PHE C 191 -10.47 0.29 53.21
CA PHE C 191 -10.02 0.23 51.83
C PHE C 191 -11.21 0.28 50.88
N GLY C 192 -11.06 1.05 49.82
CA GLY C 192 -12.10 1.17 48.82
C GLY C 192 -13.25 2.07 49.21
N GLU C 193 -13.17 2.74 50.35
CA GLU C 193 -14.27 3.60 50.80
C GLU C 193 -14.31 4.87 49.97
N LEU C 194 -15.51 5.23 49.51
CA LEU C 194 -15.71 6.46 48.77
C LEU C 194 -15.69 7.61 49.77
N MET C 195 -14.53 8.25 49.92
CA MET C 195 -14.42 9.31 50.90
C MET C 195 -15.12 10.58 50.45
N PHE C 196 -15.10 10.87 49.14
CA PHE C 196 -15.72 12.10 48.67
C PHE C 196 -15.94 12.02 47.17
N GLU C 197 -17.01 12.65 46.69
CA GLU C 197 -17.26 12.81 45.27
C GLU C 197 -17.60 14.25 44.94
N SER C 198 -17.23 14.67 43.72
CA SER C 198 -17.69 15.93 43.18
C SER C 198 -17.81 15.78 41.67
N SER C 199 -18.49 16.74 41.04
CA SER C 199 -18.73 16.69 39.61
C SER C 199 -19.11 18.07 39.11
N SER C 200 -19.61 18.11 37.89
CA SER C 200 -20.17 19.31 37.28
C SER C 200 -21.32 18.86 36.37
N SER C 201 -21.74 19.74 35.46
CA SER C 201 -22.79 19.34 34.52
C SER C 201 -22.30 18.23 33.58
N CYS C 202 -21.00 18.16 33.34
CA CYS C 202 -20.42 17.25 32.36
C CYS C 202 -18.90 17.30 32.50
N GLY C 203 -18.21 16.56 31.64
CA GLY C 203 -16.78 16.69 31.50
C GLY C 203 -15.93 15.59 32.09
N TRP C 204 -15.11 14.96 31.27
CA TRP C 204 -14.16 13.97 31.75
C TRP C 204 -13.06 14.64 32.56
N VAL C 205 -12.66 14.00 33.65
CA VAL C 205 -11.64 14.54 34.55
C VAL C 205 -10.28 14.05 34.08
N HIS C 206 -9.48 14.96 33.50
CA HIS C 206 -8.20 14.58 32.94
C HIS C 206 -7.08 14.59 33.97
N GLY C 207 -7.21 15.41 35.01
CA GLY C 207 -6.15 15.53 35.98
C GLY C 207 -6.61 15.93 37.36
N VAL C 208 -6.07 15.28 38.38
CA VAL C 208 -6.35 15.58 39.78
C VAL C 208 -5.03 15.77 40.51
N CYS C 209 -5.03 16.65 41.50
CA CYS C 209 -3.84 16.88 42.30
C CYS C 209 -4.22 17.39 43.68
N PHE C 210 -3.50 16.92 44.69
CA PHE C 210 -3.72 17.33 46.05
C PHE C 210 -2.83 18.51 46.41
N SER C 211 -3.24 19.25 47.44
CA SER C 211 -2.44 20.35 47.93
C SER C 211 -1.26 19.82 48.73
N ALA C 212 -0.46 20.74 49.28
CA ALA C 212 0.67 20.34 50.09
C ALA C 212 0.22 19.60 51.35
N ASN C 213 -0.80 20.13 52.03
CA ASN C 213 -1.32 19.46 53.21
C ASN C 213 -2.33 18.38 52.88
N GLY C 214 -2.85 18.35 51.66
CA GLY C 214 -3.82 17.37 51.25
C GLY C 214 -5.26 17.71 51.58
N SER C 215 -5.51 18.82 52.29
CA SER C 215 -6.87 19.23 52.59
C SER C 215 -7.57 19.81 51.38
N ARG C 216 -6.87 20.04 50.28
CA ARG C 216 -7.42 20.68 49.09
C ARG C 216 -7.11 19.81 47.89
N VAL C 217 -8.13 19.47 47.11
CA VAL C 217 -7.94 18.72 45.87
C VAL C 217 -8.33 19.64 44.72
N ALA C 218 -7.75 19.40 43.56
CA ALA C 218 -8.05 20.22 42.39
C ALA C 218 -8.01 19.35 41.15
N TRP C 219 -9.07 19.42 40.35
CA TRP C 219 -9.16 18.61 39.16
C TRP C 219 -9.60 19.47 37.98
N VAL C 220 -8.99 19.22 36.83
CA VAL C 220 -9.33 19.89 35.59
C VAL C 220 -10.14 18.93 34.74
N SER C 221 -11.27 19.41 34.24
CA SER C 221 -12.20 18.59 33.46
C SER C 221 -12.12 18.97 31.99
N HIS C 222 -12.68 18.10 31.16
CA HIS C 222 -12.63 18.32 29.71
C HIS C 222 -13.54 19.46 29.26
N ASP C 223 -14.44 19.94 30.11
CA ASP C 223 -15.33 21.02 29.75
C ASP C 223 -14.71 22.40 29.98
N SER C 224 -13.39 22.48 29.92
CA SER C 224 -12.65 23.73 30.12
C SER C 224 -12.96 24.33 31.48
N THR C 225 -12.96 23.50 32.51
CA THR C 225 -13.22 23.93 33.87
C THR C 225 -12.16 23.38 34.80
N VAL C 226 -11.82 24.17 35.81
CA VAL C 226 -10.93 23.76 36.89
C VAL C 226 -11.70 23.88 38.20
N CYS C 227 -11.70 22.82 38.99
CA CYS C 227 -12.47 22.77 40.21
C CYS C 227 -11.55 22.47 41.37
N LEU C 228 -11.85 23.07 42.52
CA LEU C 228 -11.04 22.84 43.70
C LEU C 228 -11.97 22.58 44.88
N ALA C 229 -11.72 21.49 45.61
CA ALA C 229 -12.53 21.11 46.75
C ALA C 229 -11.72 21.22 48.03
N ASP C 230 -12.27 21.98 48.98
CA ASP C 230 -11.72 22.09 50.33
C ASP C 230 -12.42 21.08 51.23
N ALA C 231 -11.62 20.27 51.93
CA ALA C 231 -12.16 19.41 52.97
C ALA C 231 -12.46 20.19 54.24
N ASP C 232 -11.63 21.18 54.56
CA ASP C 232 -11.83 21.96 55.78
C ASP C 232 -13.10 22.79 55.70
N LYS C 233 -13.30 23.52 54.60
CA LYS C 233 -14.45 24.40 54.45
C LYS C 233 -15.65 23.57 54.02
N LYS C 234 -16.22 22.86 55.01
CA LYS C 234 -17.43 22.06 54.89
C LYS C 234 -17.51 21.25 53.61
N MET C 235 -16.37 20.78 53.11
CA MET C 235 -16.30 19.91 51.93
C MET C 235 -16.92 20.62 50.72
N ALA C 236 -16.35 21.76 50.36
CA ALA C 236 -16.96 22.65 49.38
C ALA C 236 -16.13 22.71 48.11
N VAL C 237 -16.82 22.77 46.97
CA VAL C 237 -16.17 22.80 45.66
C VAL C 237 -16.39 24.17 45.03
N ALA C 238 -15.34 24.69 44.42
CA ALA C 238 -15.37 25.94 43.67
C ALA C 238 -14.97 25.66 42.24
N THR C 239 -15.79 26.11 41.29
CA THR C 239 -15.61 25.82 39.88
C THR C 239 -15.28 27.10 39.13
N LEU C 240 -14.26 27.04 38.28
CA LEU C 240 -13.92 28.12 37.37
C LEU C 240 -14.03 27.59 35.95
N ALA C 241 -14.99 28.12 35.19
CA ALA C 241 -15.19 27.73 33.80
C ALA C 241 -14.24 28.55 32.95
N SER C 242 -13.16 27.92 32.49
CA SER C 242 -12.14 28.63 31.75
C SER C 242 -12.60 28.95 30.33
N GLU C 243 -12.06 30.02 29.78
CA GLU C 243 -12.30 30.38 28.39
C GLU C 243 -11.29 29.74 27.45
N THR C 244 -10.37 28.94 27.97
CA THR C 244 -9.33 28.32 27.18
C THR C 244 -9.71 26.88 26.84
N LEU C 245 -8.85 26.22 26.07
CA LEU C 245 -9.08 24.85 25.67
C LEU C 245 -8.96 23.93 26.89
N PRO C 246 -9.48 22.71 26.80
CA PRO C 246 -9.45 21.81 27.95
C PRO C 246 -8.05 21.60 28.51
N LEU C 247 -7.96 21.56 29.83
CA LEU C 247 -6.71 21.36 30.54
C LEU C 247 -6.56 19.87 30.86
N LEU C 248 -5.37 19.33 30.63
CA LEU C 248 -5.14 17.90 30.78
C LEU C 248 -4.50 17.54 32.11
N ALA C 249 -3.47 18.25 32.55
CA ALA C 249 -2.75 17.90 33.76
C ALA C 249 -2.68 19.11 34.69
N VAL C 250 -3.03 18.91 35.96
CA VAL C 250 -3.04 19.97 36.96
C VAL C 250 -2.17 19.55 38.13
N THR C 251 -1.39 20.50 38.65
CA THR C 251 -0.63 20.28 39.88
C THR C 251 -0.68 21.51 40.75
N PHE C 252 -0.82 21.30 42.05
CA PHE C 252 -0.61 22.36 43.02
C PHE C 252 0.88 22.71 43.08
N ILE C 253 1.15 23.99 43.31
CA ILE C 253 2.54 24.43 43.46
C ILE C 253 2.72 25.02 44.86
N THR C 254 1.63 25.57 45.40
CA THR C 254 1.60 26.06 46.77
C THR C 254 0.31 25.58 47.41
N GLU C 255 -0.02 26.14 48.57
CA GLU C 255 -1.31 25.85 49.19
C GLU C 255 -2.46 26.54 48.48
N SER C 256 -2.19 27.64 47.79
CA SER C 256 -3.26 28.43 47.18
C SER C 256 -3.02 28.71 45.69
N SER C 257 -2.17 27.94 45.02
CA SER C 257 -1.87 28.17 43.62
C SER C 257 -1.90 26.86 42.85
N LEU C 258 -2.35 26.95 41.59
CA LEU C 258 -2.51 25.81 40.72
C LEU C 258 -1.82 26.10 39.39
N VAL C 259 -1.21 25.10 38.78
CA VAL C 259 -0.72 25.19 37.42
C VAL C 259 -1.33 24.06 36.61
N ALA C 260 -2.00 24.41 35.52
CA ALA C 260 -2.71 23.44 34.71
C ALA C 260 -2.34 23.63 33.25
N ALA C 261 -2.06 22.54 32.57
CA ALA C 261 -1.67 22.58 31.17
C ALA C 261 -2.52 21.61 30.38
N GLY C 262 -2.66 21.87 29.08
CA GLY C 262 -3.48 21.03 28.24
C GLY C 262 -3.40 21.35 26.76
N HIS C 263 -4.53 21.24 26.08
CA HIS C 263 -4.56 21.38 24.63
C HIS C 263 -4.39 22.81 24.16
N ASP C 264 -4.39 23.78 25.08
CA ASP C 264 -4.13 25.16 24.70
C ASP C 264 -2.63 25.42 24.50
N CYS C 265 -1.79 24.42 24.77
CA CYS C 265 -0.36 24.42 24.48
C CYS C 265 0.43 25.39 25.33
N PHE C 266 -0.10 25.84 26.46
CA PHE C 266 0.73 26.60 27.39
C PHE C 266 0.17 26.46 28.80
N PRO C 267 1.02 26.41 29.82
CA PRO C 267 0.51 26.30 31.19
C PRO C 267 -0.19 27.57 31.62
N VAL C 268 -1.18 27.40 32.50
CA VAL C 268 -1.93 28.50 33.07
C VAL C 268 -1.89 28.40 34.58
N LEU C 269 -2.01 29.55 35.24
CA LEU C 269 -1.94 29.64 36.68
C LEU C 269 -3.29 30.06 37.25
N PHE C 270 -3.69 29.41 38.32
CA PHE C 270 -4.93 29.71 39.03
C PHE C 270 -4.62 30.01 40.49
N THR C 271 -5.38 30.94 41.07
CA THR C 271 -5.22 31.31 42.47
C THR C 271 -6.50 30.99 43.22
N TYR C 272 -6.36 30.29 44.34
CA TYR C 272 -7.51 29.93 45.17
C TYR C 272 -7.53 30.82 46.40
N ASP C 273 -8.37 31.86 46.37
CA ASP C 273 -8.57 32.70 47.54
C ASP C 273 -9.29 31.90 48.61
N SER C 274 -8.60 31.67 49.73
CA SER C 274 -9.17 30.83 50.79
C SER C 274 -10.28 31.54 51.53
N ALA C 275 -10.11 32.83 51.82
CA ALA C 275 -11.11 33.57 52.57
C ALA C 275 -12.45 33.59 51.84
N ALA C 276 -12.42 33.84 50.53
CA ALA C 276 -13.61 33.74 49.72
C ALA C 276 -13.84 32.34 49.19
N GLY C 277 -12.84 31.46 49.27
CA GLY C 277 -12.95 30.11 48.77
C GLY C 277 -13.27 30.04 47.29
N LYS C 278 -12.56 30.83 46.48
CA LYS C 278 -12.89 30.97 45.06
C LYS C 278 -11.63 30.87 44.20
N LEU C 279 -11.77 30.23 43.05
CA LEU C 279 -10.71 30.15 42.06
C LEU C 279 -10.76 31.35 41.13
N SER C 280 -9.59 31.83 40.74
CA SER C 280 -9.49 32.92 39.78
C SER C 280 -8.33 32.66 38.84
N PHE C 281 -8.45 33.19 37.63
CA PHE C 281 -7.39 33.08 36.63
C PHE C 281 -6.28 34.06 36.98
N GLY C 282 -5.08 33.54 37.22
CA GLY C 282 -3.97 34.37 37.63
C GLY C 282 -3.14 34.90 36.49
N GLY C 283 -3.03 34.11 35.42
CA GLY C 283 -2.26 34.53 34.27
C GLY C 283 -1.50 33.40 33.61
N ARG C 284 -1.52 33.34 32.28
CA ARG C 284 -0.79 32.32 31.55
C ARG C 284 0.71 32.49 31.76
N LEU C 285 1.42 31.37 31.78
CA LEU C 285 2.83 31.34 32.10
C LEU C 285 3.74 31.29 30.88
N ASP C 286 3.19 31.47 29.69
CA ASP C 286 3.96 31.41 28.44
C ASP C 286 3.61 32.58 27.54
N VAL C 287 3.63 33.78 28.11
CA VAL C 287 3.37 35.00 27.34
C VAL C 287 4.48 35.16 26.31
N PRO C 288 4.15 35.28 25.03
CA PRO C 288 5.19 35.38 24.00
C PRO C 288 5.97 36.67 24.12
N LYS C 289 7.24 36.60 23.71
CA LYS C 289 8.12 37.77 23.75
C LYS C 289 7.73 38.80 22.70
N GLY C 320 2.16 29.75 13.06
CA GLY C 320 1.49 28.69 13.81
C GLY C 320 1.19 29.07 15.24
N LEU C 321 1.84 28.40 16.18
CA LEU C 321 1.65 28.64 17.61
C LEU C 321 2.85 29.41 18.15
N ASP C 322 2.58 30.55 18.78
CA ASP C 322 3.64 31.35 19.38
C ASP C 322 4.12 30.77 20.70
N SER C 323 3.37 29.88 21.33
CA SER C 323 3.79 29.25 22.56
C SER C 323 4.96 28.32 22.31
N LEU C 324 5.72 28.05 23.38
CA LEU C 324 6.89 27.17 23.26
C LEU C 324 6.48 25.78 22.82
N HIS C 325 5.41 25.25 23.39
CA HIS C 325 4.93 23.92 23.02
C HIS C 325 4.07 24.02 21.77
N LYS C 326 4.45 23.30 20.72
CA LYS C 326 3.73 23.34 19.46
C LYS C 326 2.46 22.49 19.47
N ASN C 327 2.30 21.62 20.46
CA ASN C 327 1.15 20.75 20.55
C ASN C 327 0.64 20.75 21.98
N SER C 328 -0.28 19.83 22.28
CA SER C 328 -0.91 19.80 23.59
C SER C 328 0.07 19.33 24.66
N VAL C 329 0.10 20.05 25.77
CA VAL C 329 0.89 19.62 26.93
C VAL C 329 0.13 18.52 27.65
N SER C 330 0.78 17.38 27.82
CA SER C 330 0.12 16.21 28.37
C SER C 330 0.37 16.01 29.86
N GLN C 331 1.55 16.37 30.35
CA GLN C 331 1.88 16.17 31.76
C GLN C 331 2.52 17.42 32.34
N ILE C 332 2.22 17.69 33.61
CA ILE C 332 2.86 18.75 34.36
C ILE C 332 3.28 18.17 35.71
N SER C 333 4.48 18.52 36.16
CA SER C 333 5.00 17.94 37.39
C SER C 333 5.99 18.89 38.04
N VAL C 334 5.98 18.93 39.37
CA VAL C 334 6.88 19.80 40.11
C VAL C 334 8.31 19.28 39.96
N LEU C 335 9.23 20.17 39.57
CA LEU C 335 10.60 19.77 39.34
C LEU C 335 11.49 20.03 40.55
N SER C 336 11.51 21.26 41.05
CA SER C 336 12.40 21.66 42.14
C SER C 336 11.59 22.12 43.34
N GLY C 337 11.91 21.56 44.51
CA GLY C 337 11.34 22.00 45.76
C GLY C 337 10.15 21.20 46.26
N GLY C 338 9.56 20.37 45.41
CA GLY C 338 8.38 19.62 45.80
C GLY C 338 7.14 20.48 45.83
N LYS C 339 6.03 19.88 46.27
CA LYS C 339 4.76 20.58 46.32
C LYS C 339 4.71 21.64 47.42
N ALA C 340 5.63 21.60 48.38
CA ALA C 340 5.64 22.58 49.46
C ALA C 340 6.46 23.82 49.13
N LYS C 341 7.51 23.67 48.31
CA LYS C 341 8.40 24.77 47.96
C LYS C 341 8.67 24.77 46.47
N CYS C 342 7.60 24.69 45.68
CA CYS C 342 7.74 24.59 44.22
C CYS C 342 8.22 25.91 43.65
N SER C 343 9.41 25.90 43.06
CA SER C 343 9.94 27.04 42.35
C SER C 343 10.19 26.79 40.86
N GLN C 344 10.29 25.53 40.44
CA GLN C 344 10.38 25.18 39.03
C GLN C 344 9.53 23.96 38.78
N PHE C 345 8.76 23.98 37.70
CA PHE C 345 7.96 22.83 37.29
C PHE C 345 8.30 22.47 35.86
N CYS C 346 7.74 21.36 35.39
CA CYS C 346 8.09 20.79 34.10
C CYS C 346 6.83 20.39 33.37
N THR C 347 6.75 20.76 32.10
CA THR C 347 5.63 20.42 31.22
C THR C 347 6.16 19.56 30.09
N THR C 348 5.57 18.39 29.92
CA THR C 348 5.92 17.47 28.85
C THR C 348 4.73 17.34 27.91
N GLY C 349 4.98 17.56 26.62
CA GLY C 349 3.93 17.69 25.64
C GLY C 349 3.85 16.55 24.64
N MET C 350 2.85 16.65 23.78
CA MET C 350 2.64 15.73 22.67
C MET C 350 3.44 16.11 21.43
N ASP C 351 4.22 17.19 21.51
CA ASP C 351 5.14 17.58 20.45
C ASP C 351 6.55 17.07 20.70
N GLY C 352 6.73 16.19 21.68
CA GLY C 352 8.05 15.71 22.01
C GLY C 352 8.90 16.72 22.73
N GLY C 353 8.29 17.68 23.41
CA GLY C 353 9.01 18.75 24.08
C GLY C 353 8.88 18.65 25.59
N MET C 354 9.95 19.03 26.28
CA MET C 354 9.98 19.13 27.73
C MET C 354 10.44 20.55 28.08
N SER C 355 9.62 21.25 28.85
CA SER C 355 9.89 22.64 29.20
C SER C 355 9.99 22.78 30.71
N ILE C 356 11.08 23.37 31.17
CA ILE C 356 11.32 23.60 32.58
C ILE C 356 11.02 25.07 32.86
N TRP C 357 9.87 25.33 33.47
CA TRP C 357 9.44 26.69 33.77
C TRP C 357 9.85 27.06 35.20
N ASP C 358 10.49 28.21 35.33
CA ASP C 358 10.93 28.73 36.62
C ASP C 358 9.96 29.84 37.02
N VAL C 359 9.14 29.57 38.05
CA VAL C 359 8.18 30.56 38.49
C VAL C 359 8.87 31.76 39.10
N ARG C 360 10.11 31.61 39.56
CA ARG C 360 10.87 32.75 40.08
C ARG C 360 11.11 33.79 38.99
N SER C 361 11.52 33.35 37.79
CA SER C 361 11.72 34.28 36.69
C SER C 361 10.40 34.84 36.20
N LEU C 362 9.36 34.01 36.13
CA LEU C 362 8.04 34.47 35.70
C LEU C 362 7.44 35.46 36.68
N GLU C 363 7.89 35.46 37.94
CA GLU C 363 7.41 36.46 38.89
C GLU C 363 7.79 37.87 38.44
N SER C 364 9.02 38.06 37.97
CA SER C 364 9.47 39.35 37.47
C SER C 364 9.17 39.54 35.99
N ALA C 365 8.84 38.47 35.26
CA ALA C 365 8.52 38.62 33.85
C ALA C 365 7.18 39.33 33.65
N LEU C 366 6.13 38.82 34.29
CA LEU C 366 4.81 39.41 34.19
C LEU C 366 4.60 40.44 35.29
N LYS C 367 3.41 41.05 35.31
CA LYS C 367 3.11 42.11 36.26
C LYS C 367 3.14 41.59 37.70
N ASP C 368 2.22 40.69 38.03
CA ASP C 368 2.07 40.19 39.40
C ASP C 368 1.89 38.68 39.39
N LEU C 369 2.71 37.99 38.61
CA LEU C 369 2.62 36.53 38.48
C LEU C 369 3.19 35.86 39.73
N LYS C 370 2.41 35.95 40.80
CA LYS C 370 2.81 35.36 42.08
C LYS C 370 1.99 34.11 42.38
N MET D 1 -5.98 15.65 -30.68
CA MET D 1 -6.91 15.78 -31.79
C MET D 1 -8.30 16.19 -31.32
N ILE D 2 -9.01 16.93 -32.15
CA ILE D 2 -10.40 17.33 -31.89
C ILE D 2 -11.35 16.60 -32.82
N LEU D 3 -11.23 16.82 -34.12
CA LEU D 3 -12.08 16.14 -35.08
C LEU D 3 -11.68 14.68 -35.20
N LEU D 4 -12.67 13.80 -35.15
CA LEU D 4 -12.44 12.38 -35.34
C LEU D 4 -12.28 12.11 -36.84
N GLU D 5 -11.13 11.55 -37.22
CA GLU D 5 -10.87 11.28 -38.61
C GLU D 5 -11.85 10.25 -39.16
N VAL D 6 -12.19 10.40 -40.44
CA VAL D 6 -13.18 9.53 -41.08
C VAL D 6 -12.52 8.36 -41.79
N ASN D 7 -11.23 8.14 -41.58
CA ASN D 7 -10.49 7.06 -42.22
C ASN D 7 -10.11 6.02 -41.16
N ASN D 8 -10.48 4.77 -41.40
CA ASN D 8 -10.08 3.70 -40.50
C ASN D 8 -8.61 3.43 -40.66
N ARG D 9 -7.85 3.57 -39.58
CA ARG D 9 -6.40 3.46 -39.66
C ARG D 9 -5.97 2.04 -40.03
N ILE D 10 -6.50 1.03 -39.33
CA ILE D 10 -6.00 -0.33 -39.49
C ILE D 10 -6.02 -0.73 -40.96
N ILE D 11 -7.12 -0.43 -41.65
CA ILE D 11 -7.18 -0.67 -43.09
C ILE D 11 -6.09 0.10 -43.81
N GLU D 12 -5.88 1.36 -43.42
CA GLU D 12 -4.93 2.20 -44.14
C GLU D 12 -3.51 1.64 -44.03
N GLU D 13 -3.03 1.37 -42.81
CA GLU D 13 -1.69 0.82 -42.67
C GLU D 13 -1.57 -0.57 -43.27
N THR D 14 -2.57 -1.43 -43.07
CA THR D 14 -2.47 -2.78 -43.62
C THR D 14 -2.37 -2.76 -45.13
N LEU D 15 -3.27 -2.03 -45.79
CA LEU D 15 -3.25 -1.97 -47.24
C LEU D 15 -2.03 -1.23 -47.76
N ALA D 16 -1.58 -0.19 -47.07
CA ALA D 16 -0.38 0.52 -47.51
C ALA D 16 0.84 -0.37 -47.44
N LEU D 17 0.99 -1.14 -46.36
CA LEU D 17 2.10 -2.06 -46.26
C LEU D 17 2.02 -3.14 -47.32
N LYS D 18 0.82 -3.68 -47.56
CA LYS D 18 0.68 -4.72 -48.57
C LYS D 18 1.01 -4.18 -49.97
N PHE D 19 0.55 -2.97 -50.28
CA PHE D 19 0.81 -2.41 -51.61
C PHE D 19 2.27 -2.04 -51.77
N GLU D 20 2.91 -1.54 -50.70
CA GLU D 20 4.34 -1.26 -50.76
C GLU D 20 5.14 -2.54 -50.99
N ASN D 21 4.77 -3.62 -50.31
CA ASN D 21 5.44 -4.89 -50.53
C ASN D 21 5.23 -5.39 -51.96
N ALA D 22 4.00 -5.26 -52.48
CA ALA D 22 3.73 -5.70 -53.84
C ALA D 22 4.51 -4.89 -54.86
N ALA D 23 4.60 -3.57 -54.66
CA ALA D 23 5.39 -2.73 -55.56
C ALA D 23 6.87 -3.09 -55.47
N ALA D 24 7.37 -3.35 -54.26
CA ALA D 24 8.76 -3.75 -54.09
C ALA D 24 9.05 -5.13 -54.65
N GLY D 25 8.02 -5.89 -55.01
CA GLY D 25 8.20 -7.22 -55.54
C GLY D 25 8.34 -8.31 -54.50
N ASN D 26 8.27 -7.96 -53.21
CA ASN D 26 8.39 -8.98 -52.17
C ASN D 26 7.18 -9.91 -52.18
N LYS D 27 7.41 -11.13 -51.75
CA LYS D 27 6.32 -12.11 -51.68
C LYS D 27 5.30 -11.66 -50.65
N PRO D 28 4.03 -11.51 -51.03
CA PRO D 28 3.02 -11.04 -50.07
C PRO D 28 2.88 -11.98 -48.89
N GLU D 29 2.63 -11.41 -47.72
CA GLU D 29 2.43 -12.16 -46.49
C GLU D 29 0.94 -12.26 -46.19
N ALA D 30 0.53 -13.41 -45.66
CA ALA D 30 -0.88 -13.64 -45.37
C ALA D 30 -1.36 -12.70 -44.27
N VAL D 31 -2.56 -12.14 -44.47
CA VAL D 31 -3.16 -11.22 -43.52
C VAL D 31 -4.51 -11.80 -43.10
N GLU D 32 -4.76 -11.79 -41.79
CA GLU D 32 -6.04 -12.26 -41.24
C GLU D 32 -6.30 -11.40 -40.00
N VAL D 33 -7.01 -10.29 -40.21
CA VAL D 33 -7.15 -9.26 -39.19
C VAL D 33 -8.62 -8.90 -39.07
N THR D 34 -9.24 -9.26 -37.96
CA THR D 34 -10.61 -8.87 -37.66
C THR D 34 -10.58 -7.77 -36.60
N PHE D 35 -11.31 -6.70 -36.86
CA PHE D 35 -11.31 -5.56 -35.95
C PHE D 35 -12.66 -4.86 -36.04
N ALA D 36 -12.75 -3.69 -35.41
CA ALA D 36 -14.02 -2.98 -35.34
C ALA D 36 -13.77 -1.48 -35.35
N ASP D 37 -14.84 -0.74 -35.62
CA ASP D 37 -14.77 0.72 -35.64
C ASP D 37 -15.99 1.23 -34.89
N PHE D 38 -16.25 2.54 -34.97
CA PHE D 38 -17.38 3.13 -34.30
C PHE D 38 -18.69 2.59 -34.88
N ASP D 39 -19.79 2.88 -34.18
CA ASP D 39 -21.13 2.48 -34.57
C ASP D 39 -21.30 0.96 -34.63
N GLY D 40 -20.46 0.22 -33.92
CA GLY D 40 -20.58 -1.22 -33.88
C GLY D 40 -20.38 -1.90 -35.22
N VAL D 41 -19.41 -1.45 -35.99
CA VAL D 41 -19.16 -1.98 -37.33
C VAL D 41 -17.92 -2.86 -37.28
N LEU D 42 -17.96 -3.97 -38.00
CA LEU D 42 -16.93 -5.01 -37.92
C LEU D 42 -16.20 -5.11 -39.25
N TYR D 43 -14.88 -5.03 -39.21
CA TYR D 43 -14.05 -5.17 -40.39
C TYR D 43 -13.28 -6.49 -40.36
N HIS D 44 -13.01 -7.01 -41.55
CA HIS D 44 -12.27 -8.27 -41.70
C HIS D 44 -11.38 -8.14 -42.93
N ILE D 45 -10.08 -8.07 -42.73
CA ILE D 45 -9.11 -8.06 -43.82
C ILE D 45 -8.50 -9.44 -43.90
N SER D 46 -8.74 -10.13 -45.00
CA SER D 46 -8.33 -11.52 -45.13
C SER D 46 -7.89 -11.78 -46.56
N ASN D 47 -7.65 -13.04 -46.88
CA ASN D 47 -7.29 -13.47 -48.22
C ASN D 47 -8.32 -14.49 -48.69
N PRO D 48 -9.01 -14.25 -49.81
CA PRO D 48 -10.07 -15.18 -50.23
C PRO D 48 -9.48 -16.52 -50.64
N ASN D 49 -9.96 -17.59 -50.00
CA ASN D 49 -9.57 -18.96 -50.29
C ASN D 49 -8.08 -19.21 -50.10
N GLY D 50 -7.42 -18.39 -49.29
CA GLY D 50 -6.02 -18.60 -48.98
C GLY D 50 -5.04 -18.06 -50.00
N ASP D 51 -5.51 -17.47 -51.10
CA ASP D 51 -4.61 -16.91 -52.09
C ASP D 51 -4.02 -15.60 -51.57
N LYS D 52 -2.69 -15.57 -51.41
CA LYS D 52 -2.05 -14.41 -50.82
C LYS D 52 -2.11 -13.19 -51.74
N THR D 53 -2.18 -13.41 -53.06
CA THR D 53 -2.15 -12.31 -54.01
C THR D 53 -3.44 -11.50 -54.03
N LYS D 54 -4.49 -11.96 -53.36
CA LYS D 54 -5.75 -11.23 -53.28
C LYS D 54 -6.04 -10.87 -51.84
N VAL D 55 -6.41 -9.62 -51.59
CA VAL D 55 -6.72 -9.13 -50.25
C VAL D 55 -8.16 -8.62 -50.26
N MET D 56 -8.97 -9.14 -49.35
CA MET D 56 -10.38 -8.81 -49.27
C MET D 56 -10.66 -8.07 -47.96
N VAL D 57 -11.25 -6.88 -48.07
CA VAL D 57 -11.63 -6.07 -46.92
C VAL D 57 -13.15 -6.11 -46.85
N SER D 58 -13.69 -6.69 -45.79
CA SER D 58 -15.12 -6.86 -45.62
C SER D 58 -15.62 -6.03 -44.45
N ILE D 59 -16.75 -5.36 -44.64
CA ILE D 59 -17.39 -4.53 -43.63
C ILE D 59 -18.77 -5.12 -43.34
N SER D 60 -19.08 -5.25 -42.05
CA SER D 60 -20.34 -5.79 -41.57
C SER D 60 -20.98 -4.77 -40.67
N LEU D 61 -22.18 -4.33 -41.04
CA LEU D 61 -22.97 -3.35 -40.30
C LEU D 61 -24.26 -4.01 -39.86
N LYS D 62 -24.69 -3.75 -38.63
CA LYS D 62 -25.94 -4.29 -38.14
C LYS D 62 -27.15 -3.59 -38.74
N PHE D 63 -26.95 -2.64 -39.65
CA PHE D 63 -28.02 -1.82 -40.18
C PHE D 63 -27.86 -1.58 -41.68
N TYR D 64 -27.24 -2.53 -42.38
CA TYR D 64 -26.96 -2.33 -43.79
C TYR D 64 -28.21 -2.38 -44.66
N LYS D 65 -29.30 -2.99 -44.16
CA LYS D 65 -30.53 -3.02 -44.95
C LYS D 65 -31.17 -1.63 -45.02
N GLU D 66 -31.14 -0.88 -43.91
CA GLU D 66 -31.71 0.44 -43.88
C GLU D 66 -30.94 1.43 -44.76
N LEU D 67 -29.69 1.13 -45.08
CA LEU D 67 -28.93 1.91 -46.05
C LEU D 67 -29.11 1.38 -47.46
N GLN D 68 -29.23 0.06 -47.61
CA GLN D 68 -29.49 -0.54 -48.92
C GLN D 68 -30.82 -0.07 -49.48
N ALA D 69 -31.79 0.24 -48.60
CA ALA D 69 -33.04 0.80 -49.06
C ALA D 69 -32.89 2.18 -49.66
N HIS D 70 -31.75 2.83 -49.47
CA HIS D 70 -31.49 4.17 -50.00
C HIS D 70 -30.27 4.18 -50.91
N GLY D 71 -30.15 3.16 -51.75
CA GLY D 71 -29.10 3.10 -52.76
C GLY D 71 -27.69 2.99 -52.22
N ALA D 72 -27.48 2.11 -51.24
CA ALA D 72 -26.14 1.87 -50.74
C ALA D 72 -25.26 1.22 -51.80
N ASP D 73 -25.81 0.26 -52.54
CA ASP D 73 -25.01 -0.46 -53.54
C ASP D 73 -24.58 0.46 -54.68
N GLU D 74 -25.45 1.37 -55.10
CA GLU D 74 -25.12 2.24 -56.23
C GLU D 74 -23.94 3.13 -55.90
N LEU D 75 -23.92 3.70 -54.68
CA LEU D 75 -22.79 4.54 -54.28
C LEU D 75 -21.51 3.73 -54.17
N LEU D 76 -21.58 2.53 -53.60
CA LEU D 76 -20.38 1.72 -53.43
C LEU D 76 -19.79 1.30 -54.77
N LYS D 77 -20.63 1.02 -55.76
CA LYS D 77 -20.13 0.67 -57.08
C LYS D 77 -19.49 1.87 -57.77
N ARG D 78 -20.08 3.06 -57.58
CA ARG D 78 -19.55 4.24 -58.24
C ARG D 78 -18.23 4.69 -57.62
N VAL D 79 -18.05 4.48 -56.33
CA VAL D 79 -16.84 4.94 -55.66
C VAL D 79 -15.72 3.92 -55.72
N TYR D 80 -16.03 2.63 -55.61
CA TYR D 80 -15.02 1.60 -55.50
C TYR D 80 -14.80 0.82 -56.79
N GLY D 81 -15.64 1.01 -57.81
CA GLY D 81 -15.42 0.40 -59.10
C GLY D 81 -15.46 -1.12 -59.05
N SER D 82 -14.59 -1.73 -59.85
CA SER D 82 -14.52 -3.18 -59.95
C SER D 82 -14.01 -3.85 -58.68
N TYR D 83 -13.46 -3.08 -57.73
CA TYR D 83 -12.99 -3.66 -56.49
C TYR D 83 -14.11 -4.25 -55.66
N LEU D 84 -15.34 -3.83 -55.89
CA LEU D 84 -16.47 -4.41 -55.18
C LEU D 84 -16.66 -5.86 -55.63
N VAL D 85 -16.84 -6.75 -54.65
CA VAL D 85 -16.95 -8.18 -54.91
C VAL D 85 -18.14 -8.68 -54.10
N ASN D 86 -18.62 -9.87 -54.45
CA ASN D 86 -19.71 -10.49 -53.71
C ASN D 86 -19.33 -10.63 -52.25
N PRO D 87 -20.15 -10.14 -51.32
CA PRO D 87 -19.72 -10.07 -49.92
C PRO D 87 -19.43 -11.43 -49.33
N GLU D 88 -18.45 -11.46 -48.42
CA GLU D 88 -18.13 -12.66 -47.67
C GLU D 88 -19.30 -13.02 -46.75
N SER D 89 -19.40 -14.31 -46.44
CA SER D 89 -20.43 -14.77 -45.51
C SER D 89 -20.26 -14.09 -44.16
N GLY D 90 -21.35 -13.54 -43.64
CA GLY D 90 -21.31 -12.81 -42.39
C GLY D 90 -20.93 -11.36 -42.50
N TYR D 91 -20.67 -10.86 -43.70
CA TYR D 91 -20.27 -9.48 -43.90
C TYR D 91 -21.09 -8.88 -45.03
N ASN D 92 -21.22 -7.56 -45.01
CA ASN D 92 -22.16 -6.86 -45.88
C ASN D 92 -21.54 -6.36 -47.18
N VAL D 93 -20.39 -5.68 -47.11
CA VAL D 93 -19.75 -5.14 -48.31
C VAL D 93 -18.29 -5.55 -48.32
N SER D 94 -17.87 -6.21 -49.39
CA SER D 94 -16.50 -6.69 -49.51
C SER D 94 -15.82 -6.05 -50.70
N LEU D 95 -14.55 -5.67 -50.51
CA LEU D 95 -13.72 -5.09 -51.55
C LEU D 95 -12.55 -6.01 -51.80
N LEU D 96 -12.27 -6.31 -53.07
CA LEU D 96 -11.20 -7.21 -53.45
C LEU D 96 -10.11 -6.44 -54.17
N TYR D 97 -8.88 -6.57 -53.68
CA TYR D 97 -7.71 -5.95 -54.28
C TYR D 97 -6.76 -7.04 -54.73
N ASP D 98 -6.42 -7.04 -56.01
CA ASP D 98 -5.46 -7.99 -56.56
C ASP D 98 -4.07 -7.39 -56.44
N LEU D 99 -3.21 -8.04 -55.64
CA LEU D 99 -1.87 -7.52 -55.42
C LEU D 99 -1.01 -7.56 -56.69
N GLU D 100 -1.45 -8.25 -57.73
CA GLU D 100 -0.73 -8.29 -59.00
C GLU D 100 -1.23 -7.24 -59.98
N ASN D 101 -2.27 -6.49 -59.65
CA ASN D 101 -2.88 -5.54 -60.59
C ASN D 101 -3.17 -4.21 -59.91
N LEU D 102 -2.19 -3.69 -59.18
CA LEU D 102 -2.34 -2.38 -58.56
C LEU D 102 -2.31 -1.29 -59.63
N PRO D 103 -3.01 -0.18 -59.41
CA PRO D 103 -2.89 0.99 -60.28
C PRO D 103 -1.59 1.74 -59.98
N ALA D 104 -1.36 2.79 -60.76
CA ALA D 104 -0.14 3.57 -60.60
C ALA D 104 -0.09 4.26 -59.24
N SER D 105 -1.21 4.85 -58.82
CA SER D 105 -1.28 5.61 -57.57
C SER D 105 -2.05 4.78 -56.55
N LYS D 106 -1.37 4.43 -55.45
CA LYS D 106 -1.99 3.65 -54.39
C LYS D 106 -2.67 4.52 -53.34
N ASP D 107 -2.37 5.81 -53.29
CA ASP D 107 -2.95 6.67 -52.27
C ASP D 107 -4.47 6.72 -52.39
N SER D 108 -4.98 6.84 -53.62
CA SER D 108 -6.42 6.95 -53.81
C SER D 108 -7.14 5.68 -53.36
N ILE D 109 -6.62 4.51 -53.74
CA ILE D 109 -7.30 3.27 -53.37
C ILE D 109 -7.21 3.02 -51.87
N VAL D 110 -6.05 3.30 -51.26
CA VAL D 110 -5.94 3.14 -49.81
C VAL D 110 -6.90 4.07 -49.09
N HIS D 111 -7.02 5.31 -49.56
CA HIS D 111 -7.86 6.30 -48.89
C HIS D 111 -9.34 5.95 -49.05
N GLN D 112 -9.74 5.49 -50.24
CA GLN D 112 -11.10 5.02 -50.44
C GLN D 112 -11.40 3.80 -49.57
N ALA D 113 -10.44 2.88 -49.44
CA ALA D 113 -10.63 1.73 -48.57
C ALA D 113 -10.76 2.16 -47.12
N GLY D 114 -10.03 3.20 -46.72
CA GLY D 114 -10.23 3.78 -45.41
C GLY D 114 -11.62 4.35 -45.22
N MET D 115 -12.22 4.89 -46.28
CA MET D 115 -13.55 5.46 -46.16
C MET D 115 -14.67 4.44 -46.36
N LEU D 116 -14.45 3.16 -46.04
CA LEU D 116 -15.47 2.15 -46.31
C LEU D 116 -16.75 2.45 -45.54
N LYS D 117 -16.64 2.73 -44.24
CA LYS D 117 -17.81 3.05 -43.45
C LYS D 117 -18.45 4.36 -43.92
N ARG D 118 -17.62 5.33 -44.30
CA ARG D 118 -18.14 6.60 -44.78
C ARG D 118 -19.00 6.41 -46.02
N ASN D 119 -18.52 5.62 -46.98
CA ASN D 119 -19.30 5.38 -48.19
C ASN D 119 -20.47 4.47 -47.95
N CYS D 120 -20.42 3.61 -46.93
CA CYS D 120 -21.61 2.88 -46.52
C CYS D 120 -22.68 3.84 -46.01
N PHE D 121 -22.28 4.85 -45.22
CA PHE D 121 -23.24 5.79 -44.66
C PHE D 121 -23.73 6.80 -45.69
N ALA D 122 -22.88 7.20 -46.63
CA ALA D 122 -23.13 8.36 -47.46
C ALA D 122 -24.23 8.15 -48.49
N SER D 123 -24.73 6.92 -48.66
CA SER D 123 -25.77 6.69 -49.66
C SER D 123 -27.04 7.45 -49.32
N VAL D 124 -27.50 7.35 -48.07
CA VAL D 124 -28.72 8.05 -47.66
C VAL D 124 -28.50 9.56 -47.73
N PHE D 125 -27.31 10.03 -47.38
CA PHE D 125 -27.03 11.46 -47.44
C PHE D 125 -27.07 11.96 -48.88
N GLU D 126 -26.46 11.22 -49.80
CA GLU D 126 -26.52 11.60 -51.22
C GLU D 126 -27.96 11.61 -51.70
N LYS D 127 -28.74 10.59 -51.33
CA LYS D 127 -30.12 10.52 -51.78
C LYS D 127 -30.92 11.72 -51.28
N TYR D 128 -30.79 12.05 -49.99
CA TYR D 128 -31.61 13.13 -49.45
C TYR D 128 -31.11 14.50 -49.86
N PHE D 129 -29.80 14.66 -50.08
CA PHE D 129 -29.30 15.92 -50.61
C PHE D 129 -29.77 16.14 -52.05
N GLN D 130 -29.79 15.06 -52.85
CA GLN D 130 -30.37 15.16 -54.19
C GLN D 130 -31.85 15.46 -54.11
N PHE D 131 -32.54 14.90 -53.11
CA PHE D 131 -33.96 15.19 -52.92
C PHE D 131 -34.18 16.67 -52.62
N GLN D 132 -33.34 17.25 -51.76
CA GLN D 132 -33.44 18.67 -51.46
C GLN D 132 -33.13 19.52 -52.69
N GLU D 133 -32.09 19.15 -53.44
CA GLU D 133 -31.70 19.93 -54.61
C GLU D 133 -32.78 19.89 -55.68
N GLU D 134 -33.38 18.73 -55.91
CA GLU D 134 -34.39 18.57 -56.94
C GLU D 134 -35.77 19.06 -56.52
N GLY D 135 -35.95 19.41 -55.25
CA GLY D 135 -37.24 19.87 -54.78
C GLY D 135 -38.27 18.79 -54.56
N LYS D 136 -37.85 17.53 -54.47
CA LYS D 136 -38.77 16.43 -54.23
C LYS D 136 -39.14 16.43 -52.75
N GLU D 137 -40.15 17.20 -52.40
CA GLU D 137 -40.59 17.31 -51.02
C GLU D 137 -41.55 16.17 -50.67
N GLY D 138 -41.72 15.94 -49.37
CA GLY D 138 -42.67 14.97 -48.88
C GLY D 138 -42.22 13.53 -48.89
N GLU D 139 -40.98 13.26 -49.29
CA GLU D 139 -40.48 11.89 -49.29
C GLU D 139 -40.30 11.39 -47.87
N ASN D 140 -40.56 10.10 -47.67
CA ASN D 140 -40.54 9.52 -46.34
C ASN D 140 -39.14 9.61 -45.73
N ARG D 141 -39.10 9.89 -44.43
CA ARG D 141 -37.84 10.01 -43.73
C ARG D 141 -37.13 8.67 -43.65
N ALA D 142 -35.81 8.71 -43.61
CA ALA D 142 -34.97 7.53 -43.51
C ALA D 142 -34.60 7.31 -42.05
N VAL D 143 -34.82 6.08 -41.58
CA VAL D 143 -34.50 5.69 -40.20
C VAL D 143 -33.36 4.69 -40.25
N ILE D 144 -32.28 4.99 -39.53
CA ILE D 144 -31.08 4.17 -39.52
C ILE D 144 -30.74 3.86 -38.07
N HIS D 145 -30.74 2.58 -37.72
CA HIS D 145 -30.43 2.14 -36.36
C HIS D 145 -28.96 1.74 -36.31
N TYR D 146 -28.08 2.75 -36.28
CA TYR D 146 -26.65 2.47 -36.36
C TYR D 146 -26.12 1.81 -35.11
N ARG D 147 -26.82 1.91 -33.98
CA ARG D 147 -26.54 1.09 -32.81
C ARG D 147 -27.85 0.58 -32.24
N ASP D 148 -27.74 -0.31 -31.24
CA ASP D 148 -28.93 -0.96 -30.71
C ASP D 148 -29.89 0.04 -30.07
N ASP D 149 -29.37 0.98 -29.28
CA ASP D 149 -30.20 1.92 -28.54
C ASP D 149 -30.21 3.32 -29.12
N GLU D 150 -29.37 3.62 -30.11
CA GLU D 150 -29.33 4.93 -30.71
C GLU D 150 -29.83 4.86 -32.15
N THR D 151 -30.47 5.94 -32.60
CA THR D 151 -31.20 5.92 -33.85
C THR D 151 -30.83 7.17 -34.64
N MET D 152 -31.19 7.20 -35.92
CA MET D 152 -30.90 8.34 -36.76
C MET D 152 -32.03 8.56 -37.75
N TYR D 153 -32.40 9.82 -37.95
CA TYR D 153 -33.52 10.18 -38.82
C TYR D 153 -33.06 11.24 -39.81
N VAL D 154 -33.15 10.95 -41.09
CA VAL D 154 -32.80 11.90 -42.14
C VAL D 154 -34.08 12.29 -42.87
N GLU D 155 -34.30 13.59 -43.02
CA GLU D 155 -35.50 14.11 -43.66
C GLU D 155 -35.13 15.25 -44.59
N SER D 156 -35.80 15.33 -45.72
CA SER D 156 -35.55 16.36 -46.72
C SER D 156 -36.75 17.29 -46.81
N LYS D 157 -36.50 18.58 -46.77
CA LYS D 157 -37.54 19.60 -46.87
C LYS D 157 -37.24 20.53 -48.03
N LYS D 158 -38.05 21.58 -48.16
CA LYS D 158 -37.93 22.49 -49.29
C LYS D 158 -36.59 23.22 -49.29
N ASP D 159 -36.17 23.72 -48.14
CA ASP D 159 -34.97 24.56 -48.06
C ASP D 159 -33.97 24.06 -47.03
N ARG D 160 -34.15 22.87 -46.48
CA ARG D 160 -33.25 22.37 -45.44
C ARG D 160 -33.30 20.87 -45.40
N VAL D 161 -32.30 20.29 -44.76
CA VAL D 161 -32.22 18.85 -44.51
C VAL D 161 -32.04 18.64 -43.02
N THR D 162 -32.88 17.80 -42.44
CA THR D 162 -32.88 17.55 -41.01
C THR D 162 -32.22 16.22 -40.73
N VAL D 163 -31.22 16.22 -39.85
CA VAL D 163 -30.51 15.00 -39.45
C VAL D 163 -30.58 14.90 -37.94
N VAL D 164 -31.38 13.98 -37.43
CA VAL D 164 -31.62 13.83 -35.99
C VAL D 164 -30.85 12.60 -35.51
N PHE D 165 -29.99 12.80 -34.52
CA PHE D 165 -29.32 11.72 -33.83
C PHE D 165 -30.00 11.48 -32.50
N SER D 166 -30.51 10.27 -32.31
CA SER D 166 -31.13 9.83 -31.05
C SER D 166 -30.06 9.11 -30.26
N THR D 167 -29.36 9.82 -29.39
CA THR D 167 -28.24 9.28 -28.65
C THR D 167 -28.64 8.94 -27.22
N VAL D 168 -27.96 7.94 -26.66
CA VAL D 168 -28.24 7.44 -25.32
C VAL D 168 -26.96 7.58 -24.51
N PHE D 169 -27.01 8.40 -23.46
CA PHE D 169 -25.88 8.58 -22.56
C PHE D 169 -25.96 7.53 -21.45
N LYS D 170 -24.87 6.80 -21.25
CA LYS D 170 -24.90 5.67 -20.31
C LYS D 170 -25.05 6.14 -18.88
N ASP D 171 -24.28 7.14 -18.48
CA ASP D 171 -24.25 7.61 -17.10
C ASP D 171 -24.86 9.01 -16.99
N ASP D 172 -25.24 9.37 -15.75
CA ASP D 172 -25.79 10.69 -15.50
C ASP D 172 -24.76 11.79 -15.76
N ASP D 173 -23.49 11.53 -15.40
CA ASP D 173 -22.42 12.47 -15.72
C ASP D 173 -22.34 12.69 -17.22
N ASP D 174 -22.44 11.61 -18.00
CA ASP D 174 -22.52 11.75 -19.45
C ASP D 174 -23.69 12.66 -19.83
N VAL D 175 -24.83 12.50 -19.17
CA VAL D 175 -26.01 13.28 -19.53
C VAL D 175 -25.76 14.76 -19.32
N VAL D 176 -25.24 15.13 -18.16
CA VAL D 176 -25.08 16.55 -17.85
C VAL D 176 -23.96 17.18 -18.69
N ILE D 177 -22.86 16.45 -18.88
CA ILE D 177 -21.80 16.98 -19.73
C ILE D 177 -22.29 17.14 -21.17
N GLY D 178 -23.14 16.20 -21.62
CA GLY D 178 -23.74 16.36 -22.93
C GLY D 178 -24.68 17.53 -23.01
N LYS D 179 -25.41 17.80 -21.94
CA LYS D 179 -26.25 19.00 -21.91
C LYS D 179 -25.40 20.27 -22.07
N VAL D 180 -24.26 20.32 -21.37
CA VAL D 180 -23.38 21.48 -21.50
C VAL D 180 -22.85 21.60 -22.92
N PHE D 181 -22.39 20.49 -23.49
CA PHE D 181 -21.85 20.51 -24.85
C PHE D 181 -22.90 20.93 -25.86
N MET D 182 -24.12 20.41 -25.73
CA MET D 182 -25.18 20.73 -26.68
C MET D 182 -25.69 22.15 -26.49
N GLN D 183 -25.66 22.67 -25.27
CA GLN D 183 -25.97 24.08 -25.06
C GLN D 183 -24.97 24.97 -25.77
N GLU D 184 -23.69 24.59 -25.71
CA GLU D 184 -22.69 25.35 -26.46
C GLU D 184 -22.89 25.20 -27.96
N PHE D 185 -23.29 24.01 -28.40
CA PHE D 185 -23.57 23.80 -29.83
C PHE D 185 -24.71 24.68 -30.31
N LYS D 186 -25.78 24.78 -29.50
CA LYS D 186 -26.97 25.52 -29.93
C LYS D 186 -26.67 26.98 -30.20
N GLU D 187 -25.86 27.60 -29.34
CA GLU D 187 -25.49 29.00 -29.49
C GLU D 187 -24.20 29.18 -30.30
N GLY D 188 -23.77 28.14 -31.01
CA GLY D 188 -22.53 28.21 -31.78
C GLY D 188 -22.61 29.00 -33.06
N ARG D 189 -23.81 29.41 -33.48
CA ARG D 189 -23.94 30.20 -34.70
C ARG D 189 -23.46 31.63 -34.52
N ARG D 190 -23.22 32.07 -33.28
CA ARG D 190 -22.73 33.44 -33.06
C ARG D 190 -21.35 33.64 -33.66
N ALA D 191 -20.47 32.65 -33.51
CA ALA D 191 -19.12 32.73 -34.06
C ALA D 191 -19.03 32.30 -35.51
N SER D 192 -20.10 31.71 -36.06
CA SER D 192 -20.09 31.26 -37.45
C SER D 192 -21.53 31.28 -37.95
N HIS D 193 -21.86 32.26 -38.79
CA HIS D 193 -23.22 32.38 -39.30
C HIS D 193 -23.53 31.39 -40.41
N THR D 194 -22.51 30.79 -41.02
CA THR D 194 -22.71 29.82 -42.09
C THR D 194 -22.73 28.38 -41.63
N ALA D 195 -22.64 28.15 -40.32
CA ALA D 195 -22.64 26.80 -39.78
C ALA D 195 -24.04 26.19 -39.81
N PRO D 196 -24.14 24.87 -39.79
CA PRO D 196 -25.46 24.24 -39.68
C PRO D 196 -26.10 24.54 -38.34
N GLN D 197 -27.43 24.56 -38.32
CA GLN D 197 -28.16 24.92 -37.11
C GLN D 197 -28.38 23.69 -36.25
N VAL D 198 -27.77 23.66 -35.07
CA VAL D 198 -27.86 22.52 -34.17
C VAL D 198 -28.90 22.81 -33.11
N LEU D 199 -29.83 21.87 -32.94
CA LEU D 199 -30.89 21.96 -31.94
C LEU D 199 -30.80 20.75 -31.04
N PHE D 200 -31.10 20.93 -29.75
CA PHE D 200 -31.05 19.83 -28.80
C PHE D 200 -32.37 19.72 -28.07
N SER D 201 -32.85 18.48 -27.92
CA SER D 201 -34.03 18.19 -27.12
C SER D 201 -33.70 17.04 -26.18
N HIS D 202 -33.72 17.31 -24.89
CA HIS D 202 -33.39 16.32 -23.87
C HIS D 202 -34.68 15.72 -23.33
N ARG D 203 -34.74 14.39 -23.29
CA ARG D 203 -35.83 13.59 -22.72
C ARG D 203 -37.11 13.69 -23.53
N GLU D 204 -37.17 14.51 -24.58
CA GLU D 204 -38.40 14.69 -25.34
C GLU D 204 -38.11 14.70 -26.83
N PRO D 205 -38.81 13.89 -27.62
CA PRO D 205 -38.63 13.97 -29.06
C PRO D 205 -39.14 15.29 -29.61
N PRO D 206 -38.56 15.77 -30.70
CA PRO D 206 -39.12 16.95 -31.37
C PRO D 206 -40.47 16.63 -31.98
N LEU D 207 -41.20 17.70 -32.33
CA LEU D 207 -42.55 17.52 -32.87
C LEU D 207 -42.52 16.74 -34.18
N GLU D 208 -41.41 16.82 -34.92
CA GLU D 208 -41.32 16.10 -36.20
C GLU D 208 -41.36 14.59 -35.98
N LEU D 209 -40.69 14.09 -34.96
CA LEU D 209 -40.61 12.66 -34.70
C LEU D 209 -41.64 12.18 -33.68
N LYS D 210 -42.51 13.06 -33.19
CA LYS D 210 -43.52 12.66 -32.21
C LYS D 210 -44.46 11.62 -32.79
N ASP D 211 -44.85 11.77 -34.06
CA ASP D 211 -45.70 10.79 -34.72
C ASP D 211 -44.97 9.47 -34.96
N THR D 212 -43.65 9.43 -34.81
CA THR D 212 -42.89 8.21 -34.97
C THR D 212 -42.76 7.50 -33.62
N ASP D 213 -41.92 6.47 -33.57
CA ASP D 213 -41.69 5.69 -32.35
C ASP D 213 -40.38 6.09 -31.66
N ALA D 214 -40.03 7.37 -31.70
CA ALA D 214 -38.82 7.85 -31.06
C ALA D 214 -38.87 7.59 -29.56
N ALA D 215 -37.78 7.06 -29.02
CA ALA D 215 -37.74 6.67 -27.62
C ALA D 215 -37.77 7.90 -26.71
N VAL D 216 -38.25 7.69 -25.49
CA VAL D 216 -38.31 8.74 -24.47
C VAL D 216 -37.64 8.20 -23.22
N GLY D 217 -36.75 9.00 -22.64
CA GLY D 217 -36.06 8.59 -21.43
C GLY D 217 -35.17 9.72 -20.93
N ASP D 218 -34.74 9.57 -19.68
CA ASP D 218 -33.92 10.61 -19.06
C ASP D 218 -32.51 10.65 -19.66
N ASN D 219 -31.99 9.50 -20.09
CA ASN D 219 -30.64 9.41 -20.60
C ASN D 219 -30.56 9.57 -22.11
N ILE D 220 -31.67 9.89 -22.77
CA ILE D 220 -31.75 9.92 -24.23
C ILE D 220 -31.92 11.36 -24.68
N GLY D 221 -31.04 11.80 -25.58
CA GLY D 221 -31.12 13.15 -26.11
C GLY D 221 -31.11 13.14 -27.62
N TYR D 222 -31.80 14.11 -28.21
CA TYR D 222 -31.98 14.18 -29.65
C TYR D 222 -31.29 15.43 -30.17
N ILE D 223 -30.45 15.25 -31.19
CA ILE D 223 -29.62 16.32 -31.74
C ILE D 223 -30.02 16.50 -33.20
N THR D 224 -30.60 17.65 -33.53
CA THR D 224 -31.11 17.92 -34.86
C THR D 224 -30.17 18.88 -35.58
N PHE D 225 -29.63 18.44 -36.71
CA PHE D 225 -28.81 19.27 -37.58
C PHE D 225 -29.69 19.76 -38.73
N VAL D 226 -29.78 21.08 -38.86
CA VAL D 226 -30.43 21.71 -40.01
C VAL D 226 -29.32 22.12 -40.95
N LEU D 227 -29.24 21.43 -42.09
CA LEU D 227 -28.24 21.68 -43.12
C LEU D 227 -28.90 22.38 -44.30
N PHE D 228 -28.31 23.48 -44.73
CA PHE D 228 -28.85 24.33 -45.77
C PHE D 228 -28.23 23.99 -47.12
N PRO D 229 -28.76 24.56 -48.21
CA PRO D 229 -28.18 24.25 -49.53
C PRO D 229 -26.70 24.53 -49.65
N ARG D 230 -26.17 25.50 -48.89
CA ARG D 230 -24.74 25.75 -48.91
C ARG D 230 -23.93 24.61 -48.30
N HIS D 231 -24.57 23.68 -47.59
CA HIS D 231 -23.90 22.50 -47.07
C HIS D 231 -24.28 21.22 -47.78
N THR D 232 -25.45 21.17 -48.41
CA THR D 232 -25.89 19.98 -49.14
C THR D 232 -25.52 20.03 -50.61
N ASN D 233 -24.84 21.08 -51.08
CA ASN D 233 -24.44 21.18 -52.46
C ASN D 233 -23.28 20.21 -52.74
N ALA D 234 -22.97 20.07 -54.03
CA ALA D 234 -21.97 19.08 -54.45
C ALA D 234 -20.58 19.43 -53.90
N SER D 235 -20.24 20.72 -53.88
CA SER D 235 -18.89 21.12 -53.47
C SER D 235 -18.63 20.75 -52.01
N ALA D 236 -19.60 21.00 -51.13
CA ALA D 236 -19.43 20.75 -49.71
C ALA D 236 -20.12 19.48 -49.23
N ARG D 237 -20.57 18.64 -50.16
CA ARG D 237 -21.29 17.42 -49.78
C ARG D 237 -20.37 16.45 -49.03
N ASP D 238 -19.14 16.27 -49.52
CA ASP D 238 -18.22 15.31 -48.93
C ASP D 238 -17.89 15.68 -47.49
N ASN D 239 -17.51 16.94 -47.25
CA ASN D 239 -17.15 17.37 -45.92
C ASN D 239 -18.35 17.30 -44.97
N THR D 240 -19.53 17.70 -45.46
CA THR D 240 -20.73 17.64 -44.62
C THR D 240 -21.03 16.22 -44.19
N ILE D 241 -20.96 15.28 -45.14
CA ILE D 241 -21.21 13.87 -44.79
C ILE D 241 -20.15 13.38 -43.81
N ASN D 242 -18.89 13.72 -44.06
CA ASN D 242 -17.82 13.25 -43.21
C ASN D 242 -18.01 13.71 -41.77
N LEU D 243 -18.39 14.97 -41.58
CA LEU D 243 -18.57 15.48 -40.23
C LEU D 243 -19.84 14.92 -39.59
N ILE D 244 -20.93 14.87 -40.35
CA ILE D 244 -22.21 14.51 -39.76
C ILE D 244 -22.24 13.04 -39.36
N HIS D 245 -21.59 12.17 -40.14
CA HIS D 245 -21.68 10.76 -39.81
C HIS D 245 -20.81 10.38 -38.62
N THR D 246 -19.94 11.28 -38.15
CA THR D 246 -19.14 11.02 -36.98
C THR D 246 -19.42 12.00 -35.85
N PHE D 247 -20.41 12.89 -36.01
CA PHE D 247 -20.72 13.84 -34.94
C PHE D 247 -21.03 13.15 -33.62
N ARG D 248 -21.72 12.01 -33.66
CA ARG D 248 -22.10 11.34 -32.40
C ARG D 248 -20.87 10.84 -31.66
N ASP D 249 -19.99 10.12 -32.35
CA ASP D 249 -18.77 9.66 -31.72
C ASP D 249 -17.88 10.83 -31.33
N TYR D 250 -17.96 11.93 -32.08
CA TYR D 250 -17.20 13.13 -31.74
C TYR D 250 -17.66 13.71 -30.41
N LEU D 251 -18.98 13.82 -30.23
CA LEU D 251 -19.54 14.33 -28.99
C LEU D 251 -19.19 13.43 -27.81
N HIS D 252 -19.33 12.10 -27.99
CA HIS D 252 -19.00 11.20 -26.89
C HIS D 252 -17.51 11.21 -26.58
N TYR D 253 -16.68 11.30 -27.62
CA TYR D 253 -15.24 11.40 -27.43
C TYR D 253 -14.88 12.64 -26.64
N HIS D 254 -15.51 13.77 -26.96
CA HIS D 254 -15.19 14.99 -26.24
C HIS D 254 -15.78 15.01 -24.82
N ILE D 255 -16.88 14.31 -24.60
CA ILE D 255 -17.37 14.13 -23.23
C ILE D 255 -16.35 13.37 -22.41
N LYS D 256 -15.80 12.29 -22.98
CA LYS D 256 -14.76 11.54 -22.28
C LYS D 256 -13.47 12.35 -22.14
N CYS D 257 -13.18 13.21 -23.11
CA CYS D 257 -12.06 14.14 -22.99
C CYS D 257 -12.26 15.07 -21.79
N SER D 258 -13.48 15.60 -21.64
CA SER D 258 -13.78 16.45 -20.51
C SER D 258 -13.62 15.70 -19.20
N LYS D 259 -14.06 14.45 -19.16
CA LYS D 259 -13.85 13.65 -17.95
C LYS D 259 -12.37 13.45 -17.67
N ALA D 260 -11.57 13.22 -18.71
CA ALA D 260 -10.13 13.06 -18.52
C ALA D 260 -9.49 14.33 -17.97
N TYR D 261 -9.88 15.48 -18.52
CA TYR D 261 -9.35 16.76 -18.02
C TYR D 261 -9.77 16.99 -16.58
N ILE D 262 -11.01 16.62 -16.25
CA ILE D 262 -11.51 16.79 -14.89
C ILE D 262 -10.73 15.89 -13.93
N HIS D 263 -10.40 14.67 -14.37
CA HIS D 263 -9.52 13.82 -13.59
C HIS D 263 -8.14 14.43 -13.41
N THR D 264 -7.60 15.07 -14.45
CA THR D 264 -6.31 15.73 -14.31
C THR D 264 -6.36 16.82 -13.25
N ARG D 265 -7.43 17.62 -13.27
CA ARG D 265 -7.57 18.67 -12.28
C ARG D 265 -7.72 18.10 -10.88
N MET D 266 -8.49 17.02 -10.73
CA MET D 266 -8.61 16.39 -9.42
C MET D 266 -7.28 15.82 -8.95
N ARG D 267 -6.50 15.24 -9.84
CA ARG D 267 -5.19 14.73 -9.45
C ARG D 267 -4.28 15.86 -8.97
N ALA D 268 -4.30 16.99 -9.67
CA ALA D 268 -3.51 18.14 -9.24
C ALA D 268 -3.93 18.61 -7.85
N LYS D 269 -5.25 18.74 -7.64
CA LYS D 269 -5.73 19.21 -6.34
C LYS D 269 -5.45 18.21 -5.23
N THR D 270 -5.56 16.92 -5.53
CA THR D 270 -5.25 15.89 -4.54
C THR D 270 -3.76 15.93 -4.17
N SER D 271 -2.89 16.13 -5.16
CA SER D 271 -1.48 16.26 -4.87
C SER D 271 -1.21 17.48 -3.99
N ASP D 272 -1.87 18.60 -4.29
CA ASP D 272 -1.70 19.80 -3.47
C ASP D 272 -2.16 19.55 -2.04
N PHE D 273 -3.32 18.91 -1.87
CA PHE D 273 -3.83 18.60 -0.54
C PHE D 273 -2.89 17.67 0.21
N LEU D 274 -2.34 16.67 -0.48
CA LEU D 274 -1.47 15.71 0.19
C LEU D 274 -0.15 16.37 0.59
N LYS D 275 0.37 17.28 -0.24
CA LYS D 275 1.55 18.03 0.17
C LYS D 275 1.24 18.91 1.39
N VAL D 276 0.07 19.56 1.39
CA VAL D 276 -0.31 20.38 2.54
C VAL D 276 -0.41 19.53 3.80
N LEU D 277 -0.97 18.34 3.67
CA LEU D 277 -1.13 17.45 4.82
C LEU D 277 0.20 16.89 5.32
N ASN D 278 1.10 16.54 4.41
CA ASN D 278 2.41 16.04 4.81
C ASN D 278 3.30 17.15 5.35
N ARG D 279 3.03 18.40 5.00
CA ARG D 279 3.74 19.52 5.61
C ARG D 279 3.35 19.71 7.07
N ALA D 280 2.16 19.27 7.47
CA ALA D 280 1.70 19.40 8.85
C ALA D 280 2.47 18.51 9.82
N ARG D 281 3.18 17.50 9.33
CA ARG D 281 3.98 16.66 10.20
C ARG D 281 5.07 17.48 10.87
N PRO D 282 5.42 17.15 12.12
CA PRO D 282 6.55 17.85 12.76
C PRO D 282 7.85 17.70 12.00
N ASP D 283 8.08 16.55 11.38
CA ASP D 283 9.25 16.31 10.55
C ASP D 283 8.79 16.16 9.11
N ALA D 284 9.32 17.00 8.22
CA ALA D 284 8.97 16.95 6.82
C ALA D 284 10.20 16.81 5.94
N PRO E 2 32.19 -16.13 -18.58
CA PRO E 2 33.25 -15.47 -17.83
C PRO E 2 34.41 -15.04 -18.71
N ALA E 3 35.30 -14.21 -18.17
CA ALA E 3 36.47 -13.77 -18.93
C ALA E 3 37.35 -14.96 -19.26
N TYR E 4 37.96 -14.92 -20.43
CA TYR E 4 38.74 -16.06 -20.91
C TYR E 4 40.09 -16.11 -20.19
N HIS E 5 40.65 -17.32 -20.10
CA HIS E 5 41.76 -17.59 -19.21
C HIS E 5 42.90 -18.22 -19.99
N SER E 6 44.11 -18.12 -19.42
CA SER E 6 45.28 -18.70 -20.03
C SER E 6 45.22 -20.22 -19.97
N SER E 7 45.90 -20.87 -20.92
CA SER E 7 45.85 -22.32 -21.01
C SER E 7 47.21 -22.96 -21.27
N LEU E 8 48.30 -22.20 -21.15
CA LEU E 8 49.64 -22.73 -21.42
C LEU E 8 50.45 -22.94 -20.14
N MET E 9 49.79 -22.98 -18.99
CA MET E 9 50.49 -23.17 -17.73
C MET E 9 50.92 -24.63 -17.55
N ASP E 10 52.15 -24.81 -17.10
CA ASP E 10 52.70 -26.11 -16.78
C ASP E 10 53.31 -26.07 -15.39
N PRO E 11 53.32 -27.21 -14.68
CA PRO E 11 53.94 -27.22 -13.34
C PRO E 11 55.41 -26.85 -13.35
N ASP E 12 56.14 -27.19 -14.42
CA ASP E 12 57.56 -26.87 -14.50
C ASP E 12 57.81 -25.45 -14.99
N THR E 13 56.77 -24.71 -15.37
CA THR E 13 56.96 -23.34 -15.82
C THR E 13 57.53 -22.48 -14.71
N LYS E 14 58.54 -21.68 -15.05
CA LYS E 14 59.19 -20.84 -14.07
C LYS E 14 58.24 -19.79 -13.51
N LEU E 15 58.43 -19.45 -12.24
CA LEU E 15 57.63 -18.42 -11.59
C LEU E 15 58.57 -17.38 -10.99
N ILE E 16 58.38 -16.14 -11.40
CA ILE E 16 59.06 -15.00 -10.80
C ILE E 16 58.03 -14.28 -9.94
N GLY E 17 58.14 -14.45 -8.62
CA GLY E 17 57.05 -14.04 -7.75
C GLY E 17 55.79 -14.80 -8.10
N ASN E 18 54.65 -14.11 -8.02
CA ASN E 18 53.42 -14.66 -8.57
C ASN E 18 53.35 -14.49 -10.08
N MET E 19 54.24 -13.68 -10.66
CA MET E 19 54.36 -13.56 -12.10
C MET E 19 54.88 -14.88 -12.68
N ALA E 20 54.48 -15.19 -13.90
CA ALA E 20 54.80 -16.45 -14.54
C ALA E 20 55.69 -16.22 -15.76
N LEU E 21 56.80 -16.96 -15.83
CA LEU E 21 57.80 -16.79 -16.89
C LEU E 21 57.56 -17.83 -17.99
N LEU E 22 56.50 -17.61 -18.77
CA LEU E 22 56.24 -18.54 -19.85
C LEU E 22 57.21 -18.31 -21.01
N PRO E 23 57.57 -19.37 -21.72
CA PRO E 23 58.43 -19.21 -22.90
C PRO E 23 57.69 -18.53 -24.04
N ILE E 24 58.47 -17.93 -24.94
CA ILE E 24 57.94 -17.30 -26.15
C ILE E 24 58.81 -17.70 -27.33
N ARG E 25 58.31 -17.41 -28.54
CA ARG E 25 59.04 -17.65 -29.78
C ARG E 25 59.83 -16.43 -30.22
N SER E 26 60.29 -15.63 -29.26
CA SER E 26 60.90 -14.33 -29.57
C SER E 26 62.11 -14.46 -30.47
N GLN E 27 62.15 -13.63 -31.52
CA GLN E 27 63.39 -13.44 -32.26
C GLN E 27 64.36 -12.59 -31.45
N PHE E 28 63.85 -11.78 -30.53
CA PHE E 28 64.69 -10.99 -29.65
C PHE E 28 65.31 -11.88 -28.57
N LYS E 29 66.20 -11.28 -27.78
CA LYS E 29 66.88 -11.97 -26.69
C LYS E 29 66.36 -11.48 -25.35
N GLY E 30 66.05 -12.43 -24.47
CA GLY E 30 65.52 -12.10 -23.16
C GLY E 30 65.42 -13.31 -22.26
N PRO E 31 65.05 -13.09 -21.00
CA PRO E 31 65.01 -14.21 -20.04
C PRO E 31 64.00 -15.28 -20.40
N ALA E 32 62.99 -14.97 -21.19
CA ALA E 32 62.01 -15.98 -21.56
C ALA E 32 62.66 -17.02 -22.48
N PRO E 33 62.59 -18.31 -22.14
CA PRO E 33 63.23 -19.32 -22.98
C PRO E 33 62.48 -19.53 -24.29
N ARG E 34 63.18 -20.12 -25.24
CA ARG E 34 62.57 -20.46 -26.52
C ARG E 34 61.55 -21.57 -26.34
N GLU E 35 60.40 -21.43 -27.00
CA GLU E 35 59.31 -22.40 -26.91
C GLU E 35 59.22 -23.20 -28.19
N THR E 36 59.26 -24.53 -28.07
CA THR E 36 59.12 -25.39 -29.24
C THR E 36 57.72 -25.27 -29.85
N LYS E 37 56.70 -25.15 -29.01
CA LYS E 37 55.33 -25.06 -29.50
C LYS E 37 55.11 -23.73 -30.22
N ASP E 38 54.15 -23.74 -31.14
CA ASP E 38 53.82 -22.55 -31.92
C ASP E 38 52.92 -21.58 -31.18
N THR E 39 52.41 -21.96 -30.00
CA THR E 39 51.52 -21.12 -29.21
C THR E 39 52.28 -20.58 -28.01
N ASP E 40 52.17 -19.28 -27.78
CA ASP E 40 52.83 -18.60 -26.68
C ASP E 40 51.83 -17.74 -25.94
N ILE E 41 52.22 -17.30 -24.74
CA ILE E 41 51.32 -16.50 -23.91
C ILE E 41 51.02 -15.17 -24.59
N VAL E 42 52.00 -14.60 -25.29
CA VAL E 42 51.77 -13.36 -26.03
C VAL E 42 50.74 -13.59 -27.13
N ASP E 43 50.90 -14.68 -27.88
CA ASP E 43 49.95 -15.00 -28.94
C ASP E 43 48.56 -15.29 -28.35
N GLU E 44 48.51 -16.04 -27.25
CA GLU E 44 47.23 -16.35 -26.63
C GLU E 44 46.54 -15.07 -26.17
N ALA E 45 47.29 -14.13 -25.60
CA ALA E 45 46.73 -12.84 -25.27
C ALA E 45 46.19 -12.15 -26.51
N ILE E 46 47.07 -11.85 -27.46
CA ILE E 46 46.71 -11.19 -28.71
C ILE E 46 45.42 -11.77 -29.30
N TYR E 47 45.25 -13.09 -29.16
CA TYR E 47 44.01 -13.72 -29.61
C TYR E 47 42.84 -13.32 -28.72
N TYR E 48 42.94 -13.61 -27.41
CA TYR E 48 41.79 -13.47 -26.51
C TYR E 48 41.45 -12.02 -26.19
N PHE E 49 42.30 -11.06 -26.56
CA PHE E 49 42.15 -9.70 -26.08
C PHE E 49 40.84 -9.07 -26.55
N LYS E 50 40.44 -9.33 -27.79
CA LYS E 50 39.24 -8.71 -28.32
C LYS E 50 37.99 -9.06 -27.52
N ALA E 51 38.00 -10.17 -26.80
CA ALA E 51 36.90 -10.53 -25.92
C ALA E 51 37.21 -10.29 -24.45
N ASN E 52 38.48 -10.31 -24.06
CA ASN E 52 38.84 -10.08 -22.67
C ASN E 52 38.73 -8.60 -22.28
N VAL E 53 38.98 -7.70 -23.22
CA VAL E 53 39.04 -6.27 -22.89
C VAL E 53 37.71 -5.77 -22.35
N PHE E 54 36.60 -6.37 -22.78
CA PHE E 54 35.29 -5.92 -22.32
C PHE E 54 35.03 -6.32 -20.87
N PHE E 55 35.75 -7.31 -20.36
CA PHE E 55 35.49 -7.80 -19.02
C PHE E 55 36.10 -6.86 -17.99
N LYS E 56 35.26 -6.32 -17.13
CA LYS E 56 35.69 -5.42 -16.06
C LYS E 56 35.90 -6.13 -14.74
N ASN E 57 35.73 -7.46 -14.70
CA ASN E 57 35.93 -8.25 -13.50
C ASN E 57 36.63 -9.53 -13.90
N TYR E 58 37.92 -9.65 -13.57
CA TYR E 58 38.72 -10.81 -13.89
C TYR E 58 39.15 -11.51 -12.61
N GLU E 59 38.98 -12.84 -12.58
CA GLU E 59 39.39 -13.66 -11.46
C GLU E 59 40.73 -14.32 -11.82
N ILE E 60 41.73 -14.11 -10.97
CA ILE E 60 43.07 -14.62 -11.24
C ILE E 60 43.16 -16.05 -10.75
N LYS E 61 42.76 -16.99 -11.59
CA LYS E 61 42.74 -18.41 -11.21
C LYS E 61 44.10 -19.07 -11.36
N ASN E 62 45.08 -18.38 -11.95
CA ASN E 62 46.38 -18.98 -12.22
C ASN E 62 47.44 -17.90 -12.09
N GLU E 63 48.70 -18.30 -12.26
CA GLU E 63 49.80 -17.34 -12.30
C GLU E 63 50.15 -16.90 -13.71
N ALA E 64 49.96 -17.75 -14.71
CA ALA E 64 50.05 -17.30 -16.10
C ALA E 64 48.94 -16.31 -16.42
N ASP E 65 47.87 -16.30 -15.63
CA ASP E 65 46.83 -15.29 -15.82
C ASP E 65 47.40 -13.89 -15.66
N ARG E 66 48.26 -13.69 -14.66
CA ARG E 66 48.85 -12.37 -14.46
C ARG E 66 49.65 -11.94 -15.68
N THR E 67 50.39 -12.87 -16.29
CA THR E 67 51.06 -12.58 -17.55
C THR E 67 50.04 -12.17 -18.60
N LEU E 68 48.90 -12.86 -18.64
CA LEU E 68 47.87 -12.55 -19.62
C LEU E 68 47.34 -11.13 -19.45
N ILE E 69 47.02 -10.73 -18.21
CA ILE E 69 46.53 -9.36 -17.99
C ILE E 69 47.61 -8.34 -18.31
N TYR E 70 48.87 -8.61 -17.98
CA TYR E 70 49.90 -7.62 -18.30
C TYR E 70 50.02 -7.44 -19.81
N ILE E 71 50.03 -8.54 -20.57
CA ILE E 71 50.12 -8.43 -22.01
C ILE E 71 48.88 -7.75 -22.57
N THR E 72 47.70 -8.01 -21.99
CA THR E 72 46.47 -7.37 -22.46
C THR E 72 46.52 -5.86 -22.24
N LEU E 73 46.99 -5.42 -21.07
CA LEU E 73 47.08 -3.98 -20.82
C LEU E 73 48.09 -3.34 -21.76
N TYR E 74 49.22 -4.02 -22.02
CA TYR E 74 50.16 -3.46 -22.97
C TYR E 74 49.56 -3.42 -24.37
N ILE E 75 48.74 -4.40 -24.72
CA ILE E 75 48.05 -4.39 -26.01
C ILE E 75 47.13 -3.18 -26.10
N SER E 76 46.42 -2.88 -25.02
CA SER E 76 45.55 -1.71 -25.00
C SER E 76 46.37 -0.44 -25.23
N GLU E 77 47.49 -0.29 -24.52
CA GLU E 77 48.33 0.88 -24.72
C GLU E 77 48.90 0.92 -26.14
N CYS E 78 49.25 -0.25 -26.68
CA CYS E 78 49.83 -0.33 -28.02
C CYS E 78 48.83 0.12 -29.07
N LEU E 79 47.57 -0.28 -28.92
CA LEU E 79 46.54 0.20 -29.84
C LEU E 79 46.26 1.68 -29.63
N LYS E 80 46.39 2.17 -28.39
CA LYS E 80 46.26 3.62 -28.18
C LYS E 80 47.34 4.37 -28.97
N LYS E 81 48.57 3.87 -28.96
CA LYS E 81 49.65 4.52 -29.67
C LYS E 81 49.70 4.17 -31.16
N LEU E 82 48.94 3.18 -31.60
CA LEU E 82 48.95 2.77 -33.00
C LEU E 82 47.89 3.47 -33.83
N GLN E 83 46.99 4.23 -33.22
CA GLN E 83 45.91 4.88 -33.97
C GLN E 83 46.48 5.88 -34.97
N LYS E 84 47.50 6.63 -34.56
CA LYS E 84 48.13 7.64 -35.41
C LYS E 84 49.38 7.02 -36.05
N CYS E 85 49.16 6.31 -37.14
CA CYS E 85 50.25 5.70 -37.90
C CYS E 85 49.85 5.63 -39.36
N ASN E 86 50.85 5.52 -40.23
CA ASN E 86 50.61 5.48 -41.67
C ASN E 86 51.20 4.27 -42.37
N SER E 87 52.17 3.57 -41.77
CA SER E 87 52.81 2.44 -42.41
C SER E 87 53.18 1.40 -41.38
N LYS E 88 53.40 0.17 -41.85
CA LYS E 88 53.81 -0.90 -40.96
C LYS E 88 55.17 -0.62 -40.35
N SER E 89 56.09 -0.05 -41.12
CA SER E 89 57.41 0.28 -40.60
C SER E 89 57.32 1.35 -39.52
N GLN E 90 56.53 2.39 -39.76
CA GLN E 90 56.32 3.42 -38.75
C GLN E 90 55.66 2.83 -37.51
N GLY E 91 54.70 1.92 -37.71
CA GLY E 91 54.08 1.27 -36.57
C GLY E 91 55.08 0.48 -35.75
N GLU E 92 55.94 -0.28 -36.41
CA GLU E 92 56.95 -1.07 -35.70
C GLU E 92 57.93 -0.17 -34.96
N LYS E 93 58.31 0.96 -35.58
CA LYS E 93 59.18 1.91 -34.90
C LYS E 93 58.50 2.47 -33.66
N GLU E 94 57.20 2.76 -33.74
CA GLU E 94 56.47 3.21 -32.57
C GLU E 94 56.44 2.13 -31.49
N MET E 95 56.28 0.86 -31.90
CA MET E 95 56.28 -0.23 -30.94
C MET E 95 57.62 -0.32 -30.23
N TYR E 96 58.71 -0.19 -30.99
CA TYR E 96 60.04 -0.23 -30.40
C TYR E 96 60.24 0.94 -29.45
N THR E 97 59.74 2.12 -29.81
CA THR E 97 59.84 3.27 -28.93
C THR E 97 59.09 3.04 -27.63
N LEU E 98 57.89 2.45 -27.71
CA LEU E 98 57.14 2.12 -26.51
C LEU E 98 57.88 1.08 -25.67
N GLY E 99 58.45 0.06 -26.32
CA GLY E 99 59.14 -0.99 -25.59
C GLY E 99 60.40 -0.51 -24.89
N ILE E 100 61.17 0.36 -25.54
CA ILE E 100 62.40 0.87 -24.94
C ILE E 100 62.13 1.77 -23.74
N THR E 101 60.90 2.25 -23.58
CA THR E 101 60.55 3.06 -22.42
C THR E 101 60.34 2.15 -21.20
N ASN E 102 60.00 2.77 -20.07
CA ASN E 102 59.90 2.06 -18.79
C ASN E 102 58.55 2.37 -18.15
N PHE E 103 57.55 1.56 -18.47
CA PHE E 103 56.30 1.59 -17.74
C PHE E 103 56.52 1.04 -16.34
N PRO E 104 55.67 1.43 -15.38
CA PRO E 104 55.85 0.96 -14.00
C PRO E 104 55.84 -0.56 -13.91
N ILE E 105 56.76 -1.09 -13.12
CA ILE E 105 56.85 -2.52 -12.85
C ILE E 105 55.95 -2.82 -11.66
N PRO E 106 55.56 -4.07 -11.43
CA PRO E 106 54.70 -4.38 -10.28
C PRO E 106 55.34 -3.94 -8.98
N GLY E 107 54.52 -3.36 -8.09
CA GLY E 107 55.00 -2.87 -6.82
C GLY E 107 55.17 -1.36 -6.79
N GLU E 108 55.67 -0.79 -7.87
CA GLU E 108 55.83 0.65 -7.94
C GLU E 108 54.46 1.33 -8.03
N PRO E 109 54.32 2.52 -7.46
CA PRO E 109 53.06 3.25 -7.58
C PRO E 109 52.73 3.56 -9.03
N GLY E 110 51.45 3.53 -9.35
CA GLY E 110 50.96 3.77 -10.68
C GLY E 110 50.72 2.53 -11.52
N PHE E 111 51.31 1.41 -11.13
CA PHE E 111 51.08 0.17 -11.85
C PHE E 111 49.71 -0.38 -11.49
N PRO E 112 48.87 -0.71 -12.48
CA PRO E 112 47.53 -1.20 -12.17
C PRO E 112 47.57 -2.55 -11.49
N LEU E 113 46.55 -2.80 -10.66
CA LEU E 113 46.41 -4.07 -9.94
C LEU E 113 47.64 -4.35 -9.07
N ASN E 114 48.13 -3.32 -8.38
CA ASN E 114 49.23 -3.51 -7.44
C ASN E 114 48.83 -4.39 -6.26
N ALA E 115 47.54 -4.47 -5.95
CA ALA E 115 47.06 -5.35 -4.89
C ALA E 115 46.91 -6.79 -5.34
N ILE E 116 47.00 -7.06 -6.63
CA ILE E 116 46.91 -8.42 -7.17
C ILE E 116 48.29 -9.00 -7.43
N TYR E 117 49.19 -8.22 -7.99
CA TYR E 117 50.55 -8.66 -8.23
C TYR E 117 51.37 -8.59 -6.95
N ALA E 118 52.57 -9.18 -7.00
CA ALA E 118 53.47 -9.21 -5.86
C ALA E 118 54.77 -8.49 -6.20
N LYS E 119 55.32 -7.81 -5.21
CA LYS E 119 56.59 -7.12 -5.39
C LYS E 119 57.72 -8.12 -5.59
N PRO E 120 58.71 -7.79 -6.42
CA PRO E 120 59.88 -8.66 -6.55
C PRO E 120 60.61 -8.79 -5.22
N ALA E 121 61.12 -10.00 -4.96
CA ALA E 121 61.74 -10.28 -3.68
C ALA E 121 63.10 -9.61 -3.52
N ASN E 122 63.94 -9.68 -4.55
CA ASN E 122 65.31 -9.19 -4.46
C ASN E 122 65.68 -8.42 -5.72
N LYS E 123 66.88 -7.85 -5.69
CA LYS E 123 67.37 -7.07 -6.83
C LYS E 123 67.52 -7.93 -8.08
N GLN E 124 68.05 -9.15 -7.91
CA GLN E 124 68.16 -10.05 -9.06
C GLN E 124 66.79 -10.40 -9.61
N GLU E 125 65.84 -10.71 -8.74
CA GLU E 125 64.49 -11.01 -9.20
C GLU E 125 63.85 -9.78 -9.81
N ASP E 126 64.12 -8.59 -9.26
CA ASP E 126 63.59 -7.36 -9.84
C ASP E 126 64.12 -7.15 -11.26
N GLU E 127 65.41 -7.36 -11.47
CA GLU E 127 65.98 -7.22 -12.80
C GLU E 127 65.41 -8.26 -13.76
N VAL E 128 65.24 -9.50 -13.28
CA VAL E 128 64.67 -10.55 -14.11
C VAL E 128 63.26 -10.17 -14.53
N MET E 129 62.45 -9.65 -13.58
CA MET E 129 61.09 -9.25 -13.90
C MET E 129 61.09 -8.09 -14.90
N ARG E 130 61.98 -7.12 -14.73
CA ARG E 130 62.03 -5.99 -15.66
C ARG E 130 62.38 -6.45 -17.06
N ALA E 131 63.40 -7.31 -17.18
CA ALA E 131 63.79 -7.81 -18.49
C ALA E 131 62.67 -8.64 -19.12
N TYR E 132 62.00 -9.47 -18.33
CA TYR E 132 60.91 -10.28 -18.84
C TYR E 132 59.78 -9.41 -19.35
N LEU E 133 59.42 -8.38 -18.59
CA LEU E 133 58.34 -7.49 -19.02
C LEU E 133 58.72 -6.75 -20.30
N GLN E 134 59.97 -6.29 -20.40
CA GLN E 134 60.40 -5.61 -21.61
C GLN E 134 60.37 -6.54 -22.81
N GLN E 135 60.82 -7.79 -22.64
CA GLN E 135 60.81 -8.74 -23.74
C GLN E 135 59.38 -9.05 -24.18
N LEU E 136 58.49 -9.27 -23.21
CA LEU E 136 57.08 -9.49 -23.55
C LEU E 136 56.51 -8.29 -24.28
N ARG E 137 56.90 -7.09 -23.87
CA ARG E 137 56.41 -5.88 -24.52
C ARG E 137 56.87 -5.83 -25.98
N GLN E 138 58.15 -6.12 -26.22
CA GLN E 138 58.67 -6.10 -27.58
C GLN E 138 57.97 -7.13 -28.46
N GLU E 139 57.81 -8.35 -27.94
CA GLU E 139 57.13 -9.39 -28.71
C GLU E 139 55.68 -9.04 -28.96
N THR E 140 55.01 -8.46 -27.96
CA THR E 140 53.62 -8.04 -28.12
C THR E 140 53.50 -7.01 -29.23
N GLY E 141 54.39 -6.01 -29.23
CA GLY E 141 54.36 -5.01 -30.29
C GLY E 141 54.60 -5.61 -31.66
N LEU E 142 55.59 -6.50 -31.77
CA LEU E 142 55.93 -7.07 -33.06
C LEU E 142 54.79 -7.93 -33.60
N ARG E 143 54.29 -8.86 -32.79
CA ARG E 143 53.19 -9.71 -33.24
C ARG E 143 51.89 -8.95 -33.39
N LEU E 144 51.77 -7.78 -32.74
CA LEU E 144 50.61 -6.93 -32.98
C LEU E 144 50.69 -6.30 -34.36
N CYS E 145 51.85 -5.73 -34.71
CA CYS E 145 51.98 -5.04 -35.99
C CYS E 145 51.98 -6.02 -37.16
N GLU E 146 52.45 -7.26 -36.93
CA GLU E 146 52.50 -8.21 -38.04
C GLU E 146 51.14 -8.62 -38.55
N LYS E 147 50.07 -8.30 -37.82
CA LYS E 147 48.72 -8.74 -38.11
C LYS E 147 47.65 -7.67 -38.04
N VAL E 148 47.86 -6.57 -37.30
CA VAL E 148 46.87 -5.50 -37.27
C VAL E 148 46.71 -4.88 -38.65
N PHE E 149 47.83 -4.60 -39.31
CA PHE E 149 47.77 -4.05 -40.66
C PHE E 149 47.23 -5.08 -41.62
N ASP E 150 46.31 -4.65 -42.48
CA ASP E 150 45.65 -5.56 -43.41
C ASP E 150 46.67 -6.09 -44.42
N PRO E 151 46.47 -7.31 -44.93
CA PRO E 151 47.45 -7.87 -45.88
C PRO E 151 47.76 -6.97 -47.07
N GLN E 152 46.79 -6.20 -47.56
CA GLN E 152 47.12 -5.18 -48.53
C GLN E 152 47.58 -3.92 -47.81
N ASN E 153 48.50 -3.19 -48.44
CA ASN E 153 49.20 -2.12 -47.76
C ASN E 153 48.29 -0.95 -47.44
N ASP E 154 48.77 -0.09 -46.54
CA ASP E 154 48.12 1.17 -46.17
C ASP E 154 46.72 0.92 -45.59
N LYS E 155 46.67 0.13 -44.53
CA LYS E 155 45.42 -0.03 -43.78
C LYS E 155 45.68 -0.47 -42.34
N PRO E 156 45.79 0.47 -41.41
CA PRO E 156 45.69 0.10 -39.99
C PRO E 156 44.25 -0.20 -39.64
N SER E 157 43.83 -1.44 -39.88
CA SER E 157 42.42 -1.78 -39.94
C SER E 157 41.68 -1.38 -38.68
N LYS E 158 40.47 -0.84 -38.88
CA LYS E 158 39.66 -0.34 -37.77
C LYS E 158 39.15 -1.46 -36.87
N TRP E 159 39.19 -2.71 -37.33
CA TRP E 159 38.71 -3.81 -36.51
C TRP E 159 39.50 -3.97 -35.23
N TRP E 160 40.71 -3.41 -35.17
CA TRP E 160 41.45 -3.31 -33.92
C TRP E 160 41.51 -1.87 -33.39
N THR E 161 41.28 -0.87 -34.23
CA THR E 161 41.25 0.50 -33.77
C THR E 161 40.01 0.80 -32.94
N CYS E 162 38.95 0.01 -33.08
CA CYS E 162 37.73 0.24 -32.33
C CYS E 162 37.91 0.02 -30.83
N PHE E 163 38.96 -0.68 -30.43
CA PHE E 163 39.20 -1.00 -29.02
C PHE E 163 40.12 0.00 -28.35
N VAL E 164 40.42 1.12 -29.01
CA VAL E 164 41.43 2.05 -28.50
C VAL E 164 40.99 2.63 -27.16
N LYS E 165 39.71 3.00 -27.03
CA LYS E 165 39.22 3.68 -25.84
C LYS E 165 38.72 2.74 -24.77
N ARG E 166 38.86 1.43 -24.96
CA ARG E 166 38.35 0.44 -24.03
C ARG E 166 39.50 -0.04 -23.15
N GLN E 167 39.31 0.06 -21.83
CA GLN E 167 40.32 -0.29 -20.85
C GLN E 167 39.94 -1.60 -20.17
N PHE E 168 40.89 -2.52 -20.13
CA PHE E 168 40.66 -3.80 -19.46
C PHE E 168 40.61 -3.61 -17.96
N MET E 169 39.55 -4.10 -17.33
CA MET E 169 39.31 -3.94 -15.89
C MET E 169 39.33 -2.47 -15.47
N ASN E 170 38.98 -1.57 -16.40
CA ASN E 170 38.98 -0.14 -16.16
C ASN E 170 40.34 0.35 -15.67
N LYS E 171 41.41 -0.31 -16.10
CA LYS E 171 42.77 0.04 -15.71
C LYS E 171 43.62 0.25 -16.96
N SER E 172 44.62 1.12 -16.83
CA SER E 172 45.53 1.40 -17.92
C SER E 172 46.93 1.57 -17.36
N LEU E 173 47.93 1.23 -18.17
CA LEU E 173 49.32 1.32 -17.75
C LEU E 173 49.81 2.75 -17.63
N SER E 174 49.04 3.73 -18.08
CA SER E 174 49.43 5.13 -17.98
C SER E 174 49.06 5.74 -16.63
N GLY E 175 48.40 5.00 -15.75
CA GLY E 175 48.02 5.51 -14.45
C GLY E 175 47.40 4.47 -13.54
N THR F 2 -16.64 39.23 0.88
CA THR F 2 -17.50 38.14 1.30
C THR F 2 -18.62 38.62 2.23
N ALA F 3 -19.66 37.82 2.34
CA ALA F 3 -20.79 38.15 3.21
C ALA F 3 -21.07 37.08 4.25
N THR F 4 -20.95 35.80 3.89
CA THR F 4 -21.21 34.72 4.83
C THR F 4 -20.24 33.55 4.69
N LEU F 5 -19.11 33.75 4.01
CA LEU F 5 -18.12 32.70 3.90
C LEU F 5 -17.07 32.79 5.01
N ARG F 6 -16.50 33.98 5.22
CA ARG F 6 -15.51 34.15 6.28
C ARG F 6 -16.09 33.90 7.67
N PRO F 7 -17.25 34.44 8.05
CA PRO F 7 -17.80 34.09 9.37
C PRO F 7 -18.08 32.60 9.53
N TYR F 8 -18.58 31.95 8.48
CA TYR F 8 -18.85 30.52 8.55
C TYR F 8 -17.56 29.73 8.76
N LEU F 9 -16.51 30.10 8.03
CA LEU F 9 -15.23 29.42 8.18
C LEU F 9 -14.63 29.68 9.56
N SER F 10 -14.81 30.90 10.09
CA SER F 10 -14.32 31.19 11.44
C SER F 10 -15.03 30.34 12.48
N ALA F 11 -16.36 30.22 12.35
CA ALA F 11 -17.11 29.39 13.28
C ALA F 11 -16.69 27.93 13.19
N VAL F 12 -16.50 27.43 11.97
CA VAL F 12 -16.07 26.04 11.80
C VAL F 12 -14.68 25.84 12.38
N ARG F 13 -13.78 26.79 12.17
CA ARG F 13 -12.43 26.68 12.71
C ARG F 13 -12.44 26.67 14.23
N ALA F 14 -13.25 27.54 14.84
CA ALA F 14 -13.35 27.56 16.29
C ALA F 14 -13.90 26.25 16.83
N THR F 15 -14.93 25.72 16.18
CA THR F 15 -15.52 24.46 16.66
C THR F 15 -14.53 23.30 16.48
N LEU F 16 -13.76 23.32 15.39
CA LEU F 16 -12.75 22.29 15.19
C LEU F 16 -11.67 22.35 16.26
N GLN F 17 -11.22 23.55 16.61
CA GLN F 17 -10.27 23.68 17.71
C GLN F 17 -10.88 23.15 19.01
N ALA F 18 -12.16 23.43 19.23
CA ALA F 18 -12.83 22.92 20.43
C ALA F 18 -13.01 21.42 20.39
N ALA F 19 -12.99 20.80 19.21
CA ALA F 19 -13.24 19.37 19.08
C ALA F 19 -11.98 18.55 18.83
N LEU F 20 -10.97 19.13 18.21
CA LEU F 20 -9.72 18.41 17.93
C LEU F 20 -8.79 18.44 19.14
N CYS F 21 -9.34 18.02 20.27
CA CYS F 21 -8.60 17.84 21.52
C CYS F 21 -8.78 16.37 21.90
N LEU F 22 -7.92 15.52 21.35
CA LEU F 22 -8.07 14.08 21.47
C LEU F 22 -6.86 13.47 22.17
N GLU F 23 -7.11 12.42 22.95
CA GLU F 23 -6.06 11.71 23.65
C GLU F 23 -6.21 10.22 23.39
N ASN F 24 -5.11 9.49 23.55
CA ASN F 24 -5.13 8.05 23.37
C ASN F 24 -6.12 7.42 24.35
N PHE F 25 -6.97 6.53 23.84
CA PHE F 25 -7.98 5.88 24.67
C PHE F 25 -8.12 4.43 24.23
N SER F 26 -7.55 3.53 25.01
CA SER F 26 -7.80 2.10 24.83
C SER F 26 -9.26 1.78 25.08
N SER F 27 -9.77 0.79 24.35
CA SER F 27 -11.18 0.47 24.40
C SER F 27 -11.57 -0.06 25.77
N GLN F 28 -12.68 0.46 26.31
CA GLN F 28 -13.22 -0.07 27.56
C GLN F 28 -13.94 -1.39 27.34
N VAL F 29 -14.65 -1.51 26.22
CA VAL F 29 -15.45 -2.70 25.99
C VAL F 29 -14.67 -3.83 25.33
N VAL F 30 -13.55 -3.53 24.67
CA VAL F 30 -12.78 -4.53 23.95
C VAL F 30 -11.36 -4.50 24.47
N GLU F 31 -10.81 -5.68 24.75
CA GLU F 31 -9.49 -5.79 25.34
C GLU F 31 -8.40 -5.51 24.30
N ARG F 32 -7.44 -4.67 24.67
CA ARG F 32 -6.26 -4.39 23.87
C ARG F 32 -6.61 -3.87 22.48
N HIS F 33 -7.63 -3.01 22.41
CA HIS F 33 -8.02 -2.36 21.16
C HIS F 33 -8.00 -0.86 21.35
N ASN F 34 -7.58 -0.14 20.31
CA ASN F 34 -7.60 1.31 20.29
C ASN F 34 -8.44 1.72 19.10
N LYS F 35 -9.73 1.79 19.31
CA LYS F 35 -10.68 2.10 18.26
C LYS F 35 -11.12 3.56 18.37
N PRO F 36 -11.46 4.19 17.24
CA PRO F 36 -12.03 5.54 17.29
C PRO F 36 -13.44 5.48 17.86
N GLU F 37 -13.63 6.14 19.01
CA GLU F 37 -14.89 6.00 19.73
C GLU F 37 -16.06 6.61 18.97
N VAL F 38 -15.82 7.64 18.16
CA VAL F 38 -16.91 8.24 17.41
C VAL F 38 -17.49 7.26 16.40
N GLU F 39 -16.72 6.27 15.98
CA GLU F 39 -17.18 5.29 15.01
C GLU F 39 -17.88 4.12 15.70
N VAL F 40 -17.20 3.47 16.64
CA VAL F 40 -17.76 2.30 17.30
C VAL F 40 -18.96 2.70 18.16
N ARG F 41 -18.88 3.85 18.82
CA ARG F 41 -19.96 4.36 19.68
C ARG F 41 -20.35 3.33 20.73
N SER F 42 -19.37 2.61 21.25
CA SER F 42 -19.64 1.56 22.23
C SER F 42 -19.81 2.10 23.65
N SER F 43 -19.39 3.34 23.90
CA SER F 43 -19.54 3.96 25.21
C SER F 43 -20.11 5.36 25.01
N LYS F 44 -21.29 5.60 25.60
CA LYS F 44 -21.97 6.88 25.42
C LYS F 44 -21.29 8.00 26.19
N GLU F 45 -20.52 7.69 27.23
CA GLU F 45 -19.88 8.73 28.01
C GLU F 45 -18.70 9.34 27.27
N LEU F 46 -18.08 8.60 26.37
CA LEU F 46 -16.94 9.10 25.61
C LEU F 46 -17.34 9.83 24.34
N LEU F 47 -18.62 9.85 23.99
CA LEU F 47 -19.08 10.54 22.80
C LEU F 47 -19.53 11.95 23.15
N LEU F 48 -18.99 12.93 22.44
CA LEU F 48 -19.34 14.32 22.65
C LEU F 48 -20.64 14.63 21.90
N GLN F 49 -21.24 15.76 22.22
CA GLN F 49 -22.46 16.17 21.54
C GLN F 49 -22.15 16.56 20.10
N PRO F 50 -22.82 15.96 19.11
CA PRO F 50 -22.59 16.38 17.72
C PRO F 50 -23.11 17.78 17.49
N VAL F 51 -22.29 18.63 16.88
CA VAL F 51 -22.65 20.01 16.62
C VAL F 51 -22.70 20.22 15.11
N THR F 52 -23.53 21.17 14.69
CA THR F 52 -23.68 21.52 13.28
C THR F 52 -23.44 23.01 13.12
N ILE F 53 -22.63 23.38 12.13
CA ILE F 53 -22.43 24.77 11.75
C ILE F 53 -22.86 24.91 10.30
N SER F 54 -23.92 25.68 10.06
CA SER F 54 -24.54 25.77 8.74
C SER F 54 -24.38 27.18 8.19
N ARG F 55 -23.82 27.27 6.99
CA ARG F 55 -23.74 28.55 6.30
C ARG F 55 -25.10 28.96 5.76
N ASN F 56 -25.84 28.01 5.22
CA ASN F 56 -27.22 28.21 4.77
C ASN F 56 -27.94 26.89 4.94
N GLU F 57 -29.08 26.73 4.28
CA GLU F 57 -29.86 25.51 4.41
C GLU F 57 -29.28 24.34 3.64
N LYS F 58 -28.13 24.50 2.96
CA LYS F 58 -27.59 23.42 2.16
C LYS F 58 -26.12 23.15 2.46
N GLU F 59 -25.39 24.16 2.93
CA GLU F 59 -23.98 24.04 3.25
C GLU F 59 -23.80 23.96 4.76
N LYS F 60 -23.28 22.85 5.25
CA LYS F 60 -23.19 22.62 6.68
C LYS F 60 -22.05 21.66 6.99
N VAL F 61 -21.50 21.81 8.19
CA VAL F 61 -20.46 20.94 8.71
C VAL F 61 -20.94 20.35 10.03
N LEU F 62 -20.97 19.03 10.09
CA LEU F 62 -21.31 18.29 11.30
C LEU F 62 -20.02 17.80 11.93
N ILE F 63 -19.69 18.34 13.10
CA ILE F 63 -18.52 17.93 13.87
C ILE F 63 -19.01 17.16 15.07
N GLU F 64 -18.71 15.86 15.10
CA GLU F 64 -19.07 15.01 16.23
C GLU F 64 -17.81 14.37 16.77
N GLY F 65 -17.51 14.65 18.04
CA GLY F 65 -16.24 14.30 18.63
C GLY F 65 -16.36 13.19 19.65
N SER F 66 -15.20 12.68 20.04
CA SER F 66 -15.10 11.66 21.08
C SER F 66 -13.80 11.90 21.84
N ILE F 67 -13.49 10.98 22.74
CA ILE F 67 -12.25 11.08 23.51
C ILE F 67 -11.02 10.93 22.63
N ASN F 68 -11.09 10.08 21.59
CA ASN F 68 -9.93 9.81 20.76
C ASN F 68 -10.18 9.99 19.27
N SER F 69 -11.30 10.59 18.88
CA SER F 69 -11.60 10.73 17.46
C SER F 69 -12.65 11.80 17.25
N VAL F 70 -12.54 12.51 16.13
CA VAL F 70 -13.52 13.50 15.70
C VAL F 70 -13.87 13.24 14.24
N ARG F 71 -15.17 13.26 13.95
CA ARG F 71 -15.68 13.09 12.59
C ARG F 71 -16.25 14.42 12.13
N VAL F 72 -15.74 14.93 11.02
CA VAL F 72 -16.11 16.22 10.47
C VAL F 72 -16.68 15.99 9.08
N SER F 73 -17.99 16.15 8.94
CA SER F 73 -18.67 15.94 7.68
C SER F 73 -19.04 17.28 7.06
N ILE F 74 -18.71 17.47 5.80
CA ILE F 74 -18.95 18.72 5.08
C ILE F 74 -19.90 18.45 3.92
N ALA F 75 -20.90 19.32 3.78
CA ALA F 75 -21.79 19.32 2.62
C ALA F 75 -21.40 20.49 1.73
N VAL F 76 -20.80 20.16 0.59
CA VAL F 76 -20.25 21.18 -0.31
C VAL F 76 -21.38 21.87 -1.07
N LYS F 77 -21.14 23.10 -1.48
CA LYS F 77 -22.13 23.85 -2.25
C LYS F 77 -22.30 23.23 -3.64
N GLN F 78 -23.56 23.14 -4.07
CA GLN F 78 -23.91 22.57 -5.37
C GLN F 78 -25.02 23.43 -5.97
N ALA F 79 -24.65 24.38 -6.81
CA ALA F 79 -25.61 25.32 -7.35
C ALA F 79 -26.55 24.64 -8.34
N ASP F 80 -26.00 23.87 -9.27
CA ASP F 80 -26.78 23.29 -10.36
C ASP F 80 -26.34 21.84 -10.55
N GLU F 81 -26.91 21.21 -11.59
CA GLU F 81 -26.65 19.79 -11.82
C GLU F 81 -25.19 19.53 -12.16
N ILE F 82 -24.60 20.40 -12.97
CA ILE F 82 -23.19 20.23 -13.33
C ILE F 82 -22.31 20.32 -12.09
N GLU F 83 -22.60 21.28 -11.20
CA GLU F 83 -21.87 21.36 -9.95
C GLU F 83 -22.10 20.12 -9.10
N LYS F 84 -23.32 19.58 -9.12
CA LYS F 84 -23.60 18.37 -8.34
C LYS F 84 -22.75 17.20 -8.81
N ILE F 85 -22.71 16.96 -10.12
CA ILE F 85 -21.94 15.82 -10.61
C ILE F 85 -20.45 16.05 -10.41
N LEU F 86 -19.98 17.29 -10.61
CA LEU F 86 -18.57 17.56 -10.39
C LEU F 86 -18.18 17.36 -8.94
N CYS F 87 -19.02 17.81 -8.00
CA CYS F 87 -18.74 17.63 -6.59
C CYS F 87 -18.72 16.15 -6.22
N HIS F 88 -19.73 15.41 -6.66
CA HIS F 88 -19.80 13.99 -6.31
C HIS F 88 -18.61 13.23 -6.90
N LYS F 89 -18.24 13.56 -8.14
CA LYS F 89 -17.16 12.87 -8.81
C LYS F 89 -15.81 13.21 -8.17
N PHE F 90 -15.62 14.47 -7.79
CA PHE F 90 -14.43 14.86 -7.04
C PHE F 90 -14.36 14.15 -5.70
N MET F 91 -15.48 14.05 -5.00
CA MET F 91 -15.45 13.44 -3.68
C MET F 91 -15.13 11.95 -3.80
N ARG F 92 -15.72 11.25 -4.77
CA ARG F 92 -15.36 9.84 -4.94
C ARG F 92 -13.90 9.71 -5.36
N PHE F 93 -13.41 10.63 -6.19
CA PHE F 93 -12.01 10.62 -6.59
C PHE F 93 -11.10 10.69 -5.38
N MET F 94 -11.35 11.63 -4.48
CA MET F 94 -10.50 11.77 -3.31
C MET F 94 -10.68 10.61 -2.34
N MET F 95 -11.90 10.10 -2.20
CA MET F 95 -12.17 9.09 -1.20
C MET F 95 -11.69 7.73 -1.64
N MET F 96 -11.47 7.53 -2.95
CA MET F 96 -10.88 6.29 -3.41
C MET F 96 -9.45 6.15 -2.91
N ARG F 97 -8.72 7.26 -2.78
CA ARG F 97 -7.37 7.27 -2.23
C ARG F 97 -7.34 7.73 -0.78
N ALA F 98 -8.32 7.32 0.01
CA ALA F 98 -8.35 7.68 1.42
C ALA F 98 -7.21 7.08 2.22
N GLU F 99 -6.49 6.10 1.65
CA GLU F 99 -5.30 5.59 2.34
C GLU F 99 -4.18 6.61 2.34
N ASN F 100 -4.17 7.53 1.37
CA ASN F 100 -3.20 8.61 1.33
C ASN F 100 -3.67 9.81 2.15
N PHE F 101 -4.94 10.17 2.04
CA PHE F 101 -5.56 11.15 2.94
C PHE F 101 -5.83 10.46 4.25
N PHE F 102 -4.82 10.45 5.14
CA PHE F 102 -4.91 9.65 6.36
C PHE F 102 -6.10 10.05 7.23
N ILE F 103 -6.63 11.25 7.06
CA ILE F 103 -7.71 11.75 7.91
C ILE F 103 -9.02 11.80 7.14
N LEU F 104 -9.19 10.92 6.16
CA LEU F 104 -10.36 10.92 5.30
C LEU F 104 -11.08 9.59 5.39
N ARG F 105 -12.41 9.64 5.36
CA ARG F 105 -13.23 8.44 5.37
C ARG F 105 -13.43 7.92 3.95
N ARG F 106 -13.66 6.61 3.85
CA ARG F 106 -13.96 5.99 2.56
C ARG F 106 -15.40 6.21 2.11
N LYS F 107 -16.35 6.31 3.06
CA LYS F 107 -17.74 6.59 2.73
C LYS F 107 -18.27 7.69 3.62
N PRO F 108 -19.06 8.61 3.07
CA PRO F 108 -19.58 9.72 3.87
C PRO F 108 -20.70 9.27 4.80
N VAL F 109 -20.99 10.12 5.78
CA VAL F 109 -22.22 9.93 6.54
C VAL F 109 -23.41 10.35 5.69
N GLU F 110 -24.58 9.86 6.07
CA GLU F 110 -25.78 10.11 5.29
C GLU F 110 -26.08 11.60 5.24
N GLY F 111 -26.36 12.10 4.04
CA GLY F 111 -26.71 13.49 3.86
C GLY F 111 -25.55 14.45 3.75
N TYR F 112 -24.32 13.96 3.73
CA TYR F 112 -23.14 14.81 3.69
C TYR F 112 -22.23 14.39 2.56
N ASP F 113 -21.44 15.35 2.06
CA ASP F 113 -20.63 15.14 0.86
C ASP F 113 -19.33 14.44 1.20
N ILE F 114 -18.55 14.99 2.12
CA ILE F 114 -17.27 14.44 2.53
C ILE F 114 -17.27 14.24 4.04
N SER F 115 -16.42 13.31 4.49
CA SER F 115 -16.29 13.04 5.91
C SER F 115 -14.82 12.80 6.22
N PHE F 116 -14.27 13.60 7.13
CA PHE F 116 -12.94 13.39 7.68
C PHE F 116 -13.06 12.69 9.02
N LEU F 117 -12.14 11.77 9.29
CA LEU F 117 -12.03 11.16 10.60
C LEU F 117 -10.62 11.41 11.11
N ILE F 118 -10.50 12.28 12.10
CA ILE F 118 -9.21 12.62 12.69
C ILE F 118 -9.14 11.91 14.04
N THR F 119 -8.25 10.95 14.14
CA THR F 119 -8.06 10.17 15.35
C THR F 119 -6.97 10.81 16.20
N ASN F 120 -6.84 10.35 17.45
CA ASN F 120 -5.78 10.85 18.32
C ASN F 120 -4.41 10.61 17.71
N PHE F 121 -4.25 9.54 16.92
CA PHE F 121 -2.97 9.27 16.30
C PHE F 121 -2.59 10.35 15.30
N HIS F 122 -3.56 10.85 14.54
CA HIS F 122 -3.28 11.91 13.58
C HIS F 122 -2.85 13.19 14.29
N THR F 123 -3.52 13.54 15.38
CA THR F 123 -3.09 14.70 16.16
C THR F 123 -1.76 14.45 16.87
N GLU F 124 -1.39 13.19 17.06
CA GLU F 124 -0.07 12.89 17.59
C GLU F 124 1.01 13.10 16.53
N GLN F 125 0.75 12.68 15.30
CA GLN F 125 1.72 12.76 14.22
C GLN F 125 1.56 14.00 13.35
N MET F 126 0.55 14.84 13.62
CA MET F 126 0.39 16.11 12.93
C MET F 126 0.00 17.18 13.93
N TYR F 127 0.35 18.42 13.63
CA TYR F 127 -0.06 19.53 14.48
C TYR F 127 -1.56 19.74 14.36
N LYS F 128 -2.23 19.87 15.50
CA LYS F 128 -3.69 19.97 15.50
C LYS F 128 -4.16 21.25 14.83
N HIS F 129 -3.48 22.37 15.08
CA HIS F 129 -3.86 23.61 14.41
C HIS F 129 -3.60 23.53 12.92
N LYS F 130 -2.55 22.80 12.52
CA LYS F 130 -2.33 22.55 11.10
C LYS F 130 -3.46 21.73 10.50
N LEU F 131 -3.99 20.77 11.27
CA LEU F 131 -5.13 20.00 10.79
C LEU F 131 -6.38 20.86 10.64
N VAL F 132 -6.62 21.75 11.59
CA VAL F 132 -7.75 22.67 11.49
C VAL F 132 -7.60 23.56 10.26
N ASP F 133 -6.39 24.09 10.06
CA ASP F 133 -6.13 24.92 8.89
C ASP F 133 -6.30 24.13 7.62
N PHE F 134 -5.91 22.85 7.62
CA PHE F 134 -6.11 22.01 6.45
C PHE F 134 -7.59 21.81 6.17
N VAL F 135 -8.40 21.61 7.20
CA VAL F 135 -9.83 21.41 6.97
C VAL F 135 -10.46 22.67 6.39
N ILE F 136 -10.12 23.84 6.93
CA ILE F 136 -10.68 25.08 6.39
C ILE F 136 -10.20 25.32 4.96
N HIS F 137 -8.91 25.11 4.72
CA HIS F 137 -8.36 25.23 3.38
C HIS F 137 -9.04 24.26 2.42
N PHE F 138 -9.38 23.07 2.91
CA PHE F 138 -10.11 22.08 2.13
C PHE F 138 -11.49 22.60 1.75
N MET F 139 -12.22 23.12 2.74
CA MET F 139 -13.56 23.65 2.44
C MET F 139 -13.51 24.75 1.41
N GLU F 140 -12.49 25.61 1.48
CA GLU F 140 -12.39 26.68 0.50
C GLU F 140 -11.99 26.15 -0.88
N GLU F 141 -11.01 25.25 -0.93
CA GLU F 141 -10.46 24.83 -2.21
C GLU F 141 -11.39 23.86 -2.94
N ILE F 142 -12.24 23.12 -2.23
CA ILE F 142 -13.22 22.28 -2.92
C ILE F 142 -14.17 23.15 -3.74
N ASP F 143 -14.68 24.22 -3.13
CA ASP F 143 -15.53 25.15 -3.86
C ASP F 143 -14.78 25.80 -5.01
N LYS F 144 -13.56 26.26 -4.75
CA LYS F 144 -12.78 26.91 -5.80
C LYS F 144 -12.54 25.96 -6.98
N GLU F 145 -12.19 24.70 -6.69
CA GLU F 145 -11.88 23.76 -7.76
C GLU F 145 -13.13 23.29 -8.48
N ILE F 146 -14.27 23.20 -7.79
CA ILE F 146 -15.52 22.90 -8.47
C ILE F 146 -15.88 24.01 -9.45
N SER F 147 -15.74 25.27 -9.02
CA SER F 147 -15.98 26.38 -9.92
C SER F 147 -15.01 26.36 -11.10
N GLU F 148 -13.75 26.06 -10.84
CA GLU F 148 -12.76 25.98 -11.91
C GLU F 148 -13.10 24.89 -12.90
N MET F 149 -13.52 23.73 -12.41
CA MET F 149 -13.90 22.63 -13.30
C MET F 149 -15.12 23.01 -14.13
N LYS F 150 -16.10 23.67 -13.53
CA LYS F 150 -17.27 24.10 -14.27
C LYS F 150 -16.90 25.05 -15.40
N LEU F 151 -16.06 26.06 -15.08
CA LEU F 151 -15.65 27.01 -16.10
C LEU F 151 -14.84 26.33 -17.19
N SER F 152 -13.95 25.40 -16.81
CA SER F 152 -13.15 24.69 -17.79
C SER F 152 -14.01 23.84 -18.71
N VAL F 153 -15.03 23.18 -18.15
CA VAL F 153 -15.93 22.37 -18.98
C VAL F 153 -16.71 23.25 -19.94
N ASN F 154 -17.19 24.40 -19.47
CA ASN F 154 -17.93 25.29 -20.36
C ASN F 154 -17.04 25.81 -21.50
N ALA F 155 -15.82 26.23 -21.18
CA ALA F 155 -14.90 26.71 -22.21
C ALA F 155 -14.53 25.59 -23.18
N ARG F 156 -14.30 24.38 -22.65
CA ARG F 156 -13.98 23.24 -23.49
C ARG F 156 -15.12 22.92 -24.45
N ALA F 157 -16.36 22.93 -23.95
CA ALA F 157 -17.50 22.67 -24.81
C ALA F 157 -17.66 23.75 -25.87
N ARG F 158 -17.41 25.01 -25.50
CA ARG F 158 -17.47 26.08 -26.49
C ARG F 158 -16.45 25.85 -27.60
N ILE F 159 -15.21 25.52 -27.22
CA ILE F 159 -14.17 25.32 -28.23
C ILE F 159 -14.48 24.12 -29.11
N VAL F 160 -14.99 23.03 -28.51
CA VAL F 160 -15.35 21.84 -29.28
C VAL F 160 -16.44 22.19 -30.30
N ALA F 161 -17.48 22.90 -29.86
CA ALA F 161 -18.56 23.25 -30.77
C ALA F 161 -18.07 24.16 -31.89
N GLU F 162 -17.25 25.16 -31.56
CA GLU F 162 -16.73 26.05 -32.59
C GLU F 162 -15.86 25.30 -33.58
N GLU F 163 -15.00 24.41 -33.09
CA GLU F 163 -14.11 23.69 -33.99
C GLU F 163 -14.88 22.74 -34.91
N PHE F 164 -15.92 22.09 -34.38
CA PHE F 164 -16.72 21.22 -35.22
C PHE F 164 -17.50 22.00 -36.26
N LEU F 165 -18.13 23.12 -35.86
CA LEU F 165 -18.98 23.87 -36.78
C LEU F 165 -18.18 24.71 -37.77
N LYS F 166 -16.91 25.00 -37.48
CA LYS F 166 -16.11 25.82 -38.38
C LYS F 166 -15.75 25.08 -39.67
N ASN F 167 -15.79 23.76 -39.66
CA ASN F 167 -15.38 22.96 -40.81
C ASN F 167 -16.54 22.59 -41.71
N PHE F 168 -17.57 23.42 -41.79
CA PHE F 168 -18.70 23.17 -42.68
C PHE F 168 -18.69 24.16 -43.84
N ALA G 1 -26.25 -19.98 13.28
CA ALA G 1 -25.92 -18.73 13.95
C ALA G 1 -27.15 -18.11 14.59
N ARG G 2 -27.50 -16.90 14.12
CA ARG G 2 -28.69 -16.17 14.54
C ARG G 2 -28.59 -15.71 16.00
N PHE G 3 -27.52 -16.07 16.68
CA PHE G 3 -27.27 -15.58 18.03
C PHE G 3 -26.38 -14.35 18.06
N ARG G 4 -25.85 -13.93 16.91
CA ARG G 4 -24.99 -12.76 16.85
C ARG G 4 -25.76 -11.47 16.63
N LYS G 5 -27.07 -11.54 16.48
CA LYS G 5 -27.90 -10.36 16.24
C LYS G 5 -28.38 -9.71 17.53
N VAL G 6 -27.96 -10.22 18.68
CA VAL G 6 -28.37 -9.69 19.98
C VAL G 6 -27.21 -8.90 20.55
N ASP G 7 -27.46 -7.60 20.81
CA ASP G 7 -26.44 -6.74 21.38
C ASP G 7 -26.39 -6.90 22.89
N VAL G 8 -25.54 -7.80 23.37
CA VAL G 8 -25.43 -8.07 24.80
C VAL G 8 -24.95 -6.84 25.56
N ASP G 9 -24.14 -5.99 24.93
CA ASP G 9 -23.57 -4.83 25.61
C ASP G 9 -24.66 -3.92 26.16
N GLU G 10 -25.80 -3.84 25.48
CA GLU G 10 -26.89 -3.00 25.96
C GLU G 10 -27.45 -3.50 27.28
N TYR G 11 -27.49 -4.82 27.46
CA TYR G 11 -28.05 -5.44 28.66
C TYR G 11 -27.00 -5.66 29.74
N ASP G 12 -25.91 -4.92 29.71
CA ASP G 12 -24.83 -5.08 30.68
C ASP G 12 -24.94 -4.02 31.76
N GLU G 13 -24.73 -4.43 33.01
CA GLU G 13 -24.82 -3.52 34.16
C GLU G 13 -23.48 -2.85 34.44
N ASN G 14 -22.86 -2.29 33.40
CA ASN G 14 -21.65 -1.52 33.56
C ASN G 14 -21.60 -0.28 32.67
N LYS G 15 -22.65 0.01 31.92
CA LYS G 15 -22.67 1.19 31.06
C LYS G 15 -22.87 2.44 31.89
N PHE G 16 -22.33 3.55 31.39
CA PHE G 16 -22.48 4.83 32.07
C PHE G 16 -23.95 5.27 31.97
N VAL G 17 -24.66 5.15 33.08
CA VAL G 17 -26.07 5.53 33.15
C VAL G 17 -26.14 6.95 33.68
N ASP G 18 -26.54 7.88 32.82
CA ASP G 18 -26.68 9.27 33.23
C ASP G 18 -27.78 9.39 34.28
N GLU G 19 -27.58 10.30 35.23
CA GLU G 19 -28.53 10.42 36.34
C GLU G 19 -29.91 10.83 35.85
N GLU G 20 -30.00 11.92 35.08
CA GLU G 20 -31.26 12.41 34.53
C GLU G 20 -32.33 12.57 35.61
N ASP G 21 -31.92 13.12 36.76
CA ASP G 21 -32.79 13.26 37.91
C ASP G 21 -32.97 14.72 38.30
N GLY G 22 -32.81 15.63 37.34
CA GLY G 22 -32.98 17.04 37.63
C GLY G 22 -34.40 17.40 38.03
N GLY G 23 -35.39 16.86 37.30
CA GLY G 23 -36.77 17.13 37.62
C GLY G 23 -37.14 18.58 37.37
N ASP G 24 -38.09 19.08 38.17
CA ASP G 24 -38.57 20.46 38.10
C ASP G 24 -39.10 20.79 36.71
N GLY G 25 -38.43 21.71 36.01
CA GLY G 25 -38.86 22.11 34.70
C GLY G 25 -40.13 22.92 34.71
N GLN G 26 -40.07 24.13 35.27
CA GLN G 26 -41.25 25.00 35.39
C GLN G 26 -41.46 25.73 34.07
N ALA G 27 -41.89 24.96 33.07
CA ALA G 27 -42.24 25.44 31.74
C ALA G 27 -41.08 26.11 31.01
N GLY G 28 -39.86 25.99 31.52
CA GLY G 28 -38.71 26.59 30.89
C GLY G 28 -38.78 28.09 30.82
N PRO G 29 -38.23 28.67 29.76
CA PRO G 29 -38.32 30.13 29.58
C PRO G 29 -39.76 30.59 29.43
N ASP G 30 -40.03 31.81 29.90
CA ASP G 30 -41.38 32.36 29.88
C ASP G 30 -41.66 32.98 28.51
N GLU G 31 -42.76 32.56 27.89
CA GLU G 31 -43.14 33.11 26.59
C GLU G 31 -43.72 34.52 26.73
N GLY G 32 -44.55 34.72 27.75
CA GLY G 32 -45.20 36.02 27.90
C GLY G 32 -44.23 37.14 28.21
N GLU G 33 -43.28 36.89 29.11
CA GLU G 33 -42.31 37.93 29.47
C GLU G 33 -41.45 38.32 28.27
N VAL G 34 -40.97 37.33 27.51
CA VAL G 34 -40.14 37.64 26.36
C VAL G 34 -40.96 38.32 25.26
N ASP G 35 -42.24 37.92 25.11
CA ASP G 35 -43.09 38.61 24.15
C ASP G 35 -43.27 40.07 24.53
N SER G 36 -43.51 40.35 25.80
CA SER G 36 -43.65 41.73 26.26
C SER G 36 -42.37 42.51 26.05
N CYS G 37 -41.22 41.89 26.34
CA CYS G 37 -39.94 42.56 26.14
C CYS G 37 -39.71 42.87 24.67
N LEU G 38 -40.02 41.92 23.78
CA LEU G 38 -39.83 42.13 22.36
C LEU G 38 -40.75 43.22 21.82
N ARG G 39 -42.01 43.22 22.28
CA ARG G 39 -42.96 44.24 21.81
C ARG G 39 -42.59 45.63 22.28
N GLN G 40 -42.03 45.74 23.49
CA GLN G 40 -41.68 47.03 24.06
C GLN G 40 -40.34 47.57 23.58
N GLY G 41 -39.63 46.82 22.75
CA GLY G 41 -38.35 47.27 22.22
C GLY G 41 -37.16 47.04 23.12
N ASN G 42 -37.35 46.38 24.27
CA ASN G 42 -36.24 46.07 25.18
C ASN G 42 -35.55 44.80 24.70
N MET G 43 -34.76 44.96 23.62
CA MET G 43 -34.13 43.82 23.00
C MET G 43 -33.14 43.13 23.93
N THR G 44 -32.32 43.92 24.64
CA THR G 44 -31.38 43.35 25.60
C THR G 44 -32.12 42.64 26.72
N ALA G 45 -33.19 43.25 27.22
CA ALA G 45 -34.01 42.59 28.22
C ALA G 45 -34.68 41.34 27.66
N ALA G 46 -35.06 41.37 26.38
CA ALA G 46 -35.64 40.19 25.75
C ALA G 46 -34.64 39.04 25.72
N LEU G 47 -33.40 39.32 25.34
CA LEU G 47 -32.37 38.28 25.36
C LEU G 47 -32.12 37.78 26.77
N GLN G 48 -32.06 38.69 27.74
CA GLN G 48 -31.78 38.29 29.11
C GLN G 48 -32.89 37.39 29.65
N ALA G 49 -34.14 37.71 29.32
CA ALA G 49 -35.26 36.87 29.76
C ALA G 49 -35.28 35.55 29.01
N ALA G 50 -34.84 35.55 27.75
CA ALA G 50 -34.86 34.33 26.95
C ALA G 50 -33.84 33.32 27.46
N LEU G 51 -32.72 33.78 28.00
CA LEU G 51 -31.65 32.91 28.48
C LEU G 51 -31.84 32.45 29.92
N LYS G 52 -32.93 32.84 30.57
CA LYS G 52 -33.21 32.39 31.92
C LYS G 52 -33.99 31.09 31.91
N ASN G 53 -33.70 30.24 32.90
CA ASN G 53 -34.38 28.96 33.11
C ASN G 53 -34.27 28.06 31.87
N PRO G 54 -33.07 27.57 31.53
CA PRO G 54 -32.96 26.65 30.42
C PRO G 54 -33.56 25.30 30.79
N PRO G 55 -34.09 24.56 29.81
CA PRO G 55 -34.60 23.21 30.05
C PRO G 55 -33.49 22.16 30.16
N ILE G 56 -32.55 22.40 31.07
CA ILE G 56 -31.39 21.52 31.23
C ILE G 56 -31.74 20.19 31.86
N ASN G 57 -32.92 20.06 32.45
CA ASN G 57 -33.33 18.82 33.10
C ASN G 57 -34.60 18.21 32.52
N THR G 58 -35.24 18.85 31.55
CA THR G 58 -36.47 18.32 31.00
C THR G 58 -36.19 17.20 30.02
N LYS G 59 -36.79 16.04 30.25
CA LYS G 59 -36.60 14.89 29.38
C LYS G 59 -37.38 15.00 28.08
N SER G 60 -38.57 15.58 28.11
CA SER G 60 -39.38 15.71 26.91
C SER G 60 -38.75 16.69 25.93
N GLN G 61 -38.75 16.32 24.65
CA GLN G 61 -38.13 17.15 23.62
C GLN G 61 -39.00 18.34 23.23
N ALA G 62 -40.31 18.30 23.53
CA ALA G 62 -41.18 19.38 23.09
C ALA G 62 -40.82 20.70 23.76
N VAL G 63 -40.56 20.68 25.07
CA VAL G 63 -40.23 21.90 25.78
C VAL G 63 -38.87 22.43 25.33
N LYS G 64 -37.91 21.53 25.06
CA LYS G 64 -36.63 21.95 24.54
C LYS G 64 -36.79 22.62 23.18
N ASP G 65 -37.62 22.05 22.32
CA ASP G 65 -37.87 22.65 21.01
C ASP G 65 -38.53 24.02 21.15
N ARG G 66 -39.49 24.15 22.06
CA ARG G 66 -40.15 25.43 22.28
C ARG G 66 -39.15 26.49 22.76
N ALA G 67 -38.31 26.12 23.73
CA ALA G 67 -37.32 27.06 24.24
C ALA G 67 -36.32 27.45 23.15
N GLY G 68 -35.87 26.48 22.36
CA GLY G 68 -34.98 26.80 21.26
C GLY G 68 -35.61 27.73 20.24
N SER G 69 -36.89 27.50 19.94
CA SER G 69 -37.59 28.38 19.00
C SER G 69 -37.71 29.79 19.55
N ILE G 70 -38.03 29.92 20.85
CA ILE G 70 -38.14 31.25 21.44
C ILE G 70 -36.81 31.98 21.39
N VAL G 71 -35.73 31.29 21.77
CA VAL G 71 -34.41 31.90 21.77
C VAL G 71 -34.01 32.29 20.36
N LEU G 72 -34.33 31.42 19.38
CA LEU G 72 -34.00 31.73 17.99
C LEU G 72 -34.77 32.96 17.50
N LYS G 73 -36.05 33.05 17.85
CA LYS G 73 -36.82 34.22 17.47
C LYS G 73 -36.22 35.49 18.05
N VAL G 74 -35.77 35.41 19.31
CA VAL G 74 -35.10 36.55 19.93
C VAL G 74 -33.81 36.89 19.18
N LEU G 75 -33.03 35.86 18.83
CA LEU G 75 -31.71 36.09 18.24
C LEU G 75 -31.82 36.73 16.86
N ILE G 76 -32.65 36.18 15.97
CA ILE G 76 -32.88 36.84 14.69
C ILE G 76 -33.59 38.18 14.86
N SER G 77 -34.37 38.36 15.92
CA SER G 77 -35.00 39.65 16.16
C SER G 77 -33.99 40.75 16.42
N PHE G 78 -32.75 40.40 16.78
CA PHE G 78 -31.73 41.40 17.08
C PHE G 78 -31.22 42.08 15.81
N LYS G 79 -30.55 43.20 16.00
CA LYS G 79 -29.79 43.88 14.96
C LYS G 79 -28.30 43.56 15.15
N ALA G 80 -27.58 43.51 14.03
CA ALA G 80 -26.18 43.08 14.08
C ALA G 80 -25.32 44.03 14.91
N ASN G 81 -25.43 45.33 14.65
CA ASN G 81 -24.56 46.30 15.32
C ASN G 81 -24.77 46.30 16.82
N ASP G 82 -25.96 45.92 17.29
CA ASP G 82 -26.25 45.89 18.72
C ASP G 82 -26.05 44.52 19.33
N ILE G 83 -25.56 43.54 18.56
CA ILE G 83 -25.38 42.20 19.11
C ILE G 83 -24.28 42.20 20.16
N GLU G 84 -23.13 42.82 19.85
CA GLU G 84 -21.95 42.70 20.69
C GLU G 84 -22.23 43.14 22.11
N LYS G 85 -22.84 44.31 22.28
CA LYS G 85 -23.19 44.80 23.62
C LYS G 85 -24.01 43.76 24.37
N ALA G 86 -25.01 43.18 23.71
CA ALA G 86 -25.83 42.17 24.35
C ALA G 86 -24.97 41.01 24.84
N VAL G 87 -24.02 40.56 24.02
CA VAL G 87 -23.15 39.46 24.42
C VAL G 87 -22.36 39.83 25.67
N GLN G 88 -21.96 41.09 25.78
CA GLN G 88 -21.21 41.53 26.94
C GLN G 88 -22.06 41.68 28.18
N SER G 89 -23.39 41.59 28.06
CA SER G 89 -24.27 41.73 29.20
C SER G 89 -24.52 40.40 29.92
N LEU G 90 -23.87 39.33 29.49
CA LEU G 90 -24.04 38.00 30.08
C LEU G 90 -22.74 37.54 30.71
N ASP G 91 -22.86 36.73 31.76
CA ASP G 91 -21.71 36.17 32.44
C ASP G 91 -21.24 34.90 31.72
N LYS G 92 -20.34 34.15 32.35
CA LYS G 92 -19.83 32.94 31.73
C LYS G 92 -20.93 31.93 31.46
N ASN G 93 -21.80 31.72 32.46
CA ASN G 93 -22.91 30.79 32.27
C ASN G 93 -23.85 31.27 31.19
N GLY G 94 -24.13 32.57 31.16
CA GLY G 94 -25.01 33.12 30.13
C GLY G 94 -24.44 32.95 28.74
N VAL G 95 -23.15 33.22 28.56
CA VAL G 95 -22.54 33.09 27.25
C VAL G 95 -22.48 31.62 26.82
N ASP G 96 -22.21 30.72 27.77
CA ASP G 96 -22.23 29.30 27.45
C ASP G 96 -23.61 28.85 27.00
N LEU G 97 -24.65 29.31 27.71
CA LEU G 97 -26.02 28.97 27.31
C LEU G 97 -26.36 29.56 25.95
N LEU G 98 -25.92 30.79 25.69
CA LEU G 98 -26.17 31.41 24.40
C LEU G 98 -25.51 30.64 23.28
N MET G 99 -24.29 30.15 23.51
CA MET G 99 -23.63 29.34 22.49
C MET G 99 -24.30 27.99 22.31
N LYS G 100 -24.82 27.40 23.39
CA LYS G 100 -25.60 26.18 23.24
C LYS G 100 -26.83 26.43 22.36
N TYR G 101 -27.53 27.53 22.60
CA TYR G 101 -28.70 27.84 21.79
C TYR G 101 -28.33 28.15 20.35
N ILE G 102 -27.18 28.80 20.14
CA ILE G 102 -26.72 29.08 18.77
C ILE G 102 -26.42 27.79 18.02
N TYR G 103 -25.74 26.85 18.69
CA TYR G 103 -25.43 25.58 18.04
C TYR G 103 -26.68 24.74 17.82
N LYS G 104 -27.68 24.88 18.69
CA LYS G 104 -28.97 24.25 18.44
C LYS G 104 -29.66 24.87 17.23
N GLY G 105 -29.60 26.20 17.11
CA GLY G 105 -30.31 26.87 16.04
C GLY G 105 -29.67 26.72 14.69
N PHE G 106 -28.38 26.43 14.65
CA PHE G 106 -27.74 26.14 13.37
C PHE G 106 -28.34 24.92 12.69
N GLU G 107 -28.84 23.96 13.46
CA GLU G 107 -29.37 22.72 12.90
C GLU G 107 -30.66 22.91 12.12
N SER G 108 -31.32 24.06 12.24
CA SER G 108 -32.58 24.33 11.55
C SER G 108 -32.49 25.66 10.83
N PRO G 109 -31.76 25.71 9.71
CA PRO G 109 -31.63 26.98 8.98
C PRO G 109 -32.94 27.39 8.33
N SER G 110 -33.12 28.71 8.20
CA SER G 110 -34.31 29.25 7.55
C SER G 110 -34.01 30.69 7.14
N ASP G 111 -33.99 30.93 5.83
CA ASP G 111 -33.74 32.26 5.26
C ASP G 111 -32.37 32.74 5.76
N ASN G 112 -32.27 33.89 6.44
CA ASN G 112 -31.00 34.41 6.92
C ASN G 112 -30.76 34.11 8.39
N SER G 113 -31.36 33.03 8.90
CA SER G 113 -31.13 32.66 10.29
C SER G 113 -29.67 32.30 10.53
N SER G 114 -29.07 31.55 9.61
CA SER G 114 -27.67 31.18 9.75
C SER G 114 -26.75 32.39 9.60
N ALA G 115 -27.13 33.36 8.76
CA ALA G 115 -26.30 34.53 8.55
C ALA G 115 -26.14 35.34 9.84
N VAL G 116 -27.23 35.51 10.59
CA VAL G 116 -27.13 36.25 11.85
C VAL G 116 -26.65 35.35 12.97
N LEU G 117 -26.89 34.05 12.88
CA LEU G 117 -26.38 33.13 13.89
C LEU G 117 -24.86 33.04 13.83
N LEU G 118 -24.27 33.22 12.65
CA LEU G 118 -22.81 33.23 12.56
C LEU G 118 -22.23 34.46 13.23
N GLN G 119 -22.86 35.62 13.07
CA GLN G 119 -22.44 36.81 13.80
C GLN G 119 -22.59 36.62 15.30
N TRP G 120 -23.70 36.02 15.72
CA TRP G 120 -23.90 35.72 17.13
C TRP G 120 -22.80 34.81 17.65
N HIS G 121 -22.45 33.78 16.88
CA HIS G 121 -21.42 32.83 17.28
C HIS G 121 -20.06 33.51 17.38
N GLU G 122 -19.74 34.38 16.42
CA GLU G 122 -18.47 35.09 16.44
C GLU G 122 -18.36 35.98 17.67
N LYS G 123 -19.42 36.74 17.96
CA LYS G 123 -19.38 37.61 19.13
C LYS G 123 -19.33 36.80 20.42
N ALA G 124 -20.09 35.70 20.48
CA ALA G 124 -20.08 34.87 21.68
C ALA G 124 -18.71 34.23 21.89
N LEU G 125 -18.06 33.79 20.81
CA LEU G 125 -16.71 33.27 20.92
C LEU G 125 -15.76 34.35 21.43
N ALA G 126 -15.85 35.55 20.87
CA ALA G 126 -14.96 36.63 21.29
C ALA G 126 -15.15 36.95 22.77
N ALA G 127 -16.38 36.89 23.25
CA ALA G 127 -16.67 37.27 24.64
C ALA G 127 -16.62 36.10 25.61
N GLY G 128 -16.48 34.87 25.13
CA GLY G 128 -16.49 33.74 26.05
C GLY G 128 -15.56 32.59 25.71
N GLY G 129 -14.53 32.84 24.89
CA GLY G 129 -13.50 31.85 24.67
C GLY G 129 -13.95 30.61 23.92
N VAL G 130 -12.99 29.75 23.58
CA VAL G 130 -13.32 28.48 22.95
C VAL G 130 -13.83 27.47 23.97
N GLY G 131 -13.62 27.73 25.27
CA GLY G 131 -14.15 26.83 26.28
C GLY G 131 -15.67 26.78 26.28
N SER G 132 -16.31 27.86 25.85
CA SER G 132 -17.76 27.84 25.69
C SER G 132 -18.18 26.83 24.64
N ILE G 133 -17.48 26.80 23.50
CA ILE G 133 -17.78 25.79 22.49
C ILE G 133 -17.47 24.40 23.01
N VAL G 134 -16.41 24.27 23.80
CA VAL G 134 -16.08 22.98 24.39
C VAL G 134 -17.21 22.50 25.30
N ARG G 135 -17.76 23.40 26.11
CA ARG G 135 -18.88 23.05 26.98
C ARG G 135 -20.13 22.73 26.18
N VAL G 136 -20.32 23.40 25.05
CA VAL G 136 -21.42 23.03 24.15
C VAL G 136 -21.24 21.60 23.67
N LEU G 137 -20.00 21.22 23.34
CA LEU G 137 -19.72 19.87 22.88
C LEU G 137 -19.91 18.83 23.98
N THR G 138 -19.65 19.21 25.23
CA THR G 138 -19.53 18.22 26.30
C THR G 138 -20.80 18.02 27.10
N ALA G 139 -21.69 19.01 27.15
CA ALA G 139 -22.88 18.97 27.98
C ALA G 139 -23.81 17.82 27.60
N ARG G 140 -23.92 16.81 28.47
CA ARG G 140 -24.84 15.70 28.20
C ARG G 140 -26.29 16.18 28.19
N LYS G 141 -26.65 17.05 29.13
CA LYS G 141 -27.98 17.62 29.18
C LYS G 141 -27.91 18.98 28.49
N THR G 142 -28.09 18.97 27.17
CA THR G 142 -27.94 20.16 26.34
C THR G 142 -29.26 20.50 25.68
N VAL G 143 -29.46 21.80 25.45
CA VAL G 143 -30.66 22.30 24.82
C VAL G 143 -30.75 21.84 23.37
N ALA H 1 -9.08 -23.65 -20.82
CA ALA H 1 -10.39 -23.98 -21.45
C ALA H 1 -10.36 -23.54 -22.91
N SER H 2 -11.23 -22.59 -23.29
CA SER H 2 -11.23 -22.06 -24.67
C SER H 2 -9.90 -21.35 -24.92
N TRP H 3 -9.31 -20.79 -23.88
CA TRP H 3 -7.98 -20.12 -23.99
C TRP H 3 -6.98 -21.15 -24.49
N THR H 4 -6.97 -22.36 -23.93
CA THR H 4 -5.93 -23.30 -24.36
C THR H 4 -6.15 -23.61 -25.85
N ASP H 5 -7.40 -23.85 -26.23
CA ASP H 5 -7.72 -24.23 -27.63
C ASP H 5 -7.44 -23.09 -28.58
N ASN H 6 -7.83 -21.86 -28.25
CA ASN H 6 -7.64 -20.77 -29.24
C ASN H 6 -6.16 -20.51 -29.45
N ILE H 7 -5.36 -20.62 -28.39
CA ILE H 7 -3.89 -20.39 -28.51
C ILE H 7 -3.33 -21.45 -29.45
N MET H 8 -3.85 -22.66 -29.38
CA MET H 8 -3.32 -23.79 -30.21
C MET H 8 -3.72 -23.66 -31.66
N ALA H 9 -4.67 -22.78 -31.98
CA ALA H 9 -5.18 -22.72 -33.36
C ALA H 9 -4.04 -22.38 -34.31
N GLN H 10 -3.09 -21.57 -33.84
CA GLN H 10 -1.95 -21.13 -34.70
C GLN H 10 -1.09 -22.33 -35.09
N LYS H 11 -1.14 -23.42 -34.32
CA LYS H 11 -0.25 -24.61 -34.55
C LYS H 11 -0.16 -25.08 -36.01
N CYS H 12 -1.12 -24.80 -36.90
CA CYS H 12 -0.91 -25.27 -38.26
C CYS H 12 0.18 -24.47 -38.97
N SER H 13 0.15 -23.14 -38.79
CA SER H 13 1.23 -22.31 -39.33
C SER H 13 2.51 -22.49 -38.52
N LYS H 14 2.39 -22.55 -37.20
CA LYS H 14 3.57 -22.75 -36.36
C LYS H 14 4.20 -24.12 -36.59
N GLY H 15 3.36 -25.16 -36.71
CA GLY H 15 3.85 -26.48 -37.01
C GLY H 15 4.10 -26.69 -38.48
N ALA H 16 5.15 -26.06 -38.99
CA ALA H 16 5.47 -26.09 -40.41
C ALA H 16 6.99 -26.19 -40.55
N ALA H 17 7.49 -25.90 -41.74
CA ALA H 17 8.93 -25.93 -41.98
C ALA H 17 9.64 -24.85 -41.17
N ALA H 18 10.96 -24.80 -41.30
CA ALA H 18 11.76 -23.87 -40.53
C ALA H 18 11.37 -22.42 -40.84
N GLU H 19 11.52 -21.55 -39.84
CA GLU H 19 11.23 -20.10 -40.05
C GLU H 19 12.21 -19.55 -41.10
N ILE H 20 13.51 -19.76 -40.89
CA ILE H 20 14.56 -19.24 -41.82
C ILE H 20 14.46 -20.01 -43.14
N ARG H 21 14.38 -19.29 -44.25
CA ARG H 21 14.23 -19.98 -45.55
C ARG H 21 15.48 -20.83 -45.74
N GLU H 22 16.65 -20.25 -45.47
CA GLU H 22 17.91 -21.05 -45.56
C GLU H 22 18.95 -20.56 -44.55
N GLN H 23 18.59 -19.71 -43.59
CA GLN H 23 19.65 -19.15 -42.70
C GLN H 23 20.72 -18.56 -43.61
N GLY H 24 20.42 -17.47 -44.31
CA GLY H 24 21.34 -16.98 -45.36
C GLY H 24 22.58 -16.24 -44.92
N ASP H 25 23.64 -16.95 -44.55
CA ASP H 25 24.98 -16.34 -44.29
C ASP H 25 25.15 -15.50 -43.02
N GLY H 26 24.10 -15.16 -42.28
CA GLY H 26 24.36 -14.26 -41.14
C GLY H 26 23.67 -14.69 -39.89
N ALA H 27 24.04 -15.83 -39.34
CA ALA H 27 23.49 -16.29 -38.05
C ALA H 27 24.50 -17.28 -37.48
N GLU H 28 24.61 -17.44 -36.16
CA GLU H 28 25.65 -18.38 -35.70
C GLU H 28 25.28 -19.75 -36.24
N ASP H 29 26.25 -20.48 -36.76
CA ASP H 29 25.92 -21.76 -37.42
C ASP H 29 25.44 -22.75 -36.37
N GLU H 30 24.61 -23.71 -36.77
CA GLU H 30 24.23 -24.74 -35.80
C GLU H 30 25.41 -25.72 -35.71
N GLU H 31 25.30 -26.76 -34.90
CA GLU H 31 26.39 -27.75 -34.69
C GLU H 31 27.23 -27.30 -33.50
N TRP H 32 26.86 -26.17 -32.87
CA TRP H 32 27.55 -25.84 -31.61
C TRP H 32 27.03 -26.84 -30.56
N ASP H 33 27.79 -27.09 -29.50
CA ASP H 33 27.37 -28.16 -28.55
C ASP H 33 26.00 -27.79 -27.96
N ASP H 34 25.77 -26.52 -27.65
CA ASP H 34 24.47 -26.06 -27.10
C ASP H 34 23.88 -27.13 -26.18
#